data_3B21
# 
_entry.id   3B21 
# 
_audit_conform.dict_name       mmcif_pdbx.dic 
_audit_conform.dict_version    5.397 
_audit_conform.dict_location   http://mmcif.pdb.org/dictionaries/ascii/mmcif_pdbx.dic 
# 
loop_
_database_2.database_id 
_database_2.database_code 
_database_2.pdbx_database_accession 
_database_2.pdbx_DOI 
PDB   3B21         pdb_00003b21 10.2210/pdb3b21/pdb 
RCSB  RCSB029979   ?            ?                   
WWPDB D_1000029979 ?            ?                   
# 
loop_
_pdbx_audit_revision_history.ordinal 
_pdbx_audit_revision_history.data_content_type 
_pdbx_audit_revision_history.major_revision 
_pdbx_audit_revision_history.minor_revision 
_pdbx_audit_revision_history.revision_date 
1 'Structure model' 1 0 2012-02-22 
2 'Structure model' 1 1 2012-03-14 
3 'Structure model' 1 2 2012-04-04 
4 'Structure model' 1 3 2024-10-23 
# 
_pdbx_audit_revision_details.ordinal             1 
_pdbx_audit_revision_details.revision_ordinal    1 
_pdbx_audit_revision_details.data_content_type   'Structure model' 
_pdbx_audit_revision_details.provider            repository 
_pdbx_audit_revision_details.type                'Initial release' 
_pdbx_audit_revision_details.description         ? 
_pdbx_audit_revision_details.details             ? 
# 
loop_
_pdbx_audit_revision_group.ordinal 
_pdbx_audit_revision_group.revision_ordinal 
_pdbx_audit_revision_group.data_content_type 
_pdbx_audit_revision_group.group 
1 2 'Structure model' 'Database references' 
2 3 'Structure model' 'Database references' 
3 4 'Structure model' 'Data collection'     
4 4 'Structure model' 'Database references' 
5 4 'Structure model' 'Structure summary'   
# 
loop_
_pdbx_audit_revision_category.ordinal 
_pdbx_audit_revision_category.revision_ordinal 
_pdbx_audit_revision_category.data_content_type 
_pdbx_audit_revision_category.category 
1 4 'Structure model' chem_comp_atom            
2 4 'Structure model' chem_comp_bond            
3 4 'Structure model' database_2                
4 4 'Structure model' pdbx_entry_details        
5 4 'Structure model' pdbx_modification_feature 
6 4 'Structure model' struct_ref_seq_dif        
# 
loop_
_pdbx_audit_revision_item.ordinal 
_pdbx_audit_revision_item.revision_ordinal 
_pdbx_audit_revision_item.data_content_type 
_pdbx_audit_revision_item.item 
1 4 'Structure model' '_database_2.pdbx_DOI'                
2 4 'Structure model' '_database_2.pdbx_database_accession' 
3 4 'Structure model' '_struct_ref_seq_dif.details'         
# 
_pdbx_database_status.status_code                     REL 
_pdbx_database_status.entry_id                        3B21 
_pdbx_database_status.recvd_initial_deposition_date   2011-07-19 
_pdbx_database_status.deposit_site                    PDBJ 
_pdbx_database_status.process_site                    PDBJ 
_pdbx_database_status.status_code_sf                  REL 
_pdbx_database_status.status_code_mr                  ? 
_pdbx_database_status.SG_entry                        ? 
_pdbx_database_status.status_code_cs                  ? 
_pdbx_database_status.methods_development_category    ? 
_pdbx_database_status.pdb_format_compatible           Y 
_pdbx_database_status.status_code_nmr_data            ? 
# 
loop_
_audit_author.name 
_audit_author.pdbx_ordinal 
'Sanada, T.'    1 
'Kim, M.'       2 
'Sasakawa, C.'  3 
'Mizushima, T.' 4 
# 
_citation.id                        primary 
_citation.title                     'The Shigella flexneri effector OspI deamidates UBC13 to dampen the inflammatory response' 
_citation.journal_abbrev            Nature 
_citation.journal_volume            483 
_citation.page_first                623 
_citation.page_last                 626 
_citation.year                      2012 
_citation.journal_id_ASTM           NATUAS 
_citation.country                   UK 
_citation.journal_id_ISSN           0028-0836 
_citation.journal_id_CSD            0006 
_citation.book_publisher            ? 
_citation.pdbx_database_id_PubMed   22407319 
_citation.pdbx_database_id_DOI      10.1038/nature10894 
# 
loop_
_citation_author.citation_id 
_citation_author.name 
_citation_author.ordinal 
_citation_author.identifier_ORCID 
primary 'Sanada, T.'    1  ? 
primary 'Kim, M.'       2  ? 
primary 'Mimuro, H.'    3  ? 
primary 'Suzuki, M.'    4  ? 
primary 'Ogawa, M.'     5  ? 
primary 'Oyama, A.'     6  ? 
primary 'Ashida, H.'    7  ? 
primary 'Kobayashi, T.' 8  ? 
primary 'Koyama, T.'    9  ? 
primary 'Nagai, S.'     10 ? 
primary 'Shibata, Y.'   11 ? 
primary 'Gohda, J.'     12 ? 
primary 'Inoue, J.I.'   13 ? 
primary 'Mizushima, T.' 14 ? 
primary 'Sasakawa, C.'  15 ? 
# 
loop_
_entity.id 
_entity.type 
_entity.src_method 
_entity.pdbx_description 
_entity.formula_weight 
_entity.pdbx_number_of_molecules 
_entity.pdbx_ec 
_entity.pdbx_mutation 
_entity.pdbx_fragment 
_entity.details 
1 polymer man ORF169b 24150.873 1   ? ? ? ? 
2 water   nat water   18.015    127 ? ? ? ? 
# 
_entity_name_com.entity_id   1 
_entity_name_com.name        OspI 
# 
_entity_poly.entity_id                      1 
_entity_poly.type                           'polypeptide(L)' 
_entity_poly.nstd_linkage                   no 
_entity_poly.nstd_monomer                   no 
_entity_poly.pdbx_seq_one_letter_code       
;GPLGSPEFMINGVSLQGTAGYEAHTEEGNVNVKKLLESLNSKSLGDMDKDSELAATLQKMINPSGGDGNCSGCALHACMA
MLGYGVREAPVPNEISEYMTGFFHRHLEQIDSEGIVSHPNETYSKFRERIAENILQNTSKGSVVMISIEQATHWIAGFND
GEKIMFLDVQTGKGFNLYDPVEKSPDAFVDENSSVQVIHVSDQEFDHYANSSSWKSKRLC
;
_entity_poly.pdbx_seq_one_letter_code_can   
;GPLGSPEFMINGVSLQGTAGYEAHTEEGNVNVKKLLESLNSKSLGDMDKDSELAATLQKMINPSGGDGNCSGCALHACMA
MLGYGVREAPVPNEISEYMTGFFHRHLEQIDSEGIVSHPNETYSKFRERIAENILQNTSKGSVVMISIEQATHWIAGFND
GEKIMFLDVQTGKGFNLYDPVEKSPDAFVDENSSVQVIHVSDQEFDHYANSSSWKSKRLC
;
_entity_poly.pdbx_strand_id                 A 
_entity_poly.pdbx_target_identifier         ? 
# 
_pdbx_entity_nonpoly.entity_id   2 
_pdbx_entity_nonpoly.name        water 
_pdbx_entity_nonpoly.comp_id     HOH 
# 
loop_
_entity_poly_seq.entity_id 
_entity_poly_seq.num 
_entity_poly_seq.mon_id 
_entity_poly_seq.hetero 
1 1   GLY n 
1 2   PRO n 
1 3   LEU n 
1 4   GLY n 
1 5   SER n 
1 6   PRO n 
1 7   GLU n 
1 8   PHE n 
1 9   MET n 
1 10  ILE n 
1 11  ASN n 
1 12  GLY n 
1 13  VAL n 
1 14  SER n 
1 15  LEU n 
1 16  GLN n 
1 17  GLY n 
1 18  THR n 
1 19  ALA n 
1 20  GLY n 
1 21  TYR n 
1 22  GLU n 
1 23  ALA n 
1 24  HIS n 
1 25  THR n 
1 26  GLU n 
1 27  GLU n 
1 28  GLY n 
1 29  ASN n 
1 30  VAL n 
1 31  ASN n 
1 32  VAL n 
1 33  LYS n 
1 34  LYS n 
1 35  LEU n 
1 36  LEU n 
1 37  GLU n 
1 38  SER n 
1 39  LEU n 
1 40  ASN n 
1 41  SER n 
1 42  LYS n 
1 43  SER n 
1 44  LEU n 
1 45  GLY n 
1 46  ASP n 
1 47  MET n 
1 48  ASP n 
1 49  LYS n 
1 50  ASP n 
1 51  SER n 
1 52  GLU n 
1 53  LEU n 
1 54  ALA n 
1 55  ALA n 
1 56  THR n 
1 57  LEU n 
1 58  GLN n 
1 59  LYS n 
1 60  MET n 
1 61  ILE n 
1 62  ASN n 
1 63  PRO n 
1 64  SER n 
1 65  GLY n 
1 66  GLY n 
1 67  ASP n 
1 68  GLY n 
1 69  ASN n 
1 70  CYS n 
1 71  SER n 
1 72  GLY n 
1 73  CYS n 
1 74  ALA n 
1 75  LEU n 
1 76  HIS n 
1 77  ALA n 
1 78  CYS n 
1 79  MET n 
1 80  ALA n 
1 81  MET n 
1 82  LEU n 
1 83  GLY n 
1 84  TYR n 
1 85  GLY n 
1 86  VAL n 
1 87  ARG n 
1 88  GLU n 
1 89  ALA n 
1 90  PRO n 
1 91  VAL n 
1 92  PRO n 
1 93  ASN n 
1 94  GLU n 
1 95  ILE n 
1 96  SER n 
1 97  GLU n 
1 98  TYR n 
1 99  MET n 
1 100 THR n 
1 101 GLY n 
1 102 PHE n 
1 103 PHE n 
1 104 HIS n 
1 105 ARG n 
1 106 HIS n 
1 107 LEU n 
1 108 GLU n 
1 109 GLN n 
1 110 ILE n 
1 111 ASP n 
1 112 SER n 
1 113 GLU n 
1 114 GLY n 
1 115 ILE n 
1 116 VAL n 
1 117 SER n 
1 118 HIS n 
1 119 PRO n 
1 120 ASN n 
1 121 GLU n 
1 122 THR n 
1 123 TYR n 
1 124 SER n 
1 125 LYS n 
1 126 PHE n 
1 127 ARG n 
1 128 GLU n 
1 129 ARG n 
1 130 ILE n 
1 131 ALA n 
1 132 GLU n 
1 133 ASN n 
1 134 ILE n 
1 135 LEU n 
1 136 GLN n 
1 137 ASN n 
1 138 THR n 
1 139 SER n 
1 140 LYS n 
1 141 GLY n 
1 142 SER n 
1 143 VAL n 
1 144 VAL n 
1 145 MET n 
1 146 ILE n 
1 147 SER n 
1 148 ILE n 
1 149 GLU n 
1 150 GLN n 
1 151 ALA n 
1 152 THR n 
1 153 HIS n 
1 154 TRP n 
1 155 ILE n 
1 156 ALA n 
1 157 GLY n 
1 158 PHE n 
1 159 ASN n 
1 160 ASP n 
1 161 GLY n 
1 162 GLU n 
1 163 LYS n 
1 164 ILE n 
1 165 MET n 
1 166 PHE n 
1 167 LEU n 
1 168 ASP n 
1 169 VAL n 
1 170 GLN n 
1 171 THR n 
1 172 GLY n 
1 173 LYS n 
1 174 GLY n 
1 175 PHE n 
1 176 ASN n 
1 177 LEU n 
1 178 TYR n 
1 179 ASP n 
1 180 PRO n 
1 181 VAL n 
1 182 GLU n 
1 183 LYS n 
1 184 SER n 
1 185 PRO n 
1 186 ASP n 
1 187 ALA n 
1 188 PHE n 
1 189 VAL n 
1 190 ASP n 
1 191 GLU n 
1 192 ASN n 
1 193 SER n 
1 194 SER n 
1 195 VAL n 
1 196 GLN n 
1 197 VAL n 
1 198 ILE n 
1 199 HIS n 
1 200 VAL n 
1 201 SER n 
1 202 ASP n 
1 203 GLN n 
1 204 GLU n 
1 205 PHE n 
1 206 ASP n 
1 207 HIS n 
1 208 TYR n 
1 209 ALA n 
1 210 ASN n 
1 211 SER n 
1 212 SER n 
1 213 SER n 
1 214 TRP n 
1 215 LYS n 
1 216 SER n 
1 217 LYS n 
1 218 ARG n 
1 219 LEU n 
1 220 CYS n 
# 
_entity_src_gen.entity_id                          1 
_entity_src_gen.pdbx_src_id                        1 
_entity_src_gen.pdbx_alt_source_flag               sample 
_entity_src_gen.pdbx_seq_type                      ? 
_entity_src_gen.pdbx_beg_seq_num                   ? 
_entity_src_gen.pdbx_end_seq_num                   ? 
_entity_src_gen.gene_src_common_name               ? 
_entity_src_gen.gene_src_genus                     ? 
_entity_src_gen.pdbx_gene_src_gene                 ORF169b 
_entity_src_gen.gene_src_species                   ? 
_entity_src_gen.gene_src_strain                    2a 
_entity_src_gen.gene_src_tissue                    ? 
_entity_src_gen.gene_src_tissue_fraction           ? 
_entity_src_gen.gene_src_details                   ? 
_entity_src_gen.pdbx_gene_src_fragment             ? 
_entity_src_gen.pdbx_gene_src_scientific_name      'Shigella flexneri' 
_entity_src_gen.pdbx_gene_src_ncbi_taxonomy_id     623 
_entity_src_gen.pdbx_gene_src_variant              ? 
_entity_src_gen.pdbx_gene_src_cell_line            ? 
_entity_src_gen.pdbx_gene_src_atcc                 ? 
_entity_src_gen.pdbx_gene_src_organ                ? 
_entity_src_gen.pdbx_gene_src_organelle            ? 
_entity_src_gen.pdbx_gene_src_cell                 ? 
_entity_src_gen.pdbx_gene_src_cellular_location    ? 
_entity_src_gen.host_org_common_name               ? 
_entity_src_gen.pdbx_host_org_scientific_name      'Escherichia coli' 
_entity_src_gen.pdbx_host_org_ncbi_taxonomy_id     562 
_entity_src_gen.host_org_genus                     ? 
_entity_src_gen.pdbx_host_org_gene                 ? 
_entity_src_gen.pdbx_host_org_organ                ? 
_entity_src_gen.host_org_species                   ? 
_entity_src_gen.pdbx_host_org_tissue               ? 
_entity_src_gen.pdbx_host_org_tissue_fraction      ? 
_entity_src_gen.pdbx_host_org_strain               ? 
_entity_src_gen.pdbx_host_org_variant              ? 
_entity_src_gen.pdbx_host_org_cell_line            ? 
_entity_src_gen.pdbx_host_org_atcc                 ? 
_entity_src_gen.pdbx_host_org_culture_collection   ? 
_entity_src_gen.pdbx_host_org_cell                 ? 
_entity_src_gen.pdbx_host_org_organelle            ? 
_entity_src_gen.pdbx_host_org_cellular_location    ? 
_entity_src_gen.pdbx_host_org_vector_type          PLASMID 
_entity_src_gen.pdbx_host_org_vector               ? 
_entity_src_gen.host_org_details                   ? 
_entity_src_gen.expression_system_id               ? 
_entity_src_gen.plasmid_name                       pGEX6P 
_entity_src_gen.plasmid_details                    ? 
_entity_src_gen.pdbx_description                   ? 
# 
loop_
_chem_comp.id 
_chem_comp.type 
_chem_comp.mon_nstd_flag 
_chem_comp.name 
_chem_comp.pdbx_synonyms 
_chem_comp.formula 
_chem_comp.formula_weight 
ALA 'L-peptide linking' y ALANINE         ? 'C3 H7 N O2'     89.093  
ARG 'L-peptide linking' y ARGININE        ? 'C6 H15 N4 O2 1' 175.209 
ASN 'L-peptide linking' y ASPARAGINE      ? 'C4 H8 N2 O3'    132.118 
ASP 'L-peptide linking' y 'ASPARTIC ACID' ? 'C4 H7 N O4'     133.103 
CYS 'L-peptide linking' y CYSTEINE        ? 'C3 H7 N O2 S'   121.158 
GLN 'L-peptide linking' y GLUTAMINE       ? 'C5 H10 N2 O3'   146.144 
GLU 'L-peptide linking' y 'GLUTAMIC ACID' ? 'C5 H9 N O4'     147.129 
GLY 'peptide linking'   y GLYCINE         ? 'C2 H5 N O2'     75.067  
HIS 'L-peptide linking' y HISTIDINE       ? 'C6 H10 N3 O2 1' 156.162 
HOH non-polymer         . WATER           ? 'H2 O'           18.015  
ILE 'L-peptide linking' y ISOLEUCINE      ? 'C6 H13 N O2'    131.173 
LEU 'L-peptide linking' y LEUCINE         ? 'C6 H13 N O2'    131.173 
LYS 'L-peptide linking' y LYSINE          ? 'C6 H15 N2 O2 1' 147.195 
MET 'L-peptide linking' y METHIONINE      ? 'C5 H11 N O2 S'  149.211 
PHE 'L-peptide linking' y PHENYLALANINE   ? 'C9 H11 N O2'    165.189 
PRO 'L-peptide linking' y PROLINE         ? 'C5 H9 N O2'     115.130 
SER 'L-peptide linking' y SERINE          ? 'C3 H7 N O3'     105.093 
THR 'L-peptide linking' y THREONINE       ? 'C4 H9 N O3'     119.119 
TRP 'L-peptide linking' y TRYPTOPHAN      ? 'C11 H12 N2 O2'  204.225 
TYR 'L-peptide linking' y TYROSINE        ? 'C9 H11 N O3'    181.189 
VAL 'L-peptide linking' y VALINE          ? 'C5 H11 N O2'    117.146 
# 
loop_
_pdbx_poly_seq_scheme.asym_id 
_pdbx_poly_seq_scheme.entity_id 
_pdbx_poly_seq_scheme.seq_id 
_pdbx_poly_seq_scheme.mon_id 
_pdbx_poly_seq_scheme.ndb_seq_num 
_pdbx_poly_seq_scheme.pdb_seq_num 
_pdbx_poly_seq_scheme.auth_seq_num 
_pdbx_poly_seq_scheme.pdb_mon_id 
_pdbx_poly_seq_scheme.auth_mon_id 
_pdbx_poly_seq_scheme.pdb_strand_id 
_pdbx_poly_seq_scheme.pdb_ins_code 
_pdbx_poly_seq_scheme.hetero 
A 1 1   GLY 1   -7  ?   ?   ?   A . n 
A 1 2   PRO 2   -6  ?   ?   ?   A . n 
A 1 3   LEU 3   -5  ?   ?   ?   A . n 
A 1 4   GLY 4   -4  ?   ?   ?   A . n 
A 1 5   SER 5   -3  ?   ?   ?   A . n 
A 1 6   PRO 6   -2  ?   ?   ?   A . n 
A 1 7   GLU 7   -1  ?   ?   ?   A . n 
A 1 8   PHE 8   0   ?   ?   ?   A . n 
A 1 9   MET 9   1   ?   ?   ?   A . n 
A 1 10  ILE 10  2   ?   ?   ?   A . n 
A 1 11  ASN 11  3   ?   ?   ?   A . n 
A 1 12  GLY 12  4   ?   ?   ?   A . n 
A 1 13  VAL 13  5   ?   ?   ?   A . n 
A 1 14  SER 14  6   ?   ?   ?   A . n 
A 1 15  LEU 15  7   ?   ?   ?   A . n 
A 1 16  GLN 16  8   ?   ?   ?   A . n 
A 1 17  GLY 17  9   ?   ?   ?   A . n 
A 1 18  THR 18  10  ?   ?   ?   A . n 
A 1 19  ALA 19  11  ?   ?   ?   A . n 
A 1 20  GLY 20  12  ?   ?   ?   A . n 
A 1 21  TYR 21  13  ?   ?   ?   A . n 
A 1 22  GLU 22  14  ?   ?   ?   A . n 
A 1 23  ALA 23  15  ?   ?   ?   A . n 
A 1 24  HIS 24  16  ?   ?   ?   A . n 
A 1 25  THR 25  17  ?   ?   ?   A . n 
A 1 26  GLU 26  18  ?   ?   ?   A . n 
A 1 27  GLU 27  19  ?   ?   ?   A . n 
A 1 28  GLY 28  20  ?   ?   ?   A . n 
A 1 29  ASN 29  21  21  ASN ASN A . n 
A 1 30  VAL 30  22  22  VAL VAL A . n 
A 1 31  ASN 31  23  23  ASN ASN A . n 
A 1 32  VAL 32  24  24  VAL VAL A . n 
A 1 33  LYS 33  25  25  LYS LYS A . n 
A 1 34  LYS 34  26  26  LYS LYS A . n 
A 1 35  LEU 35  27  27  LEU LEU A . n 
A 1 36  LEU 36  28  28  LEU LEU A . n 
A 1 37  GLU 37  29  29  GLU GLU A . n 
A 1 38  SER 38  30  30  SER SER A . n 
A 1 39  LEU 39  31  31  LEU LEU A . n 
A 1 40  ASN 40  32  32  ASN ASN A . n 
A 1 41  SER 41  33  33  SER SER A . n 
A 1 42  LYS 42  34  34  LYS LYS A . n 
A 1 43  SER 43  35  35  SER SER A . n 
A 1 44  LEU 44  36  36  LEU LEU A . n 
A 1 45  GLY 45  37  37  GLY GLY A . n 
A 1 46  ASP 46  38  38  ASP ASP A . n 
A 1 47  MET 47  39  39  MET MET A . n 
A 1 48  ASP 48  40  40  ASP ASP A . n 
A 1 49  LYS 49  41  41  LYS LYS A . n 
A 1 50  ASP 50  42  42  ASP ASP A . n 
A 1 51  SER 51  43  43  SER SER A . n 
A 1 52  GLU 52  44  44  GLU GLU A . n 
A 1 53  LEU 53  45  45  LEU LEU A . n 
A 1 54  ALA 54  46  46  ALA ALA A . n 
A 1 55  ALA 55  47  47  ALA ALA A . n 
A 1 56  THR 56  48  48  THR THR A . n 
A 1 57  LEU 57  49  49  LEU LEU A . n 
A 1 58  GLN 58  50  50  GLN GLN A . n 
A 1 59  LYS 59  51  51  LYS LYS A . n 
A 1 60  MET 60  52  52  MET MET A . n 
A 1 61  ILE 61  53  53  ILE ILE A . n 
A 1 62  ASN 62  54  54  ASN ASN A . n 
A 1 63  PRO 63  55  55  PRO PRO A . n 
A 1 64  SER 64  56  56  SER SER A . n 
A 1 65  GLY 65  57  57  GLY GLY A . n 
A 1 66  GLY 66  58  58  GLY GLY A . n 
A 1 67  ASP 67  59  59  ASP ASP A . n 
A 1 68  GLY 68  60  60  GLY GLY A . n 
A 1 69  ASN 69  61  61  ASN ASN A . n 
A 1 70  CYS 70  62  62  CYS CYS A . n 
A 1 71  SER 71  63  63  SER SER A . n 
A 1 72  GLY 72  64  64  GLY GLY A . n 
A 1 73  CYS 73  65  65  CYS CYS A . n 
A 1 74  ALA 74  66  66  ALA ALA A . n 
A 1 75  LEU 75  67  67  LEU LEU A . n 
A 1 76  HIS 76  68  68  HIS HIS A . n 
A 1 77  ALA 77  69  69  ALA ALA A . n 
A 1 78  CYS 78  70  70  CYS CYS A . n 
A 1 79  MET 79  71  71  MET MET A . n 
A 1 80  ALA 80  72  72  ALA ALA A . n 
A 1 81  MET 81  73  73  MET MET A . n 
A 1 82  LEU 82  74  74  LEU LEU A . n 
A 1 83  GLY 83  75  75  GLY GLY A . n 
A 1 84  TYR 84  76  76  TYR TYR A . n 
A 1 85  GLY 85  77  77  GLY GLY A . n 
A 1 86  VAL 86  78  78  VAL VAL A . n 
A 1 87  ARG 87  79  79  ARG ARG A . n 
A 1 88  GLU 88  80  80  GLU GLU A . n 
A 1 89  ALA 89  81  81  ALA ALA A . n 
A 1 90  PRO 90  82  82  PRO PRO A . n 
A 1 91  VAL 91  83  83  VAL VAL A . n 
A 1 92  PRO 92  84  84  PRO PRO A . n 
A 1 93  ASN 93  85  85  ASN ASN A . n 
A 1 94  GLU 94  86  86  GLU GLU A . n 
A 1 95  ILE 95  87  87  ILE ILE A . n 
A 1 96  SER 96  88  88  SER SER A . n 
A 1 97  GLU 97  89  89  GLU GLU A . n 
A 1 98  TYR 98  90  90  TYR TYR A . n 
A 1 99  MET 99  91  91  MET MET A . n 
A 1 100 THR 100 92  92  THR THR A . n 
A 1 101 GLY 101 93  93  GLY GLY A . n 
A 1 102 PHE 102 94  94  PHE PHE A . n 
A 1 103 PHE 103 95  95  PHE PHE A . n 
A 1 104 HIS 104 96  96  HIS HIS A . n 
A 1 105 ARG 105 97  97  ARG ARG A . n 
A 1 106 HIS 106 98  98  HIS HIS A . n 
A 1 107 LEU 107 99  99  LEU LEU A . n 
A 1 108 GLU 108 100 100 GLU GLU A . n 
A 1 109 GLN 109 101 101 GLN GLN A . n 
A 1 110 ILE 110 102 102 ILE ILE A . n 
A 1 111 ASP 111 103 103 ASP ASP A . n 
A 1 112 SER 112 104 104 SER SER A . n 
A 1 113 GLU 113 105 105 GLU GLU A . n 
A 1 114 GLY 114 106 106 GLY GLY A . n 
A 1 115 ILE 115 107 107 ILE ILE A . n 
A 1 116 VAL 116 108 108 VAL VAL A . n 
A 1 117 SER 117 109 109 SER SER A . n 
A 1 118 HIS 118 110 110 HIS HIS A . n 
A 1 119 PRO 119 111 111 PRO PRO A . n 
A 1 120 ASN 120 112 112 ASN ASN A . n 
A 1 121 GLU 121 113 113 GLU GLU A . n 
A 1 122 THR 122 114 114 THR THR A . n 
A 1 123 TYR 123 115 115 TYR TYR A . n 
A 1 124 SER 124 116 116 SER SER A . n 
A 1 125 LYS 125 117 117 LYS LYS A . n 
A 1 126 PHE 126 118 118 PHE PHE A . n 
A 1 127 ARG 127 119 119 ARG ARG A . n 
A 1 128 GLU 128 120 120 GLU GLU A . n 
A 1 129 ARG 129 121 121 ARG ARG A . n 
A 1 130 ILE 130 122 122 ILE ILE A . n 
A 1 131 ALA 131 123 123 ALA ALA A . n 
A 1 132 GLU 132 124 124 GLU GLU A . n 
A 1 133 ASN 133 125 125 ASN ASN A . n 
A 1 134 ILE 134 126 126 ILE ILE A . n 
A 1 135 LEU 135 127 127 LEU LEU A . n 
A 1 136 GLN 136 128 128 GLN GLN A . n 
A 1 137 ASN 137 129 129 ASN ASN A . n 
A 1 138 THR 138 130 130 THR THR A . n 
A 1 139 SER 139 131 131 SER SER A . n 
A 1 140 LYS 140 132 132 LYS LYS A . n 
A 1 141 GLY 141 133 133 GLY GLY A . n 
A 1 142 SER 142 134 134 SER SER A . n 
A 1 143 VAL 143 135 135 VAL VAL A . n 
A 1 144 VAL 144 136 136 VAL VAL A . n 
A 1 145 MET 145 137 137 MET MET A . n 
A 1 146 ILE 146 138 138 ILE ILE A . n 
A 1 147 SER 147 139 139 SER SER A . n 
A 1 148 ILE 148 140 140 ILE ILE A . n 
A 1 149 GLU 149 141 141 GLU GLU A . n 
A 1 150 GLN 150 142 142 GLN GLN A . n 
A 1 151 ALA 151 143 143 ALA ALA A . n 
A 1 152 THR 152 144 144 THR THR A . n 
A 1 153 HIS 153 145 145 HIS HIS A . n 
A 1 154 TRP 154 146 146 TRP TRP A . n 
A 1 155 ILE 155 147 147 ILE ILE A . n 
A 1 156 ALA 156 148 148 ALA ALA A . n 
A 1 157 GLY 157 149 149 GLY GLY A . n 
A 1 158 PHE 158 150 150 PHE PHE A . n 
A 1 159 ASN 159 151 151 ASN ASN A . n 
A 1 160 ASP 160 152 152 ASP ASP A . n 
A 1 161 GLY 161 153 153 GLY GLY A . n 
A 1 162 GLU 162 154 154 GLU GLU A . n 
A 1 163 LYS 163 155 155 LYS LYS A . n 
A 1 164 ILE 164 156 156 ILE ILE A . n 
A 1 165 MET 165 157 157 MET MET A . n 
A 1 166 PHE 166 158 158 PHE PHE A . n 
A 1 167 LEU 167 159 159 LEU LEU A . n 
A 1 168 ASP 168 160 160 ASP ASP A . n 
A 1 169 VAL 169 161 161 VAL VAL A . n 
A 1 170 GLN 170 162 162 GLN GLN A . n 
A 1 171 THR 171 163 163 THR THR A . n 
A 1 172 GLY 172 164 164 GLY GLY A . n 
A 1 173 LYS 173 165 165 LYS LYS A . n 
A 1 174 GLY 174 166 166 GLY GLY A . n 
A 1 175 PHE 175 167 167 PHE PHE A . n 
A 1 176 ASN 176 168 168 ASN ASN A . n 
A 1 177 LEU 177 169 169 LEU LEU A . n 
A 1 178 TYR 178 170 170 TYR TYR A . n 
A 1 179 ASP 179 171 171 ASP ASP A . n 
A 1 180 PRO 180 172 172 PRO PRO A . n 
A 1 181 VAL 181 173 173 VAL VAL A . n 
A 1 182 GLU 182 174 174 GLU GLU A . n 
A 1 183 LYS 183 175 175 LYS LYS A . n 
A 1 184 SER 184 176 176 SER SER A . n 
A 1 185 PRO 185 177 177 PRO PRO A . n 
A 1 186 ASP 186 178 178 ASP ASP A . n 
A 1 187 ALA 187 179 179 ALA ALA A . n 
A 1 188 PHE 188 180 180 PHE PHE A . n 
A 1 189 VAL 189 181 181 VAL VAL A . n 
A 1 190 ASP 190 182 182 ASP ASP A . n 
A 1 191 GLU 191 183 183 GLU GLU A . n 
A 1 192 ASN 192 184 184 ASN ASN A . n 
A 1 193 SER 193 185 185 SER SER A . n 
A 1 194 SER 194 186 186 SER SER A . n 
A 1 195 VAL 195 187 187 VAL VAL A . n 
A 1 196 GLN 196 188 188 GLN GLN A . n 
A 1 197 VAL 197 189 189 VAL VAL A . n 
A 1 198 ILE 198 190 190 ILE ILE A . n 
A 1 199 HIS 199 191 191 HIS HIS A . n 
A 1 200 VAL 200 192 192 VAL VAL A . n 
A 1 201 SER 201 193 193 SER SER A . n 
A 1 202 ASP 202 194 194 ASP ASP A . n 
A 1 203 GLN 203 195 195 GLN GLN A . n 
A 1 204 GLU 204 196 196 GLU GLU A . n 
A 1 205 PHE 205 197 197 PHE PHE A . n 
A 1 206 ASP 206 198 198 ASP ASP A . n 
A 1 207 HIS 207 199 199 HIS HIS A . n 
A 1 208 TYR 208 200 200 TYR TYR A . n 
A 1 209 ALA 209 201 201 ALA ALA A . n 
A 1 210 ASN 210 202 202 ASN ASN A . n 
A 1 211 SER 211 203 203 SER SER A . n 
A 1 212 SER 212 204 204 SER SER A . n 
A 1 213 SER 213 205 205 SER SER A . n 
A 1 214 TRP 214 206 206 TRP TRP A . n 
A 1 215 LYS 215 207 207 LYS LYS A . n 
A 1 216 SER 216 208 208 SER SER A . n 
A 1 217 LYS 217 209 209 LYS LYS A . n 
A 1 218 ARG 218 210 210 ARG ARG A . n 
A 1 219 LEU 219 211 211 LEU LEU A . n 
A 1 220 CYS 220 212 212 CYS CYS A . n 
# 
loop_
_pdbx_nonpoly_scheme.asym_id 
_pdbx_nonpoly_scheme.entity_id 
_pdbx_nonpoly_scheme.mon_id 
_pdbx_nonpoly_scheme.ndb_seq_num 
_pdbx_nonpoly_scheme.pdb_seq_num 
_pdbx_nonpoly_scheme.auth_seq_num 
_pdbx_nonpoly_scheme.pdb_mon_id 
_pdbx_nonpoly_scheme.auth_mon_id 
_pdbx_nonpoly_scheme.pdb_strand_id 
_pdbx_nonpoly_scheme.pdb_ins_code 
B 2 HOH 1   213 1   HOH HOH A . 
B 2 HOH 2   214 2   HOH HOH A . 
B 2 HOH 3   215 3   HOH HOH A . 
B 2 HOH 4   216 4   HOH HOH A . 
B 2 HOH 5   217 5   HOH HOH A . 
B 2 HOH 6   218 6   HOH HOH A . 
B 2 HOH 7   219 7   HOH HOH A . 
B 2 HOH 8   220 8   HOH HOH A . 
B 2 HOH 9   221 9   HOH HOH A . 
B 2 HOH 10  222 10  HOH HOH A . 
B 2 HOH 11  223 11  HOH HOH A . 
B 2 HOH 12  224 12  HOH HOH A . 
B 2 HOH 13  225 13  HOH HOH A . 
B 2 HOH 14  226 14  HOH HOH A . 
B 2 HOH 15  227 15  HOH HOH A . 
B 2 HOH 16  228 16  HOH HOH A . 
B 2 HOH 17  229 17  HOH HOH A . 
B 2 HOH 18  230 18  HOH HOH A . 
B 2 HOH 19  231 19  HOH HOH A . 
B 2 HOH 20  232 20  HOH HOH A . 
B 2 HOH 21  233 21  HOH HOH A . 
B 2 HOH 22  234 22  HOH HOH A . 
B 2 HOH 23  235 23  HOH HOH A . 
B 2 HOH 24  236 24  HOH HOH A . 
B 2 HOH 25  237 25  HOH HOH A . 
B 2 HOH 26  238 26  HOH HOH A . 
B 2 HOH 27  239 27  HOH HOH A . 
B 2 HOH 28  240 28  HOH HOH A . 
B 2 HOH 29  241 29  HOH HOH A . 
B 2 HOH 30  242 30  HOH HOH A . 
B 2 HOH 31  243 31  HOH HOH A . 
B 2 HOH 32  244 32  HOH HOH A . 
B 2 HOH 33  245 33  HOH HOH A . 
B 2 HOH 34  246 34  HOH HOH A . 
B 2 HOH 35  247 35  HOH HOH A . 
B 2 HOH 36  248 36  HOH HOH A . 
B 2 HOH 37  249 37  HOH HOH A . 
B 2 HOH 38  250 38  HOH HOH A . 
B 2 HOH 39  251 39  HOH HOH A . 
B 2 HOH 40  252 40  HOH HOH A . 
B 2 HOH 41  253 41  HOH HOH A . 
B 2 HOH 42  254 42  HOH HOH A . 
B 2 HOH 43  255 43  HOH HOH A . 
B 2 HOH 44  256 44  HOH HOH A . 
B 2 HOH 45  257 45  HOH HOH A . 
B 2 HOH 46  258 46  HOH HOH A . 
B 2 HOH 47  259 47  HOH HOH A . 
B 2 HOH 48  260 48  HOH HOH A . 
B 2 HOH 49  261 49  HOH HOH A . 
B 2 HOH 50  262 50  HOH HOH A . 
B 2 HOH 51  263 51  HOH HOH A . 
B 2 HOH 52  264 52  HOH HOH A . 
B 2 HOH 53  265 53  HOH HOH A . 
B 2 HOH 54  266 54  HOH HOH A . 
B 2 HOH 55  267 55  HOH HOH A . 
B 2 HOH 56  268 56  HOH HOH A . 
B 2 HOH 57  269 57  HOH HOH A . 
B 2 HOH 58  270 59  HOH HOH A . 
B 2 HOH 59  271 60  HOH HOH A . 
B 2 HOH 60  272 61  HOH HOH A . 
B 2 HOH 61  273 62  HOH HOH A . 
B 2 HOH 62  274 63  HOH HOH A . 
B 2 HOH 63  275 64  HOH HOH A . 
B 2 HOH 64  276 65  HOH HOH A . 
B 2 HOH 65  277 66  HOH HOH A . 
B 2 HOH 66  278 67  HOH HOH A . 
B 2 HOH 67  279 68  HOH HOH A . 
B 2 HOH 68  280 69  HOH HOH A . 
B 2 HOH 69  281 70  HOH HOH A . 
B 2 HOH 70  282 71  HOH HOH A . 
B 2 HOH 71  283 72  HOH HOH A . 
B 2 HOH 72  284 73  HOH HOH A . 
B 2 HOH 73  285 74  HOH HOH A . 
B 2 HOH 74  286 75  HOH HOH A . 
B 2 HOH 75  287 76  HOH HOH A . 
B 2 HOH 76  288 77  HOH HOH A . 
B 2 HOH 77  289 78  HOH HOH A . 
B 2 HOH 78  290 79  HOH HOH A . 
B 2 HOH 79  291 80  HOH HOH A . 
B 2 HOH 80  292 81  HOH HOH A . 
B 2 HOH 81  293 82  HOH HOH A . 
B 2 HOH 82  294 83  HOH HOH A . 
B 2 HOH 83  295 84  HOH HOH A . 
B 2 HOH 84  296 85  HOH HOH A . 
B 2 HOH 85  297 86  HOH HOH A . 
B 2 HOH 86  298 87  HOH HOH A . 
B 2 HOH 87  299 88  HOH HOH A . 
B 2 HOH 88  300 89  HOH HOH A . 
B 2 HOH 89  301 90  HOH HOH A . 
B 2 HOH 90  302 91  HOH HOH A . 
B 2 HOH 91  303 92  HOH HOH A . 
B 2 HOH 92  304 93  HOH HOH A . 
B 2 HOH 93  305 94  HOH HOH A . 
B 2 HOH 94  306 95  HOH HOH A . 
B 2 HOH 95  307 96  HOH HOH A . 
B 2 HOH 96  308 97  HOH HOH A . 
B 2 HOH 97  309 98  HOH HOH A . 
B 2 HOH 98  310 99  HOH HOH A . 
B 2 HOH 99  311 100 HOH HOH A . 
B 2 HOH 100 312 101 HOH HOH A . 
B 2 HOH 101 313 102 HOH HOH A . 
B 2 HOH 102 314 103 HOH HOH A . 
B 2 HOH 103 315 104 HOH HOH A . 
B 2 HOH 104 316 105 HOH HOH A . 
B 2 HOH 105 317 106 HOH HOH A . 
B 2 HOH 106 318 107 HOH HOH A . 
B 2 HOH 107 319 108 HOH HOH A . 
B 2 HOH 108 320 109 HOH HOH A . 
B 2 HOH 109 321 111 HOH HOH A . 
B 2 HOH 110 322 112 HOH HOH A . 
B 2 HOH 111 323 113 HOH HOH A . 
B 2 HOH 112 324 114 HOH HOH A . 
B 2 HOH 113 325 115 HOH HOH A . 
B 2 HOH 114 326 116 HOH HOH A . 
B 2 HOH 115 327 117 HOH HOH A . 
B 2 HOH 116 328 118 HOH HOH A . 
B 2 HOH 117 329 119 HOH HOH A . 
B 2 HOH 118 330 120 HOH HOH A . 
B 2 HOH 119 331 121 HOH HOH A . 
B 2 HOH 120 332 122 HOH HOH A . 
B 2 HOH 121 333 123 HOH HOH A . 
B 2 HOH 122 334 124 HOH HOH A . 
B 2 HOH 123 335 125 HOH HOH A . 
B 2 HOH 124 336 126 HOH HOH A . 
B 2 HOH 125 337 127 HOH HOH A . 
B 2 HOH 126 338 128 HOH HOH A . 
B 2 HOH 127 339 129 HOH HOH A . 
# 
loop_
_software.name 
_software.classification 
_software.version 
_software.citation_id 
_software.pdbx_ordinal 
MLPHARE   phasing          .        ? 1 
REFMAC    refinement       5.5.0109 ? 2 
DENZO     'data reduction' .        ? 3 
SCALEPACK 'data scaling'   .        ? 4 
# 
_cell.entry_id           3B21 
_cell.length_a           67.699 
_cell.length_b           91.237 
_cell.length_c           67.862 
_cell.angle_alpha        90.00 
_cell.angle_beta         90.00 
_cell.angle_gamma        90.00 
_cell.Z_PDB              8 
_cell.pdbx_unique_axis   ? 
_cell.length_a_esd       ? 
_cell.length_b_esd       ? 
_cell.length_c_esd       ? 
_cell.angle_alpha_esd    ? 
_cell.angle_beta_esd     ? 
_cell.angle_gamma_esd    ? 
# 
_symmetry.entry_id                         3B21 
_symmetry.space_group_name_H-M             'C 2 2 21' 
_symmetry.pdbx_full_space_group_name_H-M   ? 
_symmetry.cell_setting                     ? 
_symmetry.Int_Tables_number                20 
_symmetry.space_group_name_Hall            ? 
# 
_exptl.entry_id          3B21 
_exptl.method            'X-RAY DIFFRACTION' 
_exptl.crystals_number   1 
# 
_exptl_crystal.id                    1 
_exptl_crystal.density_meas          ? 
_exptl_crystal.density_Matthews      2.20 
_exptl_crystal.density_percent_sol   44.18 
_exptl_crystal.description           ? 
_exptl_crystal.F_000                 ? 
_exptl_crystal.preparation           ? 
# 
_exptl_crystal_grow.crystal_id      1 
_exptl_crystal_grow.method          'VAPOR DIFFUSION, HANGING DROP' 
_exptl_crystal_grow.temp            288 
_exptl_crystal_grow.temp_details    ? 
_exptl_crystal_grow.pH              6.5 
_exptl_crystal_grow.pdbx_details    
'0.1M MES, 0.1M NaAcetate, 1.0M NaCl, 24%(w/v) PEG 8000, pH 6.5, VAPOR DIFFUSION, HANGING DROP, temperature 288K' 
_exptl_crystal_grow.pdbx_pH_range   . 
# 
_diffrn.id                     1 
_diffrn.ambient_temp           100 
_diffrn.ambient_temp_details   ? 
_diffrn.crystal_id             1 
# 
_diffrn_detector.diffrn_id              1 
_diffrn_detector.detector               CCD 
_diffrn_detector.type                   'Bruker DIP-6040' 
_diffrn_detector.pdbx_collection_date   2007-12-13 
_diffrn_detector.details                ? 
# 
_diffrn_radiation.diffrn_id                        1 
_diffrn_radiation.wavelength_id                    1 
_diffrn_radiation.pdbx_monochromatic_or_laue_m_l   M 
_diffrn_radiation.monochromator                    ? 
_diffrn_radiation.pdbx_diffrn_protocol             'SINGLE WAVELENGTH' 
_diffrn_radiation.pdbx_scattering_type             x-ray 
# 
_diffrn_radiation_wavelength.id           1 
_diffrn_radiation_wavelength.wavelength   0.90 
_diffrn_radiation_wavelength.wt           1.0 
# 
_diffrn_source.diffrn_id                   1 
_diffrn_source.source                      SYNCHROTRON 
_diffrn_source.type                        'SPRING-8 BEAMLINE BL44XU' 
_diffrn_source.pdbx_synchrotron_site       SPring-8 
_diffrn_source.pdbx_synchrotron_beamline   BL44XU 
_diffrn_source.pdbx_wavelength             ? 
_diffrn_source.pdbx_wavelength_list        0.90 
# 
_reflns.entry_id                     3B21 
_reflns.observed_criterion_sigma_I   -3 
_reflns.observed_criterion_sigma_F   ? 
_reflns.d_resolution_low             50 
_reflns.d_resolution_high            2.0 
_reflns.number_obs                   14220 
_reflns.number_all                   ? 
_reflns.percent_possible_obs         99.8 
_reflns.pdbx_Rmerge_I_obs            0.098 
_reflns.pdbx_Rsym_value              ? 
_reflns.pdbx_netI_over_sigmaI        13.1 
_reflns.B_iso_Wilson_estimate        ? 
_reflns.pdbx_redundancy              6.0 
_reflns.R_free_details               ? 
_reflns.limit_h_max                  ? 
_reflns.limit_h_min                  ? 
_reflns.limit_k_max                  ? 
_reflns.limit_k_min                  ? 
_reflns.limit_l_max                  ? 
_reflns.limit_l_min                  ? 
_reflns.observed_criterion_F_max     ? 
_reflns.observed_criterion_F_min     ? 
_reflns.pdbx_chi_squared             ? 
_reflns.pdbx_scaling_rejects         ? 
_reflns.pdbx_ordinal                 1 
_reflns.pdbx_diffrn_id               1 
# 
_reflns_shell.d_res_high                  2.0 
_reflns_shell.d_res_low                   2.07 
_reflns_shell.percent_possible_all        99.9 
_reflns_shell.Rmerge_I_obs                0.35 
_reflns_shell.pdbx_Rsym_value             ? 
_reflns_shell.meanI_over_sigI_obs         ? 
_reflns_shell.pdbx_redundancy             6.0 
_reflns_shell.percent_possible_obs        ? 
_reflns_shell.number_unique_all           ? 
_reflns_shell.number_measured_all         ? 
_reflns_shell.number_measured_obs         ? 
_reflns_shell.number_unique_obs           ? 
_reflns_shell.pdbx_chi_squared            ? 
_reflns_shell.pdbx_rejects                ? 
_reflns_shell.pdbx_netI_over_sigmaI_obs   ? 
_reflns_shell.number_possible             ? 
_reflns_shell.Rmerge_F_all                ? 
_reflns_shell.Rmerge_F_obs                ? 
_reflns_shell.Rmerge_I_all                ? 
_reflns_shell.meanI_over_sigI_all         ? 
_reflns_shell.pdbx_Rrim_I_all             ? 
_reflns_shell.pdbx_Rpim_I_all             ? 
_reflns_shell.pdbx_ordinal                1 
_reflns_shell.pdbx_diffrn_id              1 
# 
_refine.entry_id                                 3B21 
_refine.ls_number_reflns_obs                     13480 
_refine.ls_number_reflns_all                     ? 
_refine.pdbx_ls_sigma_I                          ? 
_refine.pdbx_ls_sigma_F                          ? 
_refine.pdbx_data_cutoff_high_absF               ? 
_refine.pdbx_data_cutoff_low_absF                ? 
_refine.pdbx_data_cutoff_high_rms_absF           ? 
_refine.ls_d_res_low                             45.62 
_refine.ls_d_res_high                            2.01 
_refine.ls_percent_reflns_obs                    98.67 
_refine.ls_R_factor_obs                          0.18359 
_refine.ls_R_factor_all                          ? 
_refine.ls_R_factor_R_work                       0.18138 
_refine.ls_R_factor_R_free                       0.22562 
_refine.ls_R_factor_R_free_error                 ? 
_refine.ls_R_factor_R_free_error_details         ? 
_refine.ls_percent_reflns_R_free                 5.0 
_refine.ls_number_reflns_R_free                  715 
_refine.ls_number_parameters                     ? 
_refine.ls_number_restraints                     ? 
_refine.occupancy_min                            ? 
_refine.occupancy_max                            ? 
_refine.correlation_coeff_Fo_to_Fc               0.942 
_refine.correlation_coeff_Fo_to_Fc_free          0.912 
_refine.B_iso_mean                               16.513 
_refine.aniso_B[1][1]                            0.00 
_refine.aniso_B[2][2]                            -0.01 
_refine.aniso_B[3][3]                            0.01 
_refine.aniso_B[1][2]                            0.00 
_refine.aniso_B[1][3]                            0.00 
_refine.aniso_B[2][3]                            0.00 
_refine.solvent_model_details                    MASK 
_refine.solvent_model_param_ksol                 ? 
_refine.solvent_model_param_bsol                 ? 
_refine.pdbx_solvent_vdw_probe_radii             1.40 
_refine.pdbx_solvent_ion_probe_radii             0.80 
_refine.pdbx_solvent_shrinkage_radii             0.80 
_refine.pdbx_ls_cross_valid_method               THROUGHOUT 
_refine.details                                  'HYDROGENS HAVE BEEN ADDED IN THE RIDING POSITIONS' 
_refine.pdbx_starting_model                      ? 
_refine.pdbx_method_to_determine_struct          SAD 
_refine.pdbx_isotropic_thermal_model             ? 
_refine.pdbx_stereochemistry_target_values       'MAXIMUM LIKELIHOOD' 
_refine.pdbx_stereochem_target_val_spec_case     ? 
_refine.pdbx_R_Free_selection_details            RANDOM 
_refine.pdbx_overall_ESU_R                       0.179 
_refine.pdbx_overall_ESU_R_Free                  0.161 
_refine.overall_SU_ML                            0.102 
_refine.pdbx_overall_phase_error                 ? 
_refine.overall_SU_B                             3.545 
_refine.pdbx_diffrn_id                           1 
_refine.pdbx_refine_id                           'X-RAY DIFFRACTION' 
_refine.ls_redundancy_reflns_obs                 ? 
_refine.B_iso_min                                ? 
_refine.B_iso_max                                ? 
_refine.overall_SU_R_Cruickshank_DPI             ? 
_refine.overall_SU_R_free                        ? 
_refine.ls_wR_factor_R_free                      ? 
_refine.ls_wR_factor_R_work                      ? 
_refine.overall_FOM_free_R_set                   ? 
_refine.overall_FOM_work_R_set                   ? 
_refine.pdbx_TLS_residual_ADP_flag               ? 
_refine.pdbx_overall_SU_R_free_Cruickshank_DPI   ? 
_refine.pdbx_overall_SU_R_Blow_DPI               ? 
_refine.pdbx_overall_SU_R_free_Blow_DPI          ? 
# 
_refine_hist.pdbx_refine_id                   'X-RAY DIFFRACTION' 
_refine_hist.cycle_id                         LAST 
_refine_hist.pdbx_number_atoms_protein        1491 
_refine_hist.pdbx_number_atoms_nucleic_acid   0 
_refine_hist.pdbx_number_atoms_ligand         0 
_refine_hist.number_atoms_solvent             127 
_refine_hist.number_atoms_total               1618 
_refine_hist.d_res_high                       2.01 
_refine_hist.d_res_low                        45.62 
# 
loop_
_refine_ls_restr.type 
_refine_ls_restr.dev_ideal 
_refine_ls_restr.dev_ideal_target 
_refine_ls_restr.weight 
_refine_ls_restr.number 
_refine_ls_restr.pdbx_refine_id 
_refine_ls_restr.pdbx_restraint_function 
r_bond_refined_d             0.007  0.021  ? 1529 'X-RAY DIFFRACTION' ? 
r_bond_other_d               ?      ?      ? ?    'X-RAY DIFFRACTION' ? 
r_angle_refined_deg          0.966  1.941  ? 2066 'X-RAY DIFFRACTION' ? 
r_angle_other_deg            ?      ?      ? ?    'X-RAY DIFFRACTION' ? 
r_dihedral_angle_1_deg       4.728  5.000  ? 195  'X-RAY DIFFRACTION' ? 
r_dihedral_angle_2_deg       37.508 25.676 ? 74   'X-RAY DIFFRACTION' ? 
r_dihedral_angle_3_deg       12.569 15.000 ? 269  'X-RAY DIFFRACTION' ? 
r_dihedral_angle_4_deg       14.153 15.000 ? 5    'X-RAY DIFFRACTION' ? 
r_chiral_restr               0.071  0.200  ? 223  'X-RAY DIFFRACTION' ? 
r_gen_planes_refined         0.004  0.021  ? 1167 'X-RAY DIFFRACTION' ? 
r_gen_planes_other           ?      ?      ? ?    'X-RAY DIFFRACTION' ? 
r_nbd_refined                ?      ?      ? ?    'X-RAY DIFFRACTION' ? 
r_nbd_other                  ?      ?      ? ?    'X-RAY DIFFRACTION' ? 
r_nbtor_refined              ?      ?      ? ?    'X-RAY DIFFRACTION' ? 
r_nbtor_other                ?      ?      ? ?    'X-RAY DIFFRACTION' ? 
r_xyhbond_nbd_refined        ?      ?      ? ?    'X-RAY DIFFRACTION' ? 
r_xyhbond_nbd_other          ?      ?      ? ?    'X-RAY DIFFRACTION' ? 
r_metal_ion_refined          ?      ?      ? ?    'X-RAY DIFFRACTION' ? 
r_metal_ion_other            ?      ?      ? ?    'X-RAY DIFFRACTION' ? 
r_symmetry_vdw_refined       ?      ?      ? ?    'X-RAY DIFFRACTION' ? 
r_symmetry_vdw_other         ?      ?      ? ?    'X-RAY DIFFRACTION' ? 
r_symmetry_hbond_refined     ?      ?      ? ?    'X-RAY DIFFRACTION' ? 
r_symmetry_hbond_other       ?      ?      ? ?    'X-RAY DIFFRACTION' ? 
r_symmetry_metal_ion_refined ?      ?      ? ?    'X-RAY DIFFRACTION' ? 
r_symmetry_metal_ion_other   ?      ?      ? ?    'X-RAY DIFFRACTION' ? 
r_mcbond_it                  1.711  1.500  ? 957  'X-RAY DIFFRACTION' ? 
r_mcbond_other               ?      ?      ? ?    'X-RAY DIFFRACTION' ? 
r_mcangle_it                 2.871  2.000  ? 1540 'X-RAY DIFFRACTION' ? 
r_scbond_it                  4.554  3.000  ? 572  'X-RAY DIFFRACTION' ? 
r_scangle_it                 7.257  4.500  ? 524  'X-RAY DIFFRACTION' ? 
r_rigid_bond_restr           ?      ?      ? ?    'X-RAY DIFFRACTION' ? 
r_sphericity_free            ?      ?      ? ?    'X-RAY DIFFRACTION' ? 
r_sphericity_bonded          ?      ?      ? ?    'X-RAY DIFFRACTION' ? 
# 
_refine_ls_shell.pdbx_refine_id                   'X-RAY DIFFRACTION' 
_refine_ls_shell.pdbx_total_number_of_bins_used   20 
_refine_ls_shell.d_res_high                       2.008 
_refine_ls_shell.d_res_low                        2.060 
_refine_ls_shell.number_reflns_R_work             840 
_refine_ls_shell.R_factor_R_work                  0.179 
_refine_ls_shell.percent_reflns_obs               84.81 
_refine_ls_shell.R_factor_R_free                  0.219 
_refine_ls_shell.R_factor_R_free_error            ? 
_refine_ls_shell.percent_reflns_R_free            ? 
_refine_ls_shell.number_reflns_R_free             48 
_refine_ls_shell.number_reflns_all                ? 
_refine_ls_shell.R_factor_all                     ? 
_refine_ls_shell.redundancy_reflns_obs            ? 
_refine_ls_shell.number_reflns_obs                ? 
# 
_struct.entry_id                  3B21 
_struct.title                     'Crystal structure of OspI from Shigella flexineri' 
_struct.pdbx_model_details        ? 
_struct.pdbx_CASP_flag            ? 
_struct.pdbx_model_type_details   ? 
# 
_struct_keywords.entry_id        3B21 
_struct_keywords.pdbx_keywords   'UNKNOWN FUNCTION' 
_struct_keywords.text            'Shigella, Bacterial protein, effector, type 3 secretion system, UNKNOWN FUNCTION' 
# 
loop_
_struct_asym.id 
_struct_asym.pdbx_blank_PDB_chainid_flag 
_struct_asym.pdbx_modified 
_struct_asym.entity_id 
_struct_asym.details 
A N N 1 ? 
B N N 2 ? 
# 
_struct_ref.id                         1 
_struct_ref.db_name                    UNP 
_struct_ref.db_code                    Q8VSD5_SHIFL 
_struct_ref.pdbx_db_accession          Q8VSD5 
_struct_ref.entity_id                  1 
_struct_ref.pdbx_seq_one_letter_code   
;MINGVSLQGTAGYEAHTEEGNVNVKKLLESLNSKSLGDMDKDSELAATLQKMINPSGGDGNCSGCALHACMAMLGYGVRE
APVPNEISEYMTGFFHRHLEQIDSEGIVSHPNETYSKFRERIAENILQNTSKGSVVMISIEQATHWIAGFNDGEKIMFLD
VQTGKGFNLYDPVEKSPDAFVDENSSVQVIHVSDQEFDHYANSSSWKSKRLC
;
_struct_ref.pdbx_align_begin           1 
_struct_ref.pdbx_db_isoform            ? 
# 
_struct_ref_seq.align_id                      1 
_struct_ref_seq.ref_id                        1 
_struct_ref_seq.pdbx_PDB_id_code              3B21 
_struct_ref_seq.pdbx_strand_id                A 
_struct_ref_seq.seq_align_beg                 9 
_struct_ref_seq.pdbx_seq_align_beg_ins_code   ? 
_struct_ref_seq.seq_align_end                 220 
_struct_ref_seq.pdbx_seq_align_end_ins_code   ? 
_struct_ref_seq.pdbx_db_accession             Q8VSD5 
_struct_ref_seq.db_align_beg                  1 
_struct_ref_seq.pdbx_db_align_beg_ins_code    ? 
_struct_ref_seq.db_align_end                  212 
_struct_ref_seq.pdbx_db_align_end_ins_code    ? 
_struct_ref_seq.pdbx_auth_seq_align_beg       1 
_struct_ref_seq.pdbx_auth_seq_align_end       212 
# 
loop_
_struct_ref_seq_dif.align_id 
_struct_ref_seq_dif.pdbx_pdb_id_code 
_struct_ref_seq_dif.mon_id 
_struct_ref_seq_dif.pdbx_pdb_strand_id 
_struct_ref_seq_dif.seq_num 
_struct_ref_seq_dif.pdbx_pdb_ins_code 
_struct_ref_seq_dif.pdbx_seq_db_name 
_struct_ref_seq_dif.pdbx_seq_db_accession_code 
_struct_ref_seq_dif.db_mon_id 
_struct_ref_seq_dif.pdbx_seq_db_seq_num 
_struct_ref_seq_dif.details 
_struct_ref_seq_dif.pdbx_auth_seq_num 
_struct_ref_seq_dif.pdbx_ordinal 
1 3B21 GLY A 1 ? UNP Q8VSD5 ? ? 'expression tag' -7 1 
1 3B21 PRO A 2 ? UNP Q8VSD5 ? ? 'expression tag' -6 2 
1 3B21 LEU A 3 ? UNP Q8VSD5 ? ? 'expression tag' -5 3 
1 3B21 GLY A 4 ? UNP Q8VSD5 ? ? 'expression tag' -4 4 
1 3B21 SER A 5 ? UNP Q8VSD5 ? ? 'expression tag' -3 5 
1 3B21 PRO A 6 ? UNP Q8VSD5 ? ? 'expression tag' -2 6 
1 3B21 GLU A 7 ? UNP Q8VSD5 ? ? 'expression tag' -1 7 
1 3B21 PHE A 8 ? UNP Q8VSD5 ? ? 'expression tag' 0  8 
# 
_pdbx_struct_assembly.id                   1 
_pdbx_struct_assembly.details              author_and_software_defined_assembly 
_pdbx_struct_assembly.method_details       PISA 
_pdbx_struct_assembly.oligomeric_details   monomeric 
_pdbx_struct_assembly.oligomeric_count     1 
# 
_pdbx_struct_assembly_gen.assembly_id       1 
_pdbx_struct_assembly_gen.oper_expression   1 
_pdbx_struct_assembly_gen.asym_id_list      A,B 
# 
_pdbx_struct_oper_list.id                   1 
_pdbx_struct_oper_list.type                 'identity operation' 
_pdbx_struct_oper_list.name                 1_555 
_pdbx_struct_oper_list.symmetry_operation   x,y,z 
_pdbx_struct_oper_list.matrix[1][1]         1.0000000000 
_pdbx_struct_oper_list.matrix[1][2]         0.0000000000 
_pdbx_struct_oper_list.matrix[1][3]         0.0000000000 
_pdbx_struct_oper_list.vector[1]            0.0000000000 
_pdbx_struct_oper_list.matrix[2][1]         0.0000000000 
_pdbx_struct_oper_list.matrix[2][2]         1.0000000000 
_pdbx_struct_oper_list.matrix[2][3]         0.0000000000 
_pdbx_struct_oper_list.vector[2]            0.0000000000 
_pdbx_struct_oper_list.matrix[3][1]         0.0000000000 
_pdbx_struct_oper_list.matrix[3][2]         0.0000000000 
_pdbx_struct_oper_list.matrix[3][3]         1.0000000000 
_pdbx_struct_oper_list.vector[3]            0.0000000000 
# 
_struct_biol.id        1 
_struct_biol.details   ? 
# 
loop_
_struct_conf.conf_type_id 
_struct_conf.id 
_struct_conf.pdbx_PDB_helix_id 
_struct_conf.beg_label_comp_id 
_struct_conf.beg_label_asym_id 
_struct_conf.beg_label_seq_id 
_struct_conf.pdbx_beg_PDB_ins_code 
_struct_conf.end_label_comp_id 
_struct_conf.end_label_asym_id 
_struct_conf.end_label_seq_id 
_struct_conf.pdbx_end_PDB_ins_code 
_struct_conf.beg_auth_comp_id 
_struct_conf.beg_auth_asym_id 
_struct_conf.beg_auth_seq_id 
_struct_conf.end_auth_comp_id 
_struct_conf.end_auth_asym_id 
_struct_conf.end_auth_seq_id 
_struct_conf.pdbx_PDB_helix_class 
_struct_conf.details 
_struct_conf.pdbx_PDB_helix_length 
HELX_P HELX_P1 1 ASN A 31  ? SER A 41  ? ASN A 23  SER A 33  1 ? 11 
HELX_P HELX_P2 2 GLY A 45  ? ASN A 62  ? GLY A 37  ASN A 54  1 ? 18 
HELX_P HELX_P3 3 CYS A 70  ? LEU A 82  ? CYS A 62  LEU A 74  1 ? 13 
HELX_P HELX_P4 4 VAL A 91  ? PHE A 102 ? VAL A 83  PHE A 94  5 ? 12 
HELX_P HELX_P5 5 HIS A 106 ? ASP A 111 ? HIS A 98  ASP A 103 1 ? 6  
HELX_P HELX_P6 6 THR A 122 ? THR A 138 ? THR A 114 THR A 130 1 ? 17 
HELX_P HELX_P7 7 SER A 201 ? ASN A 210 ? SER A 193 ASN A 202 1 ? 10 
HELX_P HELX_P8 8 SER A 211 ? LYS A 217 ? SER A 203 LYS A 209 1 ? 7  
# 
_struct_conf_type.id          HELX_P 
_struct_conf_type.criteria    ? 
_struct_conf_type.reference   ? 
# 
_struct_conn.id                            disulf1 
_struct_conn.conn_type_id                  disulf 
_struct_conn.pdbx_leaving_atom_flag        ? 
_struct_conn.pdbx_PDB_id                   ? 
_struct_conn.ptnr1_label_asym_id           A 
_struct_conn.ptnr1_label_comp_id           CYS 
_struct_conn.ptnr1_label_seq_id            70 
_struct_conn.ptnr1_label_atom_id           SG 
_struct_conn.pdbx_ptnr1_label_alt_id       A 
_struct_conn.pdbx_ptnr1_PDB_ins_code       ? 
_struct_conn.pdbx_ptnr1_standard_comp_id   ? 
_struct_conn.ptnr1_symmetry                1_555 
_struct_conn.ptnr2_label_asym_id           A 
_struct_conn.ptnr2_label_comp_id           CYS 
_struct_conn.ptnr2_label_seq_id            73 
_struct_conn.ptnr2_label_atom_id           SG 
_struct_conn.pdbx_ptnr2_label_alt_id       ? 
_struct_conn.pdbx_ptnr2_PDB_ins_code       ? 
_struct_conn.ptnr1_auth_asym_id            A 
_struct_conn.ptnr1_auth_comp_id            CYS 
_struct_conn.ptnr1_auth_seq_id             62 
_struct_conn.ptnr2_auth_asym_id            A 
_struct_conn.ptnr2_auth_comp_id            CYS 
_struct_conn.ptnr2_auth_seq_id             65 
_struct_conn.ptnr2_symmetry                1_555 
_struct_conn.pdbx_ptnr3_label_atom_id      ? 
_struct_conn.pdbx_ptnr3_label_seq_id       ? 
_struct_conn.pdbx_ptnr3_label_comp_id      ? 
_struct_conn.pdbx_ptnr3_label_asym_id      ? 
_struct_conn.pdbx_ptnr3_label_alt_id       ? 
_struct_conn.pdbx_ptnr3_PDB_ins_code       ? 
_struct_conn.details                       ? 
_struct_conn.pdbx_dist_value               2.055 
_struct_conn.pdbx_value_order              ? 
_struct_conn.pdbx_role                     ? 
# 
_struct_conn_type.id          disulf 
_struct_conn_type.criteria    ? 
_struct_conn_type.reference   ? 
# 
_pdbx_modification_feature.ordinal                            1 
_pdbx_modification_feature.label_comp_id                      CYS 
_pdbx_modification_feature.label_asym_id                      A 
_pdbx_modification_feature.label_seq_id                       70 
_pdbx_modification_feature.label_alt_id                       A 
_pdbx_modification_feature.modified_residue_label_comp_id     CYS 
_pdbx_modification_feature.modified_residue_label_asym_id     A 
_pdbx_modification_feature.modified_residue_label_seq_id      73 
_pdbx_modification_feature.modified_residue_label_alt_id      ? 
_pdbx_modification_feature.auth_comp_id                       CYS 
_pdbx_modification_feature.auth_asym_id                       A 
_pdbx_modification_feature.auth_seq_id                        62 
_pdbx_modification_feature.PDB_ins_code                       ? 
_pdbx_modification_feature.symmetry                           1_555 
_pdbx_modification_feature.modified_residue_auth_comp_id      CYS 
_pdbx_modification_feature.modified_residue_auth_asym_id      A 
_pdbx_modification_feature.modified_residue_auth_seq_id       65 
_pdbx_modification_feature.modified_residue_PDB_ins_code      ? 
_pdbx_modification_feature.modified_residue_symmetry          1_555 
_pdbx_modification_feature.comp_id_linking_atom               SG 
_pdbx_modification_feature.modified_residue_id_linking_atom   SG 
_pdbx_modification_feature.modified_residue_id                . 
_pdbx_modification_feature.ref_pcm_id                         . 
_pdbx_modification_feature.ref_comp_id                        . 
_pdbx_modification_feature.type                               None 
_pdbx_modification_feature.category                           'Disulfide bridge' 
# 
_struct_sheet.id               A 
_struct_sheet.type             ? 
_struct_sheet.number_strands   5 
_struct_sheet.details          ? 
# 
loop_
_struct_sheet_order.sheet_id 
_struct_sheet_order.range_id_1 
_struct_sheet_order.range_id_2 
_struct_sheet_order.offset 
_struct_sheet_order.sense 
A 1 2 ? anti-parallel 
A 2 3 ? anti-parallel 
A 3 4 ? anti-parallel 
A 4 5 ? anti-parallel 
# 
loop_
_struct_sheet_range.sheet_id 
_struct_sheet_range.id 
_struct_sheet_range.beg_label_comp_id 
_struct_sheet_range.beg_label_asym_id 
_struct_sheet_range.beg_label_seq_id 
_struct_sheet_range.pdbx_beg_PDB_ins_code 
_struct_sheet_range.end_label_comp_id 
_struct_sheet_range.end_label_asym_id 
_struct_sheet_range.end_label_seq_id 
_struct_sheet_range.pdbx_end_PDB_ins_code 
_struct_sheet_range.beg_auth_comp_id 
_struct_sheet_range.beg_auth_asym_id 
_struct_sheet_range.beg_auth_seq_id 
_struct_sheet_range.end_auth_comp_id 
_struct_sheet_range.end_auth_asym_id 
_struct_sheet_range.end_auth_seq_id 
A 1 ILE A 115 ? VAL A 116 ? ILE A 107 VAL A 108 
A 2 SER A 194 ? ILE A 198 ? SER A 186 ILE A 190 
A 3 VAL A 143 ? ILE A 148 ? VAL A 135 ILE A 140 
A 4 HIS A 153 ? ASN A 159 ? HIS A 145 ASN A 151 
A 5 ILE A 164 ? LEU A 167 ? ILE A 156 LEU A 159 
# 
loop_
_pdbx_struct_sheet_hbond.sheet_id 
_pdbx_struct_sheet_hbond.range_id_1 
_pdbx_struct_sheet_hbond.range_id_2 
_pdbx_struct_sheet_hbond.range_1_label_atom_id 
_pdbx_struct_sheet_hbond.range_1_label_comp_id 
_pdbx_struct_sheet_hbond.range_1_label_asym_id 
_pdbx_struct_sheet_hbond.range_1_label_seq_id 
_pdbx_struct_sheet_hbond.range_1_PDB_ins_code 
_pdbx_struct_sheet_hbond.range_1_auth_atom_id 
_pdbx_struct_sheet_hbond.range_1_auth_comp_id 
_pdbx_struct_sheet_hbond.range_1_auth_asym_id 
_pdbx_struct_sheet_hbond.range_1_auth_seq_id 
_pdbx_struct_sheet_hbond.range_2_label_atom_id 
_pdbx_struct_sheet_hbond.range_2_label_comp_id 
_pdbx_struct_sheet_hbond.range_2_label_asym_id 
_pdbx_struct_sheet_hbond.range_2_label_seq_id 
_pdbx_struct_sheet_hbond.range_2_PDB_ins_code 
_pdbx_struct_sheet_hbond.range_2_auth_atom_id 
_pdbx_struct_sheet_hbond.range_2_auth_comp_id 
_pdbx_struct_sheet_hbond.range_2_auth_asym_id 
_pdbx_struct_sheet_hbond.range_2_auth_seq_id 
A 1 2 N ILE A 115 ? N ILE A 107 O VAL A 195 ? O VAL A 187 
A 2 3 O ILE A 198 ? O ILE A 190 N MET A 145 ? N MET A 137 
A 3 4 N ILE A 146 ? N ILE A 138 O ILE A 155 ? O ILE A 147 
A 4 5 N ALA A 156 ? N ALA A 148 O LEU A 167 ? O LEU A 159 
# 
_pdbx_entry_details.entry_id                   3B21 
_pdbx_entry_details.compound_details           ? 
_pdbx_entry_details.source_details             ? 
_pdbx_entry_details.nonpolymer_details         ? 
_pdbx_entry_details.sequence_details           ? 
_pdbx_entry_details.has_ligand_of_interest     ? 
_pdbx_entry_details.has_protein_modification   Y 
# 
loop_
_pdbx_validate_close_contact.id 
_pdbx_validate_close_contact.PDB_model_num 
_pdbx_validate_close_contact.auth_atom_id_1 
_pdbx_validate_close_contact.auth_asym_id_1 
_pdbx_validate_close_contact.auth_comp_id_1 
_pdbx_validate_close_contact.auth_seq_id_1 
_pdbx_validate_close_contact.PDB_ins_code_1 
_pdbx_validate_close_contact.label_alt_id_1 
_pdbx_validate_close_contact.auth_atom_id_2 
_pdbx_validate_close_contact.auth_asym_id_2 
_pdbx_validate_close_contact.auth_comp_id_2 
_pdbx_validate_close_contact.auth_seq_id_2 
_pdbx_validate_close_contact.PDB_ins_code_2 
_pdbx_validate_close_contact.label_alt_id_2 
_pdbx_validate_close_contact.dist 
1 1 OD1 A ASN 85  ? ? O A HOH 339 ? ? 2.14 
2 1 OG  A SER 131 ? ? O A HOH 274 ? ? 2.19 
# 
loop_
_pdbx_validate_torsion.id 
_pdbx_validate_torsion.PDB_model_num 
_pdbx_validate_torsion.auth_comp_id 
_pdbx_validate_torsion.auth_asym_id 
_pdbx_validate_torsion.auth_seq_id 
_pdbx_validate_torsion.PDB_ins_code 
_pdbx_validate_torsion.label_alt_id 
_pdbx_validate_torsion.phi 
_pdbx_validate_torsion.psi 
1 1 ASN A 61 ? ? -101.93 71.23  
2 1 TYR A 90 ? ? -161.27 -57.47 
# 
loop_
_pdbx_unobs_or_zero_occ_residues.id 
_pdbx_unobs_or_zero_occ_residues.PDB_model_num 
_pdbx_unobs_or_zero_occ_residues.polymer_flag 
_pdbx_unobs_or_zero_occ_residues.occupancy_flag 
_pdbx_unobs_or_zero_occ_residues.auth_asym_id 
_pdbx_unobs_or_zero_occ_residues.auth_comp_id 
_pdbx_unobs_or_zero_occ_residues.auth_seq_id 
_pdbx_unobs_or_zero_occ_residues.PDB_ins_code 
_pdbx_unobs_or_zero_occ_residues.label_asym_id 
_pdbx_unobs_or_zero_occ_residues.label_comp_id 
_pdbx_unobs_or_zero_occ_residues.label_seq_id 
1  1 Y 1 A GLY -7 ? A GLY 1  
2  1 Y 1 A PRO -6 ? A PRO 2  
3  1 Y 1 A LEU -5 ? A LEU 3  
4  1 Y 1 A GLY -4 ? A GLY 4  
5  1 Y 1 A SER -3 ? A SER 5  
6  1 Y 1 A PRO -2 ? A PRO 6  
7  1 Y 1 A GLU -1 ? A GLU 7  
8  1 Y 1 A PHE 0  ? A PHE 8  
9  1 Y 1 A MET 1  ? A MET 9  
10 1 Y 1 A ILE 2  ? A ILE 10 
11 1 Y 1 A ASN 3  ? A ASN 11 
12 1 Y 1 A GLY 4  ? A GLY 12 
13 1 Y 1 A VAL 5  ? A VAL 13 
14 1 Y 1 A SER 6  ? A SER 14 
15 1 Y 1 A LEU 7  ? A LEU 15 
16 1 Y 1 A GLN 8  ? A GLN 16 
17 1 Y 1 A GLY 9  ? A GLY 17 
18 1 Y 1 A THR 10 ? A THR 18 
19 1 Y 1 A ALA 11 ? A ALA 19 
20 1 Y 1 A GLY 12 ? A GLY 20 
21 1 Y 1 A TYR 13 ? A TYR 21 
22 1 Y 1 A GLU 14 ? A GLU 22 
23 1 Y 1 A ALA 15 ? A ALA 23 
24 1 Y 1 A HIS 16 ? A HIS 24 
25 1 Y 1 A THR 17 ? A THR 25 
26 1 Y 1 A GLU 18 ? A GLU 26 
27 1 Y 1 A GLU 19 ? A GLU 27 
28 1 Y 1 A GLY 20 ? A GLY 28 
# 
loop_
_chem_comp_atom.comp_id 
_chem_comp_atom.atom_id 
_chem_comp_atom.type_symbol 
_chem_comp_atom.pdbx_aromatic_flag 
_chem_comp_atom.pdbx_stereo_config 
_chem_comp_atom.pdbx_ordinal 
ALA N    N N N 1   
ALA CA   C N S 2   
ALA C    C N N 3   
ALA O    O N N 4   
ALA CB   C N N 5   
ALA OXT  O N N 6   
ALA H    H N N 7   
ALA H2   H N N 8   
ALA HA   H N N 9   
ALA HB1  H N N 10  
ALA HB2  H N N 11  
ALA HB3  H N N 12  
ALA HXT  H N N 13  
ARG N    N N N 14  
ARG CA   C N S 15  
ARG C    C N N 16  
ARG O    O N N 17  
ARG CB   C N N 18  
ARG CG   C N N 19  
ARG CD   C N N 20  
ARG NE   N N N 21  
ARG CZ   C N N 22  
ARG NH1  N N N 23  
ARG NH2  N N N 24  
ARG OXT  O N N 25  
ARG H    H N N 26  
ARG H2   H N N 27  
ARG HA   H N N 28  
ARG HB2  H N N 29  
ARG HB3  H N N 30  
ARG HG2  H N N 31  
ARG HG3  H N N 32  
ARG HD2  H N N 33  
ARG HD3  H N N 34  
ARG HE   H N N 35  
ARG HH11 H N N 36  
ARG HH12 H N N 37  
ARG HH21 H N N 38  
ARG HH22 H N N 39  
ARG HXT  H N N 40  
ASN N    N N N 41  
ASN CA   C N S 42  
ASN C    C N N 43  
ASN O    O N N 44  
ASN CB   C N N 45  
ASN CG   C N N 46  
ASN OD1  O N N 47  
ASN ND2  N N N 48  
ASN OXT  O N N 49  
ASN H    H N N 50  
ASN H2   H N N 51  
ASN HA   H N N 52  
ASN HB2  H N N 53  
ASN HB3  H N N 54  
ASN HD21 H N N 55  
ASN HD22 H N N 56  
ASN HXT  H N N 57  
ASP N    N N N 58  
ASP CA   C N S 59  
ASP C    C N N 60  
ASP O    O N N 61  
ASP CB   C N N 62  
ASP CG   C N N 63  
ASP OD1  O N N 64  
ASP OD2  O N N 65  
ASP OXT  O N N 66  
ASP H    H N N 67  
ASP H2   H N N 68  
ASP HA   H N N 69  
ASP HB2  H N N 70  
ASP HB3  H N N 71  
ASP HD2  H N N 72  
ASP HXT  H N N 73  
CYS N    N N N 74  
CYS CA   C N R 75  
CYS C    C N N 76  
CYS O    O N N 77  
CYS CB   C N N 78  
CYS SG   S N N 79  
CYS OXT  O N N 80  
CYS H    H N N 81  
CYS H2   H N N 82  
CYS HA   H N N 83  
CYS HB2  H N N 84  
CYS HB3  H N N 85  
CYS HG   H N N 86  
CYS HXT  H N N 87  
GLN N    N N N 88  
GLN CA   C N S 89  
GLN C    C N N 90  
GLN O    O N N 91  
GLN CB   C N N 92  
GLN CG   C N N 93  
GLN CD   C N N 94  
GLN OE1  O N N 95  
GLN NE2  N N N 96  
GLN OXT  O N N 97  
GLN H    H N N 98  
GLN H2   H N N 99  
GLN HA   H N N 100 
GLN HB2  H N N 101 
GLN HB3  H N N 102 
GLN HG2  H N N 103 
GLN HG3  H N N 104 
GLN HE21 H N N 105 
GLN HE22 H N N 106 
GLN HXT  H N N 107 
GLU N    N N N 108 
GLU CA   C N S 109 
GLU C    C N N 110 
GLU O    O N N 111 
GLU CB   C N N 112 
GLU CG   C N N 113 
GLU CD   C N N 114 
GLU OE1  O N N 115 
GLU OE2  O N N 116 
GLU OXT  O N N 117 
GLU H    H N N 118 
GLU H2   H N N 119 
GLU HA   H N N 120 
GLU HB2  H N N 121 
GLU HB3  H N N 122 
GLU HG2  H N N 123 
GLU HG3  H N N 124 
GLU HE2  H N N 125 
GLU HXT  H N N 126 
GLY N    N N N 127 
GLY CA   C N N 128 
GLY C    C N N 129 
GLY O    O N N 130 
GLY OXT  O N N 131 
GLY H    H N N 132 
GLY H2   H N N 133 
GLY HA2  H N N 134 
GLY HA3  H N N 135 
GLY HXT  H N N 136 
HIS N    N N N 137 
HIS CA   C N S 138 
HIS C    C N N 139 
HIS O    O N N 140 
HIS CB   C N N 141 
HIS CG   C Y N 142 
HIS ND1  N Y N 143 
HIS CD2  C Y N 144 
HIS CE1  C Y N 145 
HIS NE2  N Y N 146 
HIS OXT  O N N 147 
HIS H    H N N 148 
HIS H2   H N N 149 
HIS HA   H N N 150 
HIS HB2  H N N 151 
HIS HB3  H N N 152 
HIS HD1  H N N 153 
HIS HD2  H N N 154 
HIS HE1  H N N 155 
HIS HE2  H N N 156 
HIS HXT  H N N 157 
HOH O    O N N 158 
HOH H1   H N N 159 
HOH H2   H N N 160 
ILE N    N N N 161 
ILE CA   C N S 162 
ILE C    C N N 163 
ILE O    O N N 164 
ILE CB   C N S 165 
ILE CG1  C N N 166 
ILE CG2  C N N 167 
ILE CD1  C N N 168 
ILE OXT  O N N 169 
ILE H    H N N 170 
ILE H2   H N N 171 
ILE HA   H N N 172 
ILE HB   H N N 173 
ILE HG12 H N N 174 
ILE HG13 H N N 175 
ILE HG21 H N N 176 
ILE HG22 H N N 177 
ILE HG23 H N N 178 
ILE HD11 H N N 179 
ILE HD12 H N N 180 
ILE HD13 H N N 181 
ILE HXT  H N N 182 
LEU N    N N N 183 
LEU CA   C N S 184 
LEU C    C N N 185 
LEU O    O N N 186 
LEU CB   C N N 187 
LEU CG   C N N 188 
LEU CD1  C N N 189 
LEU CD2  C N N 190 
LEU OXT  O N N 191 
LEU H    H N N 192 
LEU H2   H N N 193 
LEU HA   H N N 194 
LEU HB2  H N N 195 
LEU HB3  H N N 196 
LEU HG   H N N 197 
LEU HD11 H N N 198 
LEU HD12 H N N 199 
LEU HD13 H N N 200 
LEU HD21 H N N 201 
LEU HD22 H N N 202 
LEU HD23 H N N 203 
LEU HXT  H N N 204 
LYS N    N N N 205 
LYS CA   C N S 206 
LYS C    C N N 207 
LYS O    O N N 208 
LYS CB   C N N 209 
LYS CG   C N N 210 
LYS CD   C N N 211 
LYS CE   C N N 212 
LYS NZ   N N N 213 
LYS OXT  O N N 214 
LYS H    H N N 215 
LYS H2   H N N 216 
LYS HA   H N N 217 
LYS HB2  H N N 218 
LYS HB3  H N N 219 
LYS HG2  H N N 220 
LYS HG3  H N N 221 
LYS HD2  H N N 222 
LYS HD3  H N N 223 
LYS HE2  H N N 224 
LYS HE3  H N N 225 
LYS HZ1  H N N 226 
LYS HZ2  H N N 227 
LYS HZ3  H N N 228 
LYS HXT  H N N 229 
MET N    N N N 230 
MET CA   C N S 231 
MET C    C N N 232 
MET O    O N N 233 
MET CB   C N N 234 
MET CG   C N N 235 
MET SD   S N N 236 
MET CE   C N N 237 
MET OXT  O N N 238 
MET H    H N N 239 
MET H2   H N N 240 
MET HA   H N N 241 
MET HB2  H N N 242 
MET HB3  H N N 243 
MET HG2  H N N 244 
MET HG3  H N N 245 
MET HE1  H N N 246 
MET HE2  H N N 247 
MET HE3  H N N 248 
MET HXT  H N N 249 
PHE N    N N N 250 
PHE CA   C N S 251 
PHE C    C N N 252 
PHE O    O N N 253 
PHE CB   C N N 254 
PHE CG   C Y N 255 
PHE CD1  C Y N 256 
PHE CD2  C Y N 257 
PHE CE1  C Y N 258 
PHE CE2  C Y N 259 
PHE CZ   C Y N 260 
PHE OXT  O N N 261 
PHE H    H N N 262 
PHE H2   H N N 263 
PHE HA   H N N 264 
PHE HB2  H N N 265 
PHE HB3  H N N 266 
PHE HD1  H N N 267 
PHE HD2  H N N 268 
PHE HE1  H N N 269 
PHE HE2  H N N 270 
PHE HZ   H N N 271 
PHE HXT  H N N 272 
PRO N    N N N 273 
PRO CA   C N S 274 
PRO C    C N N 275 
PRO O    O N N 276 
PRO CB   C N N 277 
PRO CG   C N N 278 
PRO CD   C N N 279 
PRO OXT  O N N 280 
PRO H    H N N 281 
PRO HA   H N N 282 
PRO HB2  H N N 283 
PRO HB3  H N N 284 
PRO HG2  H N N 285 
PRO HG3  H N N 286 
PRO HD2  H N N 287 
PRO HD3  H N N 288 
PRO HXT  H N N 289 
SER N    N N N 290 
SER CA   C N S 291 
SER C    C N N 292 
SER O    O N N 293 
SER CB   C N N 294 
SER OG   O N N 295 
SER OXT  O N N 296 
SER H    H N N 297 
SER H2   H N N 298 
SER HA   H N N 299 
SER HB2  H N N 300 
SER HB3  H N N 301 
SER HG   H N N 302 
SER HXT  H N N 303 
THR N    N N N 304 
THR CA   C N S 305 
THR C    C N N 306 
THR O    O N N 307 
THR CB   C N R 308 
THR OG1  O N N 309 
THR CG2  C N N 310 
THR OXT  O N N 311 
THR H    H N N 312 
THR H2   H N N 313 
THR HA   H N N 314 
THR HB   H N N 315 
THR HG1  H N N 316 
THR HG21 H N N 317 
THR HG22 H N N 318 
THR HG23 H N N 319 
THR HXT  H N N 320 
TRP N    N N N 321 
TRP CA   C N S 322 
TRP C    C N N 323 
TRP O    O N N 324 
TRP CB   C N N 325 
TRP CG   C Y N 326 
TRP CD1  C Y N 327 
TRP CD2  C Y N 328 
TRP NE1  N Y N 329 
TRP CE2  C Y N 330 
TRP CE3  C Y N 331 
TRP CZ2  C Y N 332 
TRP CZ3  C Y N 333 
TRP CH2  C Y N 334 
TRP OXT  O N N 335 
TRP H    H N N 336 
TRP H2   H N N 337 
TRP HA   H N N 338 
TRP HB2  H N N 339 
TRP HB3  H N N 340 
TRP HD1  H N N 341 
TRP HE1  H N N 342 
TRP HE3  H N N 343 
TRP HZ2  H N N 344 
TRP HZ3  H N N 345 
TRP HH2  H N N 346 
TRP HXT  H N N 347 
TYR N    N N N 348 
TYR CA   C N S 349 
TYR C    C N N 350 
TYR O    O N N 351 
TYR CB   C N N 352 
TYR CG   C Y N 353 
TYR CD1  C Y N 354 
TYR CD2  C Y N 355 
TYR CE1  C Y N 356 
TYR CE2  C Y N 357 
TYR CZ   C Y N 358 
TYR OH   O N N 359 
TYR OXT  O N N 360 
TYR H    H N N 361 
TYR H2   H N N 362 
TYR HA   H N N 363 
TYR HB2  H N N 364 
TYR HB3  H N N 365 
TYR HD1  H N N 366 
TYR HD2  H N N 367 
TYR HE1  H N N 368 
TYR HE2  H N N 369 
TYR HH   H N N 370 
TYR HXT  H N N 371 
VAL N    N N N 372 
VAL CA   C N S 373 
VAL C    C N N 374 
VAL O    O N N 375 
VAL CB   C N N 376 
VAL CG1  C N N 377 
VAL CG2  C N N 378 
VAL OXT  O N N 379 
VAL H    H N N 380 
VAL H2   H N N 381 
VAL HA   H N N 382 
VAL HB   H N N 383 
VAL HG11 H N N 384 
VAL HG12 H N N 385 
VAL HG13 H N N 386 
VAL HG21 H N N 387 
VAL HG22 H N N 388 
VAL HG23 H N N 389 
VAL HXT  H N N 390 
# 
loop_
_chem_comp_bond.comp_id 
_chem_comp_bond.atom_id_1 
_chem_comp_bond.atom_id_2 
_chem_comp_bond.value_order 
_chem_comp_bond.pdbx_aromatic_flag 
_chem_comp_bond.pdbx_stereo_config 
_chem_comp_bond.pdbx_ordinal 
ALA N   CA   sing N N 1   
ALA N   H    sing N N 2   
ALA N   H2   sing N N 3   
ALA CA  C    sing N N 4   
ALA CA  CB   sing N N 5   
ALA CA  HA   sing N N 6   
ALA C   O    doub N N 7   
ALA C   OXT  sing N N 8   
ALA CB  HB1  sing N N 9   
ALA CB  HB2  sing N N 10  
ALA CB  HB3  sing N N 11  
ALA OXT HXT  sing N N 12  
ARG N   CA   sing N N 13  
ARG N   H    sing N N 14  
ARG N   H2   sing N N 15  
ARG CA  C    sing N N 16  
ARG CA  CB   sing N N 17  
ARG CA  HA   sing N N 18  
ARG C   O    doub N N 19  
ARG C   OXT  sing N N 20  
ARG CB  CG   sing N N 21  
ARG CB  HB2  sing N N 22  
ARG CB  HB3  sing N N 23  
ARG CG  CD   sing N N 24  
ARG CG  HG2  sing N N 25  
ARG CG  HG3  sing N N 26  
ARG CD  NE   sing N N 27  
ARG CD  HD2  sing N N 28  
ARG CD  HD3  sing N N 29  
ARG NE  CZ   sing N N 30  
ARG NE  HE   sing N N 31  
ARG CZ  NH1  sing N N 32  
ARG CZ  NH2  doub N N 33  
ARG NH1 HH11 sing N N 34  
ARG NH1 HH12 sing N N 35  
ARG NH2 HH21 sing N N 36  
ARG NH2 HH22 sing N N 37  
ARG OXT HXT  sing N N 38  
ASN N   CA   sing N N 39  
ASN N   H    sing N N 40  
ASN N   H2   sing N N 41  
ASN CA  C    sing N N 42  
ASN CA  CB   sing N N 43  
ASN CA  HA   sing N N 44  
ASN C   O    doub N N 45  
ASN C   OXT  sing N N 46  
ASN CB  CG   sing N N 47  
ASN CB  HB2  sing N N 48  
ASN CB  HB3  sing N N 49  
ASN CG  OD1  doub N N 50  
ASN CG  ND2  sing N N 51  
ASN ND2 HD21 sing N N 52  
ASN ND2 HD22 sing N N 53  
ASN OXT HXT  sing N N 54  
ASP N   CA   sing N N 55  
ASP N   H    sing N N 56  
ASP N   H2   sing N N 57  
ASP CA  C    sing N N 58  
ASP CA  CB   sing N N 59  
ASP CA  HA   sing N N 60  
ASP C   O    doub N N 61  
ASP C   OXT  sing N N 62  
ASP CB  CG   sing N N 63  
ASP CB  HB2  sing N N 64  
ASP CB  HB3  sing N N 65  
ASP CG  OD1  doub N N 66  
ASP CG  OD2  sing N N 67  
ASP OD2 HD2  sing N N 68  
ASP OXT HXT  sing N N 69  
CYS N   CA   sing N N 70  
CYS N   H    sing N N 71  
CYS N   H2   sing N N 72  
CYS CA  C    sing N N 73  
CYS CA  CB   sing N N 74  
CYS CA  HA   sing N N 75  
CYS C   O    doub N N 76  
CYS C   OXT  sing N N 77  
CYS CB  SG   sing N N 78  
CYS CB  HB2  sing N N 79  
CYS CB  HB3  sing N N 80  
CYS SG  HG   sing N N 81  
CYS OXT HXT  sing N N 82  
GLN N   CA   sing N N 83  
GLN N   H    sing N N 84  
GLN N   H2   sing N N 85  
GLN CA  C    sing N N 86  
GLN CA  CB   sing N N 87  
GLN CA  HA   sing N N 88  
GLN C   O    doub N N 89  
GLN C   OXT  sing N N 90  
GLN CB  CG   sing N N 91  
GLN CB  HB2  sing N N 92  
GLN CB  HB3  sing N N 93  
GLN CG  CD   sing N N 94  
GLN CG  HG2  sing N N 95  
GLN CG  HG3  sing N N 96  
GLN CD  OE1  doub N N 97  
GLN CD  NE2  sing N N 98  
GLN NE2 HE21 sing N N 99  
GLN NE2 HE22 sing N N 100 
GLN OXT HXT  sing N N 101 
GLU N   CA   sing N N 102 
GLU N   H    sing N N 103 
GLU N   H2   sing N N 104 
GLU CA  C    sing N N 105 
GLU CA  CB   sing N N 106 
GLU CA  HA   sing N N 107 
GLU C   O    doub N N 108 
GLU C   OXT  sing N N 109 
GLU CB  CG   sing N N 110 
GLU CB  HB2  sing N N 111 
GLU CB  HB3  sing N N 112 
GLU CG  CD   sing N N 113 
GLU CG  HG2  sing N N 114 
GLU CG  HG3  sing N N 115 
GLU CD  OE1  doub N N 116 
GLU CD  OE2  sing N N 117 
GLU OE2 HE2  sing N N 118 
GLU OXT HXT  sing N N 119 
GLY N   CA   sing N N 120 
GLY N   H    sing N N 121 
GLY N   H2   sing N N 122 
GLY CA  C    sing N N 123 
GLY CA  HA2  sing N N 124 
GLY CA  HA3  sing N N 125 
GLY C   O    doub N N 126 
GLY C   OXT  sing N N 127 
GLY OXT HXT  sing N N 128 
HIS N   CA   sing N N 129 
HIS N   H    sing N N 130 
HIS N   H2   sing N N 131 
HIS CA  C    sing N N 132 
HIS CA  CB   sing N N 133 
HIS CA  HA   sing N N 134 
HIS C   O    doub N N 135 
HIS C   OXT  sing N N 136 
HIS CB  CG   sing N N 137 
HIS CB  HB2  sing N N 138 
HIS CB  HB3  sing N N 139 
HIS CG  ND1  sing Y N 140 
HIS CG  CD2  doub Y N 141 
HIS ND1 CE1  doub Y N 142 
HIS ND1 HD1  sing N N 143 
HIS CD2 NE2  sing Y N 144 
HIS CD2 HD2  sing N N 145 
HIS CE1 NE2  sing Y N 146 
HIS CE1 HE1  sing N N 147 
HIS NE2 HE2  sing N N 148 
HIS OXT HXT  sing N N 149 
HOH O   H1   sing N N 150 
HOH O   H2   sing N N 151 
ILE N   CA   sing N N 152 
ILE N   H    sing N N 153 
ILE N   H2   sing N N 154 
ILE CA  C    sing N N 155 
ILE CA  CB   sing N N 156 
ILE CA  HA   sing N N 157 
ILE C   O    doub N N 158 
ILE C   OXT  sing N N 159 
ILE CB  CG1  sing N N 160 
ILE CB  CG2  sing N N 161 
ILE CB  HB   sing N N 162 
ILE CG1 CD1  sing N N 163 
ILE CG1 HG12 sing N N 164 
ILE CG1 HG13 sing N N 165 
ILE CG2 HG21 sing N N 166 
ILE CG2 HG22 sing N N 167 
ILE CG2 HG23 sing N N 168 
ILE CD1 HD11 sing N N 169 
ILE CD1 HD12 sing N N 170 
ILE CD1 HD13 sing N N 171 
ILE OXT HXT  sing N N 172 
LEU N   CA   sing N N 173 
LEU N   H    sing N N 174 
LEU N   H2   sing N N 175 
LEU CA  C    sing N N 176 
LEU CA  CB   sing N N 177 
LEU CA  HA   sing N N 178 
LEU C   O    doub N N 179 
LEU C   OXT  sing N N 180 
LEU CB  CG   sing N N 181 
LEU CB  HB2  sing N N 182 
LEU CB  HB3  sing N N 183 
LEU CG  CD1  sing N N 184 
LEU CG  CD2  sing N N 185 
LEU CG  HG   sing N N 186 
LEU CD1 HD11 sing N N 187 
LEU CD1 HD12 sing N N 188 
LEU CD1 HD13 sing N N 189 
LEU CD2 HD21 sing N N 190 
LEU CD2 HD22 sing N N 191 
LEU CD2 HD23 sing N N 192 
LEU OXT HXT  sing N N 193 
LYS N   CA   sing N N 194 
LYS N   H    sing N N 195 
LYS N   H2   sing N N 196 
LYS CA  C    sing N N 197 
LYS CA  CB   sing N N 198 
LYS CA  HA   sing N N 199 
LYS C   O    doub N N 200 
LYS C   OXT  sing N N 201 
LYS CB  CG   sing N N 202 
LYS CB  HB2  sing N N 203 
LYS CB  HB3  sing N N 204 
LYS CG  CD   sing N N 205 
LYS CG  HG2  sing N N 206 
LYS CG  HG3  sing N N 207 
LYS CD  CE   sing N N 208 
LYS CD  HD2  sing N N 209 
LYS CD  HD3  sing N N 210 
LYS CE  NZ   sing N N 211 
LYS CE  HE2  sing N N 212 
LYS CE  HE3  sing N N 213 
LYS NZ  HZ1  sing N N 214 
LYS NZ  HZ2  sing N N 215 
LYS NZ  HZ3  sing N N 216 
LYS OXT HXT  sing N N 217 
MET N   CA   sing N N 218 
MET N   H    sing N N 219 
MET N   H2   sing N N 220 
MET CA  C    sing N N 221 
MET CA  CB   sing N N 222 
MET CA  HA   sing N N 223 
MET C   O    doub N N 224 
MET C   OXT  sing N N 225 
MET CB  CG   sing N N 226 
MET CB  HB2  sing N N 227 
MET CB  HB3  sing N N 228 
MET CG  SD   sing N N 229 
MET CG  HG2  sing N N 230 
MET CG  HG3  sing N N 231 
MET SD  CE   sing N N 232 
MET CE  HE1  sing N N 233 
MET CE  HE2  sing N N 234 
MET CE  HE3  sing N N 235 
MET OXT HXT  sing N N 236 
PHE N   CA   sing N N 237 
PHE N   H    sing N N 238 
PHE N   H2   sing N N 239 
PHE CA  C    sing N N 240 
PHE CA  CB   sing N N 241 
PHE CA  HA   sing N N 242 
PHE C   O    doub N N 243 
PHE C   OXT  sing N N 244 
PHE CB  CG   sing N N 245 
PHE CB  HB2  sing N N 246 
PHE CB  HB3  sing N N 247 
PHE CG  CD1  doub Y N 248 
PHE CG  CD2  sing Y N 249 
PHE CD1 CE1  sing Y N 250 
PHE CD1 HD1  sing N N 251 
PHE CD2 CE2  doub Y N 252 
PHE CD2 HD2  sing N N 253 
PHE CE1 CZ   doub Y N 254 
PHE CE1 HE1  sing N N 255 
PHE CE2 CZ   sing Y N 256 
PHE CE2 HE2  sing N N 257 
PHE CZ  HZ   sing N N 258 
PHE OXT HXT  sing N N 259 
PRO N   CA   sing N N 260 
PRO N   CD   sing N N 261 
PRO N   H    sing N N 262 
PRO CA  C    sing N N 263 
PRO CA  CB   sing N N 264 
PRO CA  HA   sing N N 265 
PRO C   O    doub N N 266 
PRO C   OXT  sing N N 267 
PRO CB  CG   sing N N 268 
PRO CB  HB2  sing N N 269 
PRO CB  HB3  sing N N 270 
PRO CG  CD   sing N N 271 
PRO CG  HG2  sing N N 272 
PRO CG  HG3  sing N N 273 
PRO CD  HD2  sing N N 274 
PRO CD  HD3  sing N N 275 
PRO OXT HXT  sing N N 276 
SER N   CA   sing N N 277 
SER N   H    sing N N 278 
SER N   H2   sing N N 279 
SER CA  C    sing N N 280 
SER CA  CB   sing N N 281 
SER CA  HA   sing N N 282 
SER C   O    doub N N 283 
SER C   OXT  sing N N 284 
SER CB  OG   sing N N 285 
SER CB  HB2  sing N N 286 
SER CB  HB3  sing N N 287 
SER OG  HG   sing N N 288 
SER OXT HXT  sing N N 289 
THR N   CA   sing N N 290 
THR N   H    sing N N 291 
THR N   H2   sing N N 292 
THR CA  C    sing N N 293 
THR CA  CB   sing N N 294 
THR CA  HA   sing N N 295 
THR C   O    doub N N 296 
THR C   OXT  sing N N 297 
THR CB  OG1  sing N N 298 
THR CB  CG2  sing N N 299 
THR CB  HB   sing N N 300 
THR OG1 HG1  sing N N 301 
THR CG2 HG21 sing N N 302 
THR CG2 HG22 sing N N 303 
THR CG2 HG23 sing N N 304 
THR OXT HXT  sing N N 305 
TRP N   CA   sing N N 306 
TRP N   H    sing N N 307 
TRP N   H2   sing N N 308 
TRP CA  C    sing N N 309 
TRP CA  CB   sing N N 310 
TRP CA  HA   sing N N 311 
TRP C   O    doub N N 312 
TRP C   OXT  sing N N 313 
TRP CB  CG   sing N N 314 
TRP CB  HB2  sing N N 315 
TRP CB  HB3  sing N N 316 
TRP CG  CD1  doub Y N 317 
TRP CG  CD2  sing Y N 318 
TRP CD1 NE1  sing Y N 319 
TRP CD1 HD1  sing N N 320 
TRP CD2 CE2  doub Y N 321 
TRP CD2 CE3  sing Y N 322 
TRP NE1 CE2  sing Y N 323 
TRP NE1 HE1  sing N N 324 
TRP CE2 CZ2  sing Y N 325 
TRP CE3 CZ3  doub Y N 326 
TRP CE3 HE3  sing N N 327 
TRP CZ2 CH2  doub Y N 328 
TRP CZ2 HZ2  sing N N 329 
TRP CZ3 CH2  sing Y N 330 
TRP CZ3 HZ3  sing N N 331 
TRP CH2 HH2  sing N N 332 
TRP OXT HXT  sing N N 333 
TYR N   CA   sing N N 334 
TYR N   H    sing N N 335 
TYR N   H2   sing N N 336 
TYR CA  C    sing N N 337 
TYR CA  CB   sing N N 338 
TYR CA  HA   sing N N 339 
TYR C   O    doub N N 340 
TYR C   OXT  sing N N 341 
TYR CB  CG   sing N N 342 
TYR CB  HB2  sing N N 343 
TYR CB  HB3  sing N N 344 
TYR CG  CD1  doub Y N 345 
TYR CG  CD2  sing Y N 346 
TYR CD1 CE1  sing Y N 347 
TYR CD1 HD1  sing N N 348 
TYR CD2 CE2  doub Y N 349 
TYR CD2 HD2  sing N N 350 
TYR CE1 CZ   doub Y N 351 
TYR CE1 HE1  sing N N 352 
TYR CE2 CZ   sing Y N 353 
TYR CE2 HE2  sing N N 354 
TYR CZ  OH   sing N N 355 
TYR OH  HH   sing N N 356 
TYR OXT HXT  sing N N 357 
VAL N   CA   sing N N 358 
VAL N   H    sing N N 359 
VAL N   H2   sing N N 360 
VAL CA  C    sing N N 361 
VAL CA  CB   sing N N 362 
VAL CA  HA   sing N N 363 
VAL C   O    doub N N 364 
VAL C   OXT  sing N N 365 
VAL CB  CG1  sing N N 366 
VAL CB  CG2  sing N N 367 
VAL CB  HB   sing N N 368 
VAL CG1 HG11 sing N N 369 
VAL CG1 HG12 sing N N 370 
VAL CG1 HG13 sing N N 371 
VAL CG2 HG21 sing N N 372 
VAL CG2 HG22 sing N N 373 
VAL CG2 HG23 sing N N 374 
VAL OXT HXT  sing N N 375 
# 
_atom_sites.entry_id                    3B21 
_atom_sites.fract_transf_matrix[1][1]   -0.00583069 
_atom_sites.fract_transf_matrix[1][2]   -0.00783195 
_atom_sites.fract_transf_matrix[1][3]   -0.01108359 
_atom_sites.fract_transf_matrix[2][1]   0.00596930 
_atom_sites.fract_transf_matrix[2][2]   0.00572868 
_atom_sites.fract_transf_matrix[2][3]   -0.00718827 
_atom_sites.fract_transf_matrix[3][1]   0.01090408 
_atom_sites.fract_transf_matrix[3][2]   -0.00983739 
_atom_sites.fract_transf_matrix[3][3]   0.00121510 
_atom_sites.fract_transf_vector[1]      0.232331 
_atom_sites.fract_transf_vector[2]      0.242611 
_atom_sites.fract_transf_vector[3]      0.043728 
# 
loop_
_atom_type.symbol 
C 
N 
O 
S 
# 
loop_
_atom_site.group_PDB 
_atom_site.id 
_atom_site.type_symbol 
_atom_site.label_atom_id 
_atom_site.label_alt_id 
_atom_site.label_comp_id 
_atom_site.label_asym_id 
_atom_site.label_entity_id 
_atom_site.label_seq_id 
_atom_site.pdbx_PDB_ins_code 
_atom_site.Cartn_x 
_atom_site.Cartn_y 
_atom_site.Cartn_z 
_atom_site.occupancy 
_atom_site.B_iso_or_equiv 
_atom_site.pdbx_formal_charge 
_atom_site.auth_seq_id 
_atom_site.auth_comp_id 
_atom_site.auth_asym_id 
_atom_site.auth_atom_id 
_atom_site.pdbx_PDB_model_num 
ATOM   1    N N   . ASN A 1 29  ? -8.382  -18.867 9.112   1.00 36.01 ? 21  ASN A N   1 
ATOM   2    C CA  . ASN A 1 29  ? -7.428  -17.729 8.899   1.00 36.91 ? 21  ASN A CA  1 
ATOM   3    C C   . ASN A 1 29  ? -7.055  -17.521 7.429   1.00 35.76 ? 21  ASN A C   1 
ATOM   4    O O   . ASN A 1 29  ? -6.602  -18.446 6.753   1.00 35.00 ? 21  ASN A O   1 
ATOM   5    C CB  . ASN A 1 29  ? -6.160  -17.903 9.746   1.00 37.49 ? 21  ASN A CB  1 
ATOM   6    C CG  . ASN A 1 29  ? -6.324  -17.381 11.172  1.00 42.02 ? 21  ASN A CG  1 
ATOM   7    O OD1 . ASN A 1 29  ? -7.383  -16.877 11.545  1.00 40.40 ? 21  ASN A OD1 1 
ATOM   8    N ND2 . ASN A 1 29  ? -5.270  -17.499 11.971  1.00 40.50 ? 21  ASN A ND2 1 
ATOM   9    N N   . VAL A 1 30  ? -7.244  -16.293 6.948   1.00 34.50 ? 22  VAL A N   1 
ATOM   10   C CA  . VAL A 1 30  ? -6.957  -15.930 5.557   1.00 32.59 ? 22  VAL A CA  1 
ATOM   11   C C   . VAL A 1 30  ? -5.511  -16.220 5.145   1.00 28.84 ? 22  VAL A C   1 
ATOM   12   O O   . VAL A 1 30  ? -4.576  -15.794 5.817   1.00 29.13 ? 22  VAL A O   1 
ATOM   13   C CB  . VAL A 1 30  ? -7.234  -14.430 5.314   1.00 31.53 ? 22  VAL A CB  1 
ATOM   14   C CG1 . VAL A 1 30  ? -6.864  -14.044 3.891   1.00 33.80 ? 22  VAL A CG1 1 
ATOM   15   C CG2 . VAL A 1 30  ? -8.699  -14.097 5.612   1.00 33.83 ? 22  VAL A CG2 1 
ATOM   16   N N   . ASN A 1 31  ? -5.337  -16.926 4.030   1.00 26.77 ? 23  ASN A N   1 
ATOM   17   C CA  . ASN A 1 31  ? -4.001  -17.256 3.517   1.00 25.13 ? 23  ASN A CA  1 
ATOM   18   C C   . ASN A 1 31  ? -3.670  -16.426 2.270   1.00 23.00 ? 23  ASN A C   1 
ATOM   19   O O   . ASN A 1 31  ? -4.215  -16.665 1.191   1.00 21.20 ? 23  ASN A O   1 
ATOM   20   C CB  . ASN A 1 31  ? -3.898  -18.758 3.211   1.00 25.81 ? 23  ASN A CB  1 
ATOM   21   C CG  . ASN A 1 31  ? -2.503  -19.180 2.759   1.00 25.53 ? 23  ASN A CG  1 
ATOM   22   O OD1 . ASN A 1 31  ? -1.848  -18.490 1.984   1.00 31.16 ? 23  ASN A OD1 1 
ATOM   23   N ND2 . ASN A 1 31  ? -2.056  -20.337 3.230   1.00 33.74 ? 23  ASN A ND2 1 
ATOM   24   N N   . VAL A 1 32  ? -2.786  -15.446 2.422   1.00 20.28 ? 24  VAL A N   1 
ATOM   25   C CA  . VAL A 1 32  ? -2.493  -14.517 1.327   1.00 19.46 ? 24  VAL A CA  1 
ATOM   26   C C   . VAL A 1 32  ? -1.887  -15.239 0.128   1.00 19.17 ? 24  VAL A C   1 
ATOM   27   O O   . VAL A 1 32  ? -2.173  -14.910 -1.021  1.00 16.24 ? 24  VAL A O   1 
ATOM   28   C CB  . VAL A 1 32  ? -1.566  -13.375 1.776   1.00 19.11 ? 24  VAL A CB  1 
ATOM   29   C CG1 . VAL A 1 32  ? -1.167  -12.520 0.593   1.00 16.32 ? 24  VAL A CG1 1 
ATOM   30   C CG2 . VAL A 1 32  ? -2.258  -12.535 2.843   1.00 18.61 ? 24  VAL A CG2 1 
ATOM   31   N N   . LYS A 1 33  ? -1.058  -16.238 0.389   1.00 18.09 ? 25  LYS A N   1 
ATOM   32   C CA  . LYS A 1 33  ? -0.396  -16.920 -0.703  1.00 20.24 ? 25  LYS A CA  1 
ATOM   33   C C   . LYS A 1 33  ? -1.412  -17.672 -1.568  1.00 21.09 ? 25  LYS A C   1 
ATOM   34   O O   . LYS A 1 33  ? -1.227  -17.792 -2.775  1.00 19.77 ? 25  LYS A O   1 
ATOM   35   C CB  . LYS A 1 33  ? 0.674   -17.853 -0.162  1.00 21.66 ? 25  LYS A CB  1 
ATOM   36   C CG  . LYS A 1 33  ? 1.972   -17.761 -0.921  1.00 29.55 ? 25  LYS A CG  1 
ATOM   37   C CD  . LYS A 1 33  ? 3.144   -18.049 0.000   1.00 37.52 ? 25  LYS A CD  1 
ATOM   38   C CE  . LYS A 1 33  ? 4.440   -17.554 -0.615  1.00 39.35 ? 25  LYS A CE  1 
ATOM   39   N NZ  . LYS A 1 33  ? 5.600   -17.878 0.251   1.00 39.59 ? 25  LYS A NZ  1 
ATOM   40   N N   . LYS A 1 34  ? -2.482  -18.172 -0.948  1.00 21.08 ? 26  LYS A N   1 
ATOM   41   C CA  . LYS A 1 34  ? -3.575  -18.814 -1.686  1.00 23.53 ? 26  LYS A CA  1 
ATOM   42   C C   . LYS A 1 34  ? -4.323  -17.802 -2.550  1.00 21.69 ? 26  LYS A C   1 
ATOM   43   O O   . LYS A 1 34  ? -4.618  -18.072 -3.718  1.00 20.57 ? 26  LYS A O   1 
ATOM   44   C CB  . LYS A 1 34  ? -4.558  -19.496 -0.729  1.00 24.31 ? 26  LYS A CB  1 
ATOM   45   C CG  . LYS A 1 34  ? -4.457  -21.009 -0.687  1.00 34.31 ? 26  LYS A CG  1 
ATOM   46   C CD  . LYS A 1 34  ? -3.120  -21.482 -0.129  1.00 44.45 ? 26  LYS A CD  1 
ATOM   47   C CE  . LYS A 1 34  ? -3.162  -22.970 0.194   1.00 45.09 ? 26  LYS A CE  1 
ATOM   48   N NZ  . LYS A 1 34  ? -4.329  -23.280 1.069   1.00 45.35 ? 26  LYS A NZ  1 
ATOM   49   N N   . LEU A 1 35  ? -4.631  -16.642 -1.968  1.00 19.79 ? 27  LEU A N   1 
ATOM   50   C CA  . LEU A 1 35  ? -5.220  -15.529 -2.723  1.00 17.69 ? 27  LEU A CA  1 
ATOM   51   C C   . LEU A 1 35  ? -4.404  -15.220 -3.975  1.00 18.09 ? 27  LEU A C   1 
ATOM   52   O O   . LEU A 1 35  ? -4.958  -15.088 -5.066  1.00 17.40 ? 27  LEU A O   1 
ATOM   53   C CB  . LEU A 1 35  ? -5.320  -14.270 -1.850  1.00 17.88 ? 27  LEU A CB  1 
ATOM   54   C CG  . LEU A 1 35  ? -6.205  -14.380 -0.605  1.00 21.47 ? 27  LEU A CG  1 
ATOM   55   C CD1 . LEU A 1 35  ? -6.179  -13.083 0.205   1.00 21.87 ? 27  LEU A CD1 1 
ATOM   56   C CD2 . LEU A 1 35  ? -7.625  -14.756 -0.995  1.00 24.00 ? 27  LEU A CD2 1 
ATOM   57   N N   . LEU A 1 36  ? -3.087  -15.106 -3.815  1.00 17.66 ? 28  LEU A N   1 
ATOM   58   C CA  . LEU A 1 36  ? -2.201  -14.784 -4.939  1.00 18.75 ? 28  LEU A CA  1 
ATOM   59   C C   . LEU A 1 36  ? -2.198  -15.867 -6.016  1.00 21.41 ? 28  LEU A C   1 
ATOM   60   O O   . LEU A 1 36  ? -2.163  -15.563 -7.210  1.00 22.67 ? 28  LEU A O   1 
ATOM   61   C CB  . LEU A 1 36  ? -0.771  -14.535 -4.452  1.00 16.15 ? 28  LEU A CB  1 
ATOM   62   C CG  . LEU A 1 36  ? -0.549  -13.281 -3.593  1.00 14.88 ? 28  LEU A CG  1 
ATOM   63   C CD1 . LEU A 1 36  ? 0.800   -13.334 -2.861  1.00 15.29 ? 28  LEU A CD1 1 
ATOM   64   C CD2 . LEU A 1 36  ? -0.647  -12.023 -4.444  1.00 15.58 ? 28  LEU A CD2 1 
ATOM   65   N N   . GLU A 1 37  ? -2.225  -17.128 -5.590  1.00 22.62 ? 29  GLU A N   1 
ATOM   66   C CA  . GLU A 1 37  ? -2.249  -18.250 -6.524  1.00 24.65 ? 29  GLU A CA  1 
ATOM   67   C C   . GLU A 1 37  ? -3.492  -18.177 -7.388  1.00 22.51 ? 29  GLU A C   1 
ATOM   68   O O   . GLU A 1 37  ? -3.415  -18.255 -8.606  1.00 23.45 ? 29  GLU A O   1 
ATOM   69   C CB  . GLU A 1 37  ? -2.253  -19.589 -5.780  1.00 24.32 ? 29  GLU A CB  1 
ATOM   70   C CG  . GLU A 1 37  ? -0.974  -19.914 -5.053  1.00 35.34 ? 29  GLU A CG  1 
ATOM   71   C CD  . GLU A 1 37  ? -1.020  -21.282 -4.387  1.00 47.12 ? 29  GLU A CD  1 
ATOM   72   O OE1 . GLU A 1 37  ? -1.655  -22.198 -4.956  1.00 50.59 ? 29  GLU A OE1 1 
ATOM   73   O OE2 . GLU A 1 37  ? -0.425  -21.438 -3.298  1.00 51.35 ? 29  GLU A OE2 1 
ATOM   74   N N   . SER A 1 38  ? -4.641  -18.047 -6.741  1.00 23.71 ? 30  SER A N   1 
ATOM   75   C CA  . SER A 1 38  ? -5.906  -17.969 -7.447  1.00 26.18 ? 30  SER A CA  1 
ATOM   76   C C   . SER A 1 38  ? -5.883  -16.803 -8.430  1.00 26.60 ? 30  SER A C   1 
ATOM   77   O O   . SER A 1 38  ? -6.177  -16.956 -9.620  1.00 25.09 ? 30  SER A O   1 
ATOM   78   C CB  . SER A 1 38  ? -7.050  -17.794 -6.448  1.00 27.19 ? 30  SER A CB  1 
ATOM   79   O OG  . SER A 1 38  ? -8.201  -17.271 -7.090  1.00 31.73 ? 30  SER A OG  1 
ATOM   80   N N   . LEU A 1 39  ? -5.504  -15.641 -7.916  1.00 25.77 ? 31  LEU A N   1 
ATOM   81   C CA  . LEU A 1 39  ? -5.497  -14.408 -8.681  1.00 26.14 ? 31  LEU A CA  1 
ATOM   82   C C   . LEU A 1 39  ? -4.613  -14.500 -9.918  1.00 27.29 ? 31  LEU A C   1 
ATOM   83   O O   . LEU A 1 39  ? -4.989  -14.026 -10.990 1.00 26.52 ? 31  LEU A O   1 
ATOM   84   C CB  . LEU A 1 39  ? -5.040  -13.257 -7.781  1.00 24.46 ? 31  LEU A CB  1 
ATOM   85   C CG  . LEU A 1 39  ? -5.330  -11.840 -8.252  1.00 26.15 ? 31  LEU A CG  1 
ATOM   86   C CD1 . LEU A 1 39  ? -6.771  -11.739 -8.707  1.00 25.84 ? 31  LEU A CD1 1 
ATOM   87   C CD2 . LEU A 1 39  ? -5.030  -10.851 -7.129  1.00 24.54 ? 31  LEU A CD2 1 
ATOM   88   N N   . ASN A 1 40  ? -3.437  -15.106 -9.779  1.00 29.72 ? 32  ASN A N   1 
ATOM   89   C CA  . ASN A 1 40  ? -2.494  -15.174 -10.898 1.00 30.92 ? 32  ASN A CA  1 
ATOM   90   C C   . ASN A 1 40  ? -2.841  -16.249 -11.929 1.00 30.73 ? 32  ASN A C   1 
ATOM   91   O O   . ASN A 1 40  ? -2.172  -16.379 -12.953 1.00 30.06 ? 32  ASN A O   1 
ATOM   92   C CB  . ASN A 1 40  ? -1.045  -15.317 -10.406 1.00 31.33 ? 32  ASN A CB  1 
ATOM   93   C CG  . ASN A 1 40  ? -0.455  -13.987 -9.929  1.00 36.69 ? 32  ASN A CG  1 
ATOM   94   O OD1 . ASN A 1 40  ? -0.036  -13.854 -8.771  1.00 32.23 ? 32  ASN A OD1 1 
ATOM   95   N ND2 . ASN A 1 40  ? -0.434  -12.996 -10.818 1.00 29.41 ? 32  ASN A ND2 1 
ATOM   96   N N   . SER A 1 41  ? -3.896  -17.008 -11.659 1.00 31.72 ? 33  SER A N   1 
ATOM   97   C CA  . SER A 1 41  ? -4.426  -17.949 -12.645 1.00 32.85 ? 33  SER A CA  1 
ATOM   98   C C   . SER A 1 41  ? -5.468  -17.293 -13.562 1.00 30.22 ? 33  SER A C   1 
ATOM   99   O O   . SER A 1 41  ? -6.064  -17.967 -14.405 1.00 32.31 ? 33  SER A O   1 
ATOM   100  C CB  . SER A 1 41  ? -5.048  -19.164 -11.951 1.00 33.00 ? 33  SER A CB  1 
ATOM   101  O OG  . SER A 1 41  ? -4.076  -19.869 -11.195 1.00 37.86 ? 33  SER A OG  1 
ATOM   102  N N   . LYS A 1 42  ? -5.685  -15.987 -13.397 1.00 27.20 ? 34  LYS A N   1 
ATOM   103  C CA  . LYS A 1 42  ? -6.739  -15.276 -14.132 1.00 22.78 ? 34  LYS A CA  1 
ATOM   104  C C   . LYS A 1 42  ? -6.276  -14.499 -15.370 1.00 21.11 ? 34  LYS A C   1 
ATOM   105  O O   . LYS A 1 42  ? -5.197  -13.897 -15.392 1.00 18.40 ? 34  LYS A O   1 
ATOM   106  C CB  . LYS A 1 42  ? -7.513  -14.345 -13.196 1.00 21.07 ? 34  LYS A CB  1 
ATOM   107  C CG  . LYS A 1 42  ? -8.368  -15.070 -12.169 1.00 25.93 ? 34  LYS A CG  1 
ATOM   108  C CD  . LYS A 1 42  ? -9.269  -14.112 -11.399 1.00 27.27 ? 34  LYS A CD  1 
ATOM   109  C CE  . LYS A 1 42  ? -10.181 -14.857 -10.424 1.00 30.12 ? 34  LYS A CE  1 
ATOM   110  N NZ  . LYS A 1 42  ? -11.173 -13.928 -9.788  1.00 28.79 ? 34  LYS A NZ  1 
ATOM   111  N N   . SER A 1 43  ? -7.117  -14.522 -16.401 1.00 19.15 ? 35  SER A N   1 
ATOM   112  C CA  . SER A 1 43  ? -6.955  -13.672 -17.568 1.00 17.30 ? 35  SER A CA  1 
ATOM   113  C C   . SER A 1 43  ? -7.407  -12.242 -17.220 1.00 17.63 ? 35  SER A C   1 
ATOM   114  O O   . SER A 1 43  ? -8.452  -11.759 -17.687 1.00 16.25 ? 35  SER A O   1 
ATOM   115  C CB  . SER A 1 43  ? -7.768  -14.218 -18.735 1.00 17.79 ? 35  SER A CB  1 
ATOM   116  O OG  . SER A 1 43  ? -7.695  -13.343 -19.846 1.00 25.54 ? 35  SER A OG  1 
ATOM   117  N N   . LEU A 1 44  ? -6.617  -11.594 -16.368 1.00 16.08 ? 36  LEU A N   1 
ATOM   118  C CA  . LEU A 1 44  ? -6.851  -10.217 -15.916 1.00 14.44 ? 36  LEU A CA  1 
ATOM   119  C C   . LEU A 1 44  ? -5.539  -9.453  -16.000 1.00 13.79 ? 36  LEU A C   1 
ATOM   120  O O   . LEU A 1 44  ? -4.475  -9.995  -15.662 1.00 11.36 ? 36  LEU A O   1 
ATOM   121  C CB  . LEU A 1 44  ? -7.334  -10.190 -14.461 1.00 14.44 ? 36  LEU A CB  1 
ATOM   122  C CG  . LEU A 1 44  ? -8.791  -10.547 -14.145 1.00 16.82 ? 36  LEU A CG  1 
ATOM   123  C CD1 . LEU A 1 44  ? -8.978  -10.644 -12.644 1.00 22.16 ? 36  LEU A CD1 1 
ATOM   124  C CD2 . LEU A 1 44  ? -9.733  -9.503  -14.731 1.00 15.74 ? 36  LEU A CD2 1 
ATOM   125  N N   . GLY A 1 45  ? -5.613  -8.197  -16.425 1.00 11.54 ? 37  GLY A N   1 
ATOM   126  C CA  . GLY A 1 45  ? -4.426  -7.353  -16.503 1.00 12.85 ? 37  GLY A CA  1 
ATOM   127  C C   . GLY A 1 45  ? -3.864  -7.078  -15.121 1.00 11.20 ? 37  GLY A C   1 
ATOM   128  O O   . GLY A 1 45  ? -4.529  -7.306  -14.114 1.00 10.18 ? 37  GLY A O   1 
ATOM   129  N N   . ASP A 1 46  ? -2.637  -6.582  -15.073 1.00 12.92 ? 38  ASP A N   1 
ATOM   130  C CA  . ASP A 1 46  ? -1.989  -6.256  -13.799 1.00 12.63 ? 38  ASP A CA  1 
ATOM   131  C C   . ASP A 1 46  ? -2.787  -5.297  -12.898 1.00 11.17 ? 38  ASP A C   1 
ATOM   132  O O   . ASP A 1 46  ? -2.849  -5.500  -11.692 1.00 10.29 ? 38  ASP A O   1 
ATOM   133  C CB  . ASP A 1 46  ? -0.587  -5.717  -14.057 1.00 14.30 ? 38  ASP A CB  1 
ATOM   134  C CG  . ASP A 1 46  ? 0.368   -6.803  -14.536 1.00 18.74 ? 38  ASP A CG  1 
ATOM   135  O OD1 . ASP A 1 46  ? -0.056  -7.975  -14.620 1.00 21.14 ? 38  ASP A OD1 1 
ATOM   136  O OD2 . ASP A 1 46  ? 1.536   -6.493  -14.811 1.00 20.75 ? 38  ASP A OD2 1 
ATOM   137  N N   . MET A 1 47  ? -3.387  -4.249  -13.457 1.00 9.94  ? 39  MET A N   1 
ATOM   138  C CA  . MET A 1 47  ? -4.127  -3.305  -12.602 1.00 8.97  ? 39  MET A CA  1 
ATOM   139  C C   . MET A 1 47  ? -5.391  -3.928  -11.999 1.00 8.03  ? 39  MET A C   1 
ATOM   140  O O   . MET A 1 47  ? -5.736  -3.671  -10.840 1.00 7.74  ? 39  MET A O   1 
ATOM   141  C CB  . MET A 1 47  ? -4.438  -1.996  -13.342 1.00 10.37 ? 39  MET A CB  1 
ATOM   142  C CG  . MET A 1 47  ? -3.185  -1.159  -13.642 1.00 10.30 ? 39  MET A CG  1 
ATOM   143  S SD  . MET A 1 47  ? -3.535  0.468   -14.352 1.00 16.67 ? 39  MET A SD  1 
ATOM   144  C CE  . MET A 1 47  ? -4.294  1.303   -12.961 1.00 16.57 ? 39  MET A CE  1 
ATOM   145  N N   . ASP A 1 48  ? -6.080  -4.745  -12.784 1.00 7.79  ? 40  ASP A N   1 
ATOM   146  C CA  . ASP A 1 48  ? -7.297  -5.408  -12.330 1.00 8.23  ? 40  ASP A CA  1 
ATOM   147  C C   . ASP A 1 48  ? -6.967  -6.453  -11.264 1.00 8.81  ? 40  ASP A C   1 
ATOM   148  O O   . ASP A 1 48  ? -7.768  -6.706  -10.365 1.00 8.72  ? 40  ASP A O   1 
ATOM   149  C CB  . ASP A 1 48  ? -7.998  -6.096  -13.505 1.00 9.60  ? 40  ASP A CB  1 
ATOM   150  C CG  . ASP A 1 48  ? -8.950  -5.171  -14.249 1.00 10.40 ? 40  ASP A CG  1 
ATOM   151  O OD1 . ASP A 1 48  ? -9.233  -4.063  -13.747 1.00 16.57 ? 40  ASP A OD1 1 
ATOM   152  O OD2 . ASP A 1 48  ? -9.432  -5.565  -15.330 1.00 14.42 ? 40  ASP A OD2 1 
ATOM   153  N N   . LYS A 1 49  ? -5.796  -7.069  -11.386 1.00 8.35  ? 41  LYS A N   1 
ATOM   154  C CA  . LYS A 1 49  ? -5.327  -8.009  -10.364 1.00 10.65 ? 41  LYS A CA  1 
ATOM   155  C C   . LYS A 1 49  ? -5.098  -7.275  -9.061  1.00 9.15  ? 41  LYS A C   1 
ATOM   156  O O   . LYS A 1 49  ? -5.499  -7.754  -8.004  1.00 10.26 ? 41  LYS A O   1 
ATOM   157  C CB  . LYS A 1 49  ? -4.034  -8.710  -10.793 1.00 6.52  ? 41  LYS A CB  1 
ATOM   158  C CG  . LYS A 1 49  ? -4.247  -9.831  -11.797 1.00 15.95 ? 41  LYS A CG  1 
ATOM   159  C CD  . LYS A 1 49  ? -2.936  -10.513 -12.147 1.00 14.45 ? 41  LYS A CD  1 
ATOM   160  C CE  . LYS A 1 49  ? -3.171  -11.671 -13.111 1.00 16.50 ? 41  LYS A CE  1 
ATOM   161  N NZ  . LYS A 1 49  ? -1.871  -12.162 -13.658 1.00 21.17 ? 41  LYS A NZ  1 
ATOM   162  N N   . ASP A 1 50  ? -4.455  -6.111  -9.141  1.00 9.52  ? 42  ASP A N   1 
ATOM   163  C CA  . ASP A 1 50  ? -4.214  -5.301  -7.948  1.00 9.49  ? 42  ASP A CA  1 
ATOM   164  C C   . ASP A 1 50  ? -5.536  -4.877  -7.320  1.00 9.91  ? 42  ASP A C   1 
ATOM   165  O O   . ASP A 1 50  ? -5.696  -4.903  -6.093  1.00 9.83  ? 42  ASP A O   1 
ATOM   166  C CB  . ASP A 1 50  ? -3.391  -4.052  -8.287  1.00 11.35 ? 42  ASP A CB  1 
ATOM   167  C CG  . ASP A 1 50  ? -1.930  -4.357  -8.549  1.00 11.96 ? 42  ASP A CG  1 
ATOM   168  O OD1 . ASP A 1 50  ? -1.518  -5.526  -8.395  1.00 15.31 ? 42  ASP A OD1 1 
ATOM   169  O OD2 . ASP A 1 50  ? -1.189  -3.419  -8.921  1.00 13.69 ? 42  ASP A OD2 1 
ATOM   170  N N   . SER A 1 51  ? -6.482  -4.468  -8.163  1.00 9.52  ? 43  SER A N   1 
ATOM   171  C CA  . SER A 1 51  ? -7.790  -4.038  -7.685  1.00 11.20 ? 43  SER A CA  1 
ATOM   172  C C   . SER A 1 51  ? -8.536  -5.163  -6.980  1.00 11.32 ? 43  SER A C   1 
ATOM   173  O O   . SER A 1 51  ? -9.219  -4.937  -5.974  1.00 9.35  ? 43  SER A O   1 
ATOM   174  C CB  . SER A 1 51  ? -8.640  -3.503  -8.843  1.00 11.31 ? 43  SER A CB  1 
ATOM   175  O OG  . SER A 1 51  ? -8.064  -2.333  -9.390  1.00 15.47 ? 43  SER A OG  1 
ATOM   176  N N   . GLU A 1 52  ? -8.431  -6.373  -7.517  1.00 10.86 ? 44  GLU A N   1 
ATOM   177  C CA  . GLU A 1 52  ? -9.160  -7.488  -6.917  1.00 12.22 ? 44  GLU A CA  1 
ATOM   178  C C   . GLU A 1 52  ? -8.608  -7.831  -5.536  1.00 11.18 ? 44  GLU A C   1 
ATOM   179  O O   . GLU A 1 52  ? -9.367  -8.021  -4.592  1.00 9.68  ? 44  GLU A O   1 
ATOM   180  C CB  . GLU A 1 52  ? -9.124  -8.728  -7.800  1.00 14.46 ? 44  GLU A CB  1 
ATOM   181  C CG  . GLU A 1 52  ? -9.784  -9.930  -7.103  1.00 23.14 ? 44  GLU A CG  1 
ATOM   182  C CD  . GLU A 1 52  ? -10.428 -10.894 -8.070  1.00 36.11 ? 44  GLU A CD  1 
ATOM   183  O OE1 . GLU A 1 52  ? -10.493 -10.577 -9.279  1.00 39.68 ? 44  GLU A OE1 1 
ATOM   184  O OE2 . GLU A 1 52  ? -10.876 -11.969 -7.616  1.00 41.15 ? 44  GLU A OE2 1 
ATOM   185  N N   . LEU A 1 53  ? -7.286  -7.927  -5.432  1.00 8.42  ? 45  LEU A N   1 
ATOM   186  C CA  . LEU A 1 53  ? -6.653  -8.243  -4.153  1.00 9.71  ? 45  LEU A CA  1 
ATOM   187  C C   . LEU A 1 53  ? -6.907  -7.128  -3.139  1.00 9.22  ? 45  LEU A C   1 
ATOM   188  O O   . LEU A 1 53  ? -7.184  -7.388  -1.966  1.00 10.45 ? 45  LEU A O   1 
ATOM   189  C CB  . LEU A 1 53  ? -5.144  -8.453  -4.341  1.00 10.44 ? 45  LEU A CB  1 
ATOM   190  C CG  . LEU A 1 53  ? -4.359  -8.781  -3.067  1.00 9.62  ? 45  LEU A CG  1 
ATOM   191  C CD1 . LEU A 1 53  ? -4.916  -10.048 -2.416  1.00 15.27 ? 45  LEU A CD1 1 
ATOM   192  C CD2 . LEU A 1 53  ? -2.889  -8.957  -3.407  1.00 14.46 ? 45  LEU A CD2 1 
ATOM   193  N N   . ALA A 1 54  ? -6.818  -5.878  -3.590  1.00 9.88  ? 46  ALA A N   1 
ATOM   194  C CA  . ALA A 1 54  ? -7.067  -4.744  -2.708  1.00 9.44  ? 46  ALA A CA  1 
ATOM   195  C C   . ALA A 1 54  ? -8.515  -4.719  -2.167  1.00 11.36 ? 46  ALA A C   1 
ATOM   196  O O   . ALA A 1 54  ? -8.742  -4.375  -0.996  1.00 10.82 ? 46  ALA A O   1 
ATOM   197  C CB  . ALA A 1 54  ? -6.715  -3.435  -3.410  1.00 9.09  ? 46  ALA A CB  1 
ATOM   198  N N   . ALA A 1 55  ? -9.485  -5.074  -3.007  1.00 8.61  ? 47  ALA A N   1 
ATOM   199  C CA  . ALA A 1 55  ? -10.889 -5.113  -2.573  1.00 10.00 ? 47  ALA A CA  1 
ATOM   200  C C   . ALA A 1 55  ? -11.134 -6.263  -1.602  1.00 10.77 ? 47  ALA A C   1 
ATOM   201  O O   . ALA A 1 55  ? -11.902 -6.127  -0.657  1.00 13.34 ? 47  ALA A O   1 
ATOM   202  C CB  . ALA A 1 55  ? -11.824 -5.205  -3.762  1.00 11.52 ? 47  ALA A CB  1 
ATOM   203  N N   . THR A 1 56  ? -10.478 -7.397  -1.845  1.00 11.94 ? 48  THR A N   1 
ATOM   204  C CA  . THR A 1 56  ? -10.519 -8.532  -0.916  1.00 13.74 ? 48  THR A CA  1 
ATOM   205  C C   . THR A 1 56  ? -9.906  -8.174  0.436   1.00 12.22 ? 48  THR A C   1 
ATOM   206  O O   . THR A 1 56  ? -10.478 -8.464  1.490   1.00 12.37 ? 48  THR A O   1 
ATOM   207  C CB  . THR A 1 56  ? -9.764  -9.740  -1.476  1.00 13.37 ? 48  THR A CB  1 
ATOM   208  O OG1 . THR A 1 56  ? -10.432 -10.218 -2.655  1.00 12.84 ? 48  THR A OG1 1 
ATOM   209  C CG2 . THR A 1 56  ? -9.702  -10.859 -0.447  1.00 15.35 ? 48  THR A CG2 1 
ATOM   210  N N   . LEU A 1 57  ? -8.732  -7.552  0.408   1.00 10.84 ? 49  LEU A N   1 
ATOM   211  C CA  . LEU A 1 57  ? -8.087  -7.120  1.639   1.00 13.28 ? 49  LEU A CA  1 
ATOM   212  C C   . LEU A 1 57  ? -8.870  -6.008  2.339   1.00 11.86 ? 49  LEU A C   1 
ATOM   213  O O   . LEU A 1 57  ? -8.942  -5.985  3.555   1.00 13.88 ? 49  LEU A O   1 
ATOM   214  C CB  . LEU A 1 57  ? -6.635  -6.690  1.386   1.00 10.16 ? 49  LEU A CB  1 
ATOM   215  C CG  . LEU A 1 57  ? -5.702  -7.822  0.946   1.00 12.06 ? 49  LEU A CG  1 
ATOM   216  C CD1 . LEU A 1 57  ? -4.269  -7.326  0.708   1.00 8.71  ? 49  LEU A CD1 1 
ATOM   217  C CD2 . LEU A 1 57  ? -5.713  -8.948  1.969   1.00 13.29 ? 49  LEU A CD2 1 
ATOM   218  N N   . GLN A 1 58  ? -9.469  -5.096  1.580   1.00 12.25 ? 50  GLN A N   1 
ATOM   219  C CA  . GLN A 1 58  ? -10.235 -4.026  2.205   1.00 14.71 ? 50  GLN A CA  1 
ATOM   220  C C   . GLN A 1 58  ? -11.339 -4.530  3.137   1.00 15.89 ? 50  GLN A C   1 
ATOM   221  O O   . GLN A 1 58  ? -11.548 -3.978  4.225   1.00 13.46 ? 50  GLN A O   1 
ATOM   222  C CB  . GLN A 1 58  ? -10.850 -3.104  1.167   1.00 15.37 ? 50  GLN A CB  1 
ATOM   223  C CG  . GLN A 1 58  ? -11.853 -2.146  1.774   1.00 17.46 ? 50  GLN A CG  1 
ATOM   224  C CD  . GLN A 1 58  ? -12.779 -1.584  0.738   1.00 24.63 ? 50  GLN A CD  1 
ATOM   225  O OE1 . GLN A 1 58  ? -13.286 -2.316  -0.109  1.00 26.57 ? 50  GLN A OE1 1 
ATOM   226  N NE2 . GLN A 1 58  ? -12.999 -0.269  0.785   1.00 30.06 ? 50  GLN A NE2 1 
ATOM   227  N N   . LYS A 1 59  ? -12.047 -5.574  2.713   1.00 15.63 ? 51  LYS A N   1 
ATOM   228  C CA  . LYS A 1 59  ? -13.145 -6.099  3.515   1.00 15.99 ? 51  LYS A CA  1 
ATOM   229  C C   . LYS A 1 59  ? -12.631 -6.645  4.833   1.00 18.22 ? 51  LYS A C   1 
ATOM   230  O O   . LYS A 1 59  ? -13.361 -6.684  5.822   1.00 18.19 ? 51  LYS A O   1 
ATOM   231  C CB  . LYS A 1 59  ? -13.915 -7.199  2.773   1.00 19.12 ? 51  LYS A CB  1 
ATOM   232  C CG  . LYS A 1 59  ? -14.553 -6.764  1.462   1.00 21.81 ? 51  LYS A CG  1 
ATOM   233  C CD  . LYS A 1 59  ? -15.386 -5.514  1.623   1.00 28.05 ? 51  LYS A CD  1 
ATOM   234  C CE  . LYS A 1 59  ? -15.881 -5.015  0.269   1.00 40.32 ? 51  LYS A CE  1 
ATOM   235  N NZ  . LYS A 1 59  ? -16.445 -3.635  0.354   1.00 40.53 ? 51  LYS A NZ  1 
ATOM   236  N N   . MET A 1 60  ? -11.372 -7.074  4.840   1.00 15.15 ? 52  MET A N   1 
ATOM   237  C CA  . MET A 1 60  ? -10.779 -7.657  6.032   1.00 17.12 ? 52  MET A CA  1 
ATOM   238  C C   . MET A 1 60  ? -10.082 -6.619  6.909   1.00 15.59 ? 52  MET A C   1 
ATOM   239  O O   . MET A 1 60  ? -10.264 -6.596  8.125   1.00 12.01 ? 52  MET A O   1 
ATOM   240  C CB  . MET A 1 60  ? -9.795  -8.766  5.643   1.00 17.37 ? 52  MET A CB  1 
ATOM   241  C CG  . MET A 1 60  ? -10.460 -10.022 5.096   1.00 23.11 ? 52  MET A CG  1 
ATOM   242  S SD  . MET A 1 60  ? -9.283  -11.070 4.218   1.00 33.83 ? 52  MET A SD  1 
ATOM   243  C CE  . MET A 1 60  ? -8.381  -9.843  3.292   1.00 38.60 ? 52  MET A CE  1 
ATOM   244  N N   . ILE A 1 61  ? -9.292  -5.756  6.280   1.00 12.59 ? 53  ILE A N   1 
ATOM   245  C CA  . ILE A 1 61  ? -8.456  -4.799  7.008   1.00 11.45 ? 53  ILE A CA  1 
ATOM   246  C C   . ILE A 1 61  ? -9.217  -3.521  7.390   1.00 12.70 ? 53  ILE A C   1 
ATOM   247  O O   . ILE A 1 61  ? -8.996  -2.960  8.461   1.00 12.27 ? 53  ILE A O   1 
ATOM   248  C CB  . ILE A 1 61  ? -7.177  -4.451  6.182   1.00 11.54 ? 53  ILE A CB  1 
ATOM   249  C CG1 . ILE A 1 61  ? -6.284  -5.691  6.030   1.00 12.22 ? 53  ILE A CG1 1 
ATOM   250  C CG2 . ILE A 1 61  ? -6.408  -3.307  6.819   1.00 7.32  ? 53  ILE A CG2 1 
ATOM   251  C CD1 . ILE A 1 61  ? -5.149  -5.519  5.011   1.00 9.87  ? 53  ILE A CD1 1 
ATOM   252  N N   . ASN A 1 62  ? -10.109 -3.061  6.515   1.00 12.46 ? 54  ASN A N   1 
ATOM   253  C CA  . ASN A 1 62  ? -10.906 -1.867  6.792   1.00 15.20 ? 54  ASN A CA  1 
ATOM   254  C C   . ASN A 1 62  ? -12.404 -2.156  6.676   1.00 18.06 ? 54  ASN A C   1 
ATOM   255  O O   . ASN A 1 62  ? -13.077 -1.595  5.818   1.00 16.03 ? 54  ASN A O   1 
ATOM   256  C CB  . ASN A 1 62  ? -10.502 -0.709  5.864   1.00 13.67 ? 54  ASN A CB  1 
ATOM   257  C CG  . ASN A 1 62  ? -11.236 0.591   6.185   1.00 18.22 ? 54  ASN A CG  1 
ATOM   258  O OD1 . ASN A 1 62  ? -11.718 0.788   7.297   1.00 14.78 ? 54  ASN A OD1 1 
ATOM   259  N ND2 . ASN A 1 62  ? -11.328 1.478   5.201   1.00 13.11 ? 54  ASN A ND2 1 
ATOM   260  N N   . PRO A 1 63  ? -12.926 -3.030  7.551   1.00 20.11 ? 55  PRO A N   1 
ATOM   261  C CA  . PRO A 1 63  ? -14.313 -3.465  7.442   1.00 23.84 ? 55  PRO A CA  1 
ATOM   262  C C   . PRO A 1 63  ? -15.286 -2.309  7.666   1.00 28.17 ? 55  PRO A C   1 
ATOM   263  O O   . PRO A 1 63  ? -16.378 -2.303  7.096   1.00 27.30 ? 55  PRO A O   1 
ATOM   264  C CB  . PRO A 1 63  ? -14.441 -4.503  8.566   1.00 24.22 ? 55  PRO A CB  1 
ATOM   265  C CG  . PRO A 1 63  ? -13.438 -4.070  9.581   1.00 23.17 ? 55  PRO A CG  1 
ATOM   266  C CD  . PRO A 1 63  ? -12.279 -3.546  8.769   1.00 20.78 ? 55  PRO A CD  1 
ATOM   267  N N   . SER A 1 64  ? -14.887 -1.334  8.480   1.00 29.01 ? 56  SER A N   1 
ATOM   268  C CA  . SER A 1 64  ? -15.760 -0.213  8.796   1.00 30.90 ? 56  SER A CA  1 
ATOM   269  C C   . SER A 1 64  ? -15.892 0.744   7.613   1.00 33.16 ? 56  SER A C   1 
ATOM   270  O O   . SER A 1 64  ? -16.739 1.636   7.628   1.00 33.44 ? 56  SER A O   1 
ATOM   271  C CB  . SER A 1 64  ? -15.239 0.548   10.014  1.00 30.75 ? 56  SER A CB  1 
ATOM   272  O OG  . SER A 1 64  ? -14.077 1.289   9.678   1.00 31.26 ? 56  SER A OG  1 
ATOM   273  N N   . GLY A 1 65  ? -15.050 0.565   6.595   1.00 32.26 ? 57  GLY A N   1 
ATOM   274  C CA  . GLY A 1 65  ? -15.047 1.461   5.441   1.00 32.05 ? 57  GLY A CA  1 
ATOM   275  C C   . GLY A 1 65  ? -14.736 2.908   5.797   1.00 32.95 ? 57  GLY A C   1 
ATOM   276  O O   . GLY A 1 65  ? -15.173 3.832   5.114   1.00 32.98 ? 57  GLY A O   1 
ATOM   277  N N   . GLY A 1 66  ? -13.990 3.116   6.874   1.00 31.79 ? 58  GLY A N   1 
ATOM   278  C CA  . GLY A 1 66  ? -13.543 4.456   7.224   1.00 33.85 ? 58  GLY A CA  1 
ATOM   279  C C   . GLY A 1 66  ? -12.732 5.064   6.090   1.00 34.65 ? 58  GLY A C   1 
ATOM   280  O O   . GLY A 1 66  ? -12.063 4.349   5.338   1.00 30.72 ? 58  GLY A O   1 
ATOM   281  N N   . ASP A 1 67  ? -12.804 6.385   5.955   1.00 36.40 ? 59  ASP A N   1 
ATOM   282  C CA  . ASP A 1 67  ? -12.033 7.090   4.931   1.00 38.71 ? 59  ASP A CA  1 
ATOM   283  C C   . ASP A 1 67  ? -11.159 8.183   5.540   1.00 39.15 ? 59  ASP A C   1 
ATOM   284  O O   . ASP A 1 67  ? -10.819 9.163   4.878   1.00 37.83 ? 59  ASP A O   1 
ATOM   285  C CB  . ASP A 1 67  ? -12.946 7.659   3.829   1.00 38.38 ? 59  ASP A CB  1 
ATOM   286  C CG  . ASP A 1 67  ? -13.904 8.728   4.343   1.00 44.91 ? 59  ASP A CG  1 
ATOM   287  O OD1 . ASP A 1 67  ? -13.734 9.199   5.490   1.00 47.97 ? 59  ASP A OD1 1 
ATOM   288  O OD2 . ASP A 1 67  ? -14.832 9.102   3.593   1.00 42.03 ? 59  ASP A OD2 1 
ATOM   289  N N   . GLY A 1 68  ? -10.796 8.007   6.806   1.00 40.79 ? 60  GLY A N   1 
ATOM   290  C CA  . GLY A 1 68  ? -9.917  8.951   7.481   1.00 42.18 ? 60  GLY A CA  1 
ATOM   291  C C   . GLY A 1 68  ? -8.498  8.869   6.951   1.00 43.89 ? 60  GLY A C   1 
ATOM   292  O O   . GLY A 1 68  ? -8.273  8.638   5.756   1.00 44.50 ? 60  GLY A O   1 
ATOM   293  N N   . ASN A 1 69  ? -7.535  9.066   7.845   1.00 43.69 ? 61  ASN A N   1 
ATOM   294  C CA  . ASN A 1 69  ? -6.127  8.928   7.500   1.00 43.40 ? 61  ASN A CA  1 
ATOM   295  C C   . ASN A 1 69  ? -5.592  7.590   8.004   1.00 40.45 ? 61  ASN A C   1 
ATOM   296  O O   . ASN A 1 69  ? -4.802  7.540   8.957   1.00 43.76 ? 61  ASN A O   1 
ATOM   297  C CB  . ASN A 1 69  ? -5.306  10.090  8.078   1.00 43.52 ? 61  ASN A CB  1 
ATOM   298  C CG  . ASN A 1 69  ? -5.442  11.367  7.262   1.00 46.55 ? 61  ASN A CG  1 
ATOM   299  O OD1 . ASN A 1 69  ? -5.953  11.352  6.137   1.00 50.07 ? 61  ASN A OD1 1 
ATOM   300  N ND2 . ASN A 1 69  ? -4.974  12.480  7.823   1.00 43.84 ? 61  ASN A ND2 1 
ATOM   301  N N   . CYS A 1 70  ? -6.023  6.510   7.357   1.00 36.05 ? 62  CYS A N   1 
ATOM   302  C CA  A CYS A 1 70  ? -5.647  5.149   7.736   0.55 33.90 ? 62  CYS A CA  1 
ATOM   303  C CA  B CYS A 1 70  ? -5.630  5.167   7.760   0.30 33.98 ? 62  CYS A CA  1 
ATOM   304  C CA  C CYS A 1 70  ? -5.605  5.186   7.788   0.15 34.37 ? 62  CYS A CA  1 
ATOM   305  C C   . CYS A 1 70  ? -4.313  4.743   7.105   1.00 33.51 ? 62  CYS A C   1 
ATOM   306  O O   . CYS A 1 70  ? -4.298  3.886   6.218   1.00 33.97 ? 62  CYS A O   1 
ATOM   307  C CB  A CYS A 1 70  ? -6.737  4.157   7.290   0.55 33.52 ? 62  CYS A CB  1 
ATOM   308  C CB  B CYS A 1 70  ? -6.735  4.162   7.416   0.30 34.05 ? 62  CYS A CB  1 
ATOM   309  C CB  C CYS A 1 70  ? -6.721  4.159   7.607   0.15 34.41 ? 62  CYS A CB  1 
ATOM   310  S SG  A CYS A 1 70  ? -6.580  2.446   7.919   0.55 29.85 ? 62  CYS A SG  1 
ATOM   311  S SG  B CYS A 1 70  ? -8.411  4.651   7.915   0.30 29.55 ? 62  CYS A SG  1 
ATOM   312  S SG  C CYS A 1 70  ? -6.850  3.014   9.002   0.15 32.48 ? 62  CYS A SG  1 
ATOM   313  N N   . SER A 1 71  ? -3.208  5.352   7.538   1.00 29.17 ? 63  SER A N   1 
ATOM   314  C CA  . SER A 1 71  ? -1.889  4.935   7.070   1.00 23.10 ? 63  SER A CA  1 
ATOM   315  C C   . SER A 1 71  ? -1.692  3.547   7.666   1.00 17.75 ? 63  SER A C   1 
ATOM   316  O O   . SER A 1 71  ? -0.857  2.764   7.203   1.00 15.23 ? 63  SER A O   1 
ATOM   317  C CB  . SER A 1 71  ? -0.792  5.886   7.556   1.00 22.87 ? 63  SER A CB  1 
ATOM   318  O OG  . SER A 1 71  ? -0.697  5.877   8.972   1.00 25.12 ? 63  SER A OG  1 
ATOM   319  N N   . GLY A 1 72  ? -2.491  3.249   8.692   1.00 14.82 ? 64  GLY A N   1 
ATOM   320  C CA  . GLY A 1 72  ? -2.525  1.923   9.296   1.00 13.00 ? 64  GLY A CA  1 
ATOM   321  C C   . GLY A 1 72  ? -3.006  0.882   8.303   1.00 10.83 ? 64  GLY A C   1 
ATOM   322  O O   . GLY A 1 72  ? -2.582  -0.262  8.347   1.00 10.29 ? 64  GLY A O   1 
ATOM   323  N N   . CYS A 1 73  ? -3.910  1.276   7.412   1.00 11.52 ? 65  CYS A N   1 
ATOM   324  C CA  . CYS A 1 73  ? -4.376  0.382   6.350   1.00 11.93 ? 65  CYS A CA  1 
ATOM   325  C C   . CYS A 1 73  ? -3.213  -0.074  5.479   1.00 10.06 ? 65  CYS A C   1 
ATOM   326  O O   . CYS A 1 73  ? -3.034  -1.267  5.249   1.00 9.15  ? 65  CYS A O   1 
ATOM   327  C CB  . CYS A 1 73  ? -5.448  1.062   5.494   1.00 11.55 ? 65  CYS A CB  1 
ATOM   328  S SG  . CYS A 1 73  ? -7.039  1.210   6.344   1.00 18.58 ? 65  CYS A SG  1 
ATOM   329  N N   . ALA A 1 74  ? -2.428  0.885   4.991   1.00 7.80  ? 66  ALA A N   1 
ATOM   330  C CA  . ALA A 1 74  ? -1.285  0.572   4.132   1.00 6.16  ? 66  ALA A CA  1 
ATOM   331  C C   . ALA A 1 74  ? -0.257  -0.267  4.874   1.00 8.33  ? 66  ALA A C   1 
ATOM   332  O O   . ALA A 1 74  ? 0.297   -1.212  4.313   1.00 6.72  ? 66  ALA A O   1 
ATOM   333  C CB  . ALA A 1 74  ? -0.647  1.861   3.593   1.00 6.37  ? 66  ALA A CB  1 
ATOM   334  N N   . LEU A 1 75  ? 0.001   0.072   6.137   1.00 8.68  ? 67  LEU A N   1 
ATOM   335  C CA  . LEU A 1 75  ? 0.917   -0.735  6.945   1.00 9.21  ? 67  LEU A CA  1 
ATOM   336  C C   . LEU A 1 75  ? 0.393   -2.167  7.060   1.00 10.47 ? 67  LEU A C   1 
ATOM   337  O O   . LEU A 1 75  ? 1.134   -3.134  6.865   1.00 7.87  ? 67  LEU A O   1 
ATOM   338  C CB  . LEU A 1 75  ? 1.102   -0.130  8.336   1.00 8.49  ? 67  LEU A CB  1 
ATOM   339  C CG  . LEU A 1 75  ? 1.946   -0.974  9.309   1.00 10.19 ? 67  LEU A CG  1 
ATOM   340  C CD1 . LEU A 1 75  ? 3.280   -1.314  8.695   1.00 12.66 ? 67  LEU A CD1 1 
ATOM   341  C CD2 . LEU A 1 75  ? 2.162   -0.227  10.621  1.00 9.14  ? 67  LEU A CD2 1 
ATOM   342  N N   . HIS A 1 76  ? -0.895  -2.302  7.351   1.00 9.67  ? 68  HIS A N   1 
ATOM   343  C CA  . HIS A 1 76  ? -1.476  -3.632  7.513   1.00 10.71 ? 68  HIS A CA  1 
ATOM   344  C C   . HIS A 1 76  ? -1.492  -4.427  6.204   1.00 11.54 ? 68  HIS A C   1 
ATOM   345  O O   . HIS A 1 76  ? -1.379  -5.657  6.219   1.00 8.60  ? 68  HIS A O   1 
ATOM   346  C CB  . HIS A 1 76  ? -2.871  -3.546  8.157   1.00 10.75 ? 68  HIS A CB  1 
ATOM   347  C CG  . HIS A 1 76  ? -2.829  -3.453  9.651   1.00 11.31 ? 68  HIS A CG  1 
ATOM   348  N ND1 . HIS A 1 76  ? -3.599  -4.251  10.473  1.00 11.61 ? 68  HIS A ND1 1 
ATOM   349  C CD2 . HIS A 1 76  ? -2.078  -2.682  10.474  1.00 13.45 ? 68  HIS A CD2 1 
ATOM   350  C CE1 . HIS A 1 76  ? -3.335  -3.963  11.736  1.00 8.63  ? 68  HIS A CE1 1 
ATOM   351  N NE2 . HIS A 1 76  ? -2.413  -3.018  11.766  1.00 10.12 ? 68  HIS A NE2 1 
ATOM   352  N N   . ALA A 1 77  ? -1.605  -3.727  5.073   1.00 10.08 ? 69  ALA A N   1 
ATOM   353  C CA  . ALA A 1 77  ? -1.446  -4.382  3.775   1.00 9.02  ? 69  ALA A CA  1 
ATOM   354  C C   . ALA A 1 77  ? -0.014  -4.914  3.653   1.00 10.42 ? 69  ALA A C   1 
ATOM   355  O O   . ALA A 1 77  ? 0.219   -6.025  3.152   1.00 9.08  ? 69  ALA A O   1 
ATOM   356  C CB  . ALA A 1 77  ? -1.748  -3.403  2.644   1.00 8.13  ? 69  ALA A CB  1 
ATOM   357  N N   . CYS A 1 78  ? 0.950   -4.124  4.116   1.00 8.25  ? 70  CYS A N   1 
ATOM   358  C CA  . CYS A 1 78  ? 2.352   -4.550  4.067   1.00 8.47  ? 70  CYS A CA  1 
ATOM   359  C C   . CYS A 1 78  ? 2.577   -5.764  4.966   1.00 10.35 ? 70  CYS A C   1 
ATOM   360  O O   . CYS A 1 78  ? 3.254   -6.719  4.575   1.00 12.58 ? 70  CYS A O   1 
ATOM   361  C CB  . CYS A 1 78  ? 3.290   -3.412  4.479   1.00 8.47  ? 70  CYS A CB  1 
ATOM   362  S SG  . CYS A 1 78  ? 3.594   -2.156  3.203   1.00 8.93  ? 70  CYS A SG  1 
ATOM   363  N N   . MET A 1 79  ? 2.012   -5.737  6.167   1.00 9.86  ? 71  MET A N   1 
ATOM   364  C CA  . MET A 1 79  ? 2.154   -6.870  7.081   1.00 9.31  ? 71  MET A CA  1 
ATOM   365  C C   . MET A 1 79  ? 1.602   -8.139  6.452   1.00 9.85  ? 71  MET A C   1 
ATOM   366  O O   . MET A 1 79  ? 2.196   -9.225  6.567   1.00 9.17  ? 71  MET A O   1 
ATOM   367  C CB  . MET A 1 79  ? 1.432   -6.591  8.403   1.00 9.00  ? 71  MET A CB  1 
ATOM   368  C CG  . MET A 1 79  ? 2.016   -5.417  9.211   1.00 12.58 ? 71  MET A CG  1 
ATOM   369  S SD  . MET A 1 79  ? 3.721   -5.671  9.778   1.00 9.45  ? 71  MET A SD  1 
ATOM   370  C CE  . MET A 1 79  ? 3.483   -6.776  11.177  1.00 8.86  ? 71  MET A CE  1 
ATOM   371  N N   . ALA A 1 80  ? 0.452   -8.006  5.801   1.00 7.28  ? 72  ALA A N   1 
ATOM   372  C CA  . ALA A 1 80  ? -0.200  -9.146  5.156   1.00 8.91  ? 72  ALA A CA  1 
ATOM   373  C C   . ALA A 1 80  ? 0.641   -9.726  4.023   1.00 10.88 ? 72  ALA A C   1 
ATOM   374  O O   . ALA A 1 80  ? 0.799   -10.946 3.911   1.00 10.46 ? 72  ALA A O   1 
ATOM   375  C CB  . ALA A 1 80  ? -1.594  -8.748  4.651   1.00 8.13  ? 72  ALA A CB  1 
ATOM   376  N N   . MET A 1 81  ? 1.169   -8.856  3.169   1.00 8.26  ? 73  MET A N   1 
ATOM   377  C CA  . MET A 1 81  ? 1.935   -9.324  2.025   1.00 11.34 ? 73  MET A CA  1 
ATOM   378  C C   . MET A 1 81  ? 3.284   -9.907  2.459   1.00 11.57 ? 73  MET A C   1 
ATOM   379  O O   . MET A 1 81  ? 3.909   -10.664 1.710   1.00 9.20  ? 73  MET A O   1 
ATOM   380  C CB  . MET A 1 81  ? 2.122   -8.213  0.988   1.00 10.11 ? 73  MET A CB  1 
ATOM   381  C CG  . MET A 1 81  ? 0.818   -7.654  0.427   1.00 8.97  ? 73  MET A CG  1 
ATOM   382  S SD  . MET A 1 81  ? -0.403  -8.919  0.008   1.00 15.83 ? 73  MET A SD  1 
ATOM   383  C CE  . MET A 1 81  ? 0.421   -9.789  -1.322  1.00 8.94  ? 73  MET A CE  1 
ATOM   384  N N   . LEU A 1 82  ? 3.730   -9.549  3.662   1.00 10.19 ? 74  LEU A N   1 
ATOM   385  C CA  . LEU A 1 82  ? 4.958   -10.118 4.212   1.00 11.54 ? 74  LEU A CA  1 
ATOM   386  C C   . LEU A 1 82  ? 4.710   -11.452 4.918   1.00 14.03 ? 74  LEU A C   1 
ATOM   387  O O   . LEU A 1 82  ? 5.651   -12.121 5.343   1.00 13.84 ? 74  LEU A O   1 
ATOM   388  C CB  . LEU A 1 82  ? 5.622   -9.139  5.177   1.00 10.25 ? 74  LEU A CB  1 
ATOM   389  C CG  . LEU A 1 82  ? 6.360   -8.007  4.492   1.00 8.11  ? 74  LEU A CG  1 
ATOM   390  C CD1 . LEU A 1 82  ? 6.880   -7.023  5.534   1.00 14.29 ? 74  LEU A CD1 1 
ATOM   391  C CD2 . LEU A 1 82  ? 7.495   -8.580  3.645   1.00 5.44  ? 74  LEU A CD2 1 
ATOM   392  N N   . GLY A 1 83  ? 3.445   -11.837 5.049   1.00 13.46 ? 75  GLY A N   1 
ATOM   393  C CA  . GLY A 1 83  ? 3.119   -13.117 5.687   1.00 14.96 ? 75  GLY A CA  1 
ATOM   394  C C   . GLY A 1 83  ? 2.925   -13.046 7.191   1.00 13.62 ? 75  GLY A C   1 
ATOM   395  O O   . GLY A 1 83  ? 2.893   -14.077 7.860   1.00 11.13 ? 75  GLY A O   1 
ATOM   396  N N   . TYR A 1 84  ? 2.768   -11.840 7.740   1.00 12.36 ? 76  TYR A N   1 
ATOM   397  C CA  . TYR A 1 84  ? 2.529   -11.699 9.183   1.00 12.62 ? 76  TYR A CA  1 
ATOM   398  C C   . TYR A 1 84  ? 1.088   -11.990 9.597   1.00 14.16 ? 76  TYR A C   1 
ATOM   399  O O   . TYR A 1 84  ? 0.777   -12.047 10.791  1.00 14.49 ? 76  TYR A O   1 
ATOM   400  C CB  . TYR A 1 84  ? 2.900   -10.296 9.669   1.00 13.97 ? 76  TYR A CB  1 
ATOM   401  C CG  . TYR A 1 84  ? 4.375   -10.062 9.861   1.00 13.93 ? 76  TYR A CG  1 
ATOM   402  C CD1 . TYR A 1 84  ? 5.048   -10.619 10.945  1.00 13.44 ? 76  TYR A CD1 1 
ATOM   403  C CD2 . TYR A 1 84  ? 5.093   -9.273  8.972   1.00 16.47 ? 76  TYR A CD2 1 
ATOM   404  C CE1 . TYR A 1 84  ? 6.402   -10.397 11.137  1.00 14.10 ? 76  TYR A CE1 1 
ATOM   405  C CE2 . TYR A 1 84  ? 6.453   -9.043  9.151   1.00 11.76 ? 76  TYR A CE2 1 
ATOM   406  C CZ  . TYR A 1 84  ? 7.096   -9.610  10.237  1.00 15.94 ? 76  TYR A CZ  1 
ATOM   407  O OH  . TYR A 1 84  ? 8.436   -9.388  10.424  1.00 14.16 ? 76  TYR A OH  1 
ATOM   408  N N   . GLY A 1 85  ? 0.206   -12.149 8.620   1.00 12.38 ? 77  GLY A N   1 
ATOM   409  C CA  . GLY A 1 85  ? -1.208  -12.354 8.907   1.00 12.73 ? 77  GLY A CA  1 
ATOM   410  C C   . GLY A 1 85  ? -2.037  -11.150 8.489   1.00 13.03 ? 77  GLY A C   1 
ATOM   411  O O   . GLY A 1 85  ? -1.504  -10.056 8.315   1.00 12.98 ? 77  GLY A O   1 
ATOM   412  N N   . VAL A 1 86  ? -3.342  -11.352 8.325   1.00 13.10 ? 78  VAL A N   1 
ATOM   413  C CA  . VAL A 1 86  ? -4.244  -10.265 7.965   1.00 13.25 ? 78  VAL A CA  1 
ATOM   414  C C   . VAL A 1 86  ? -4.987  -9.790  9.212   1.00 13.64 ? 78  VAL A C   1 
ATOM   415  O O   . VAL A 1 86  ? -5.774  -10.531 9.799   1.00 15.87 ? 78  VAL A O   1 
ATOM   416  C CB  . VAL A 1 86  ? -5.243  -10.699 6.857   1.00 12.40 ? 78  VAL A CB  1 
ATOM   417  C CG1 . VAL A 1 86  ? -6.171  -9.561  6.489   1.00 11.34 ? 78  VAL A CG1 1 
ATOM   418  C CG2 . VAL A 1 86  ? -4.494  -11.200 5.615   1.00 12.70 ? 78  VAL A CG2 1 
ATOM   419  N N   . ARG A 1 87  ? -4.727  -8.557  9.630   1.00 12.41 ? 79  ARG A N   1 
ATOM   420  C CA  . ARG A 1 87  ? -5.411  -8.012  10.794  1.00 9.99  ? 79  ARG A CA  1 
ATOM   421  C C   . ARG A 1 87  ? -6.133  -6.717  10.490  1.00 10.88 ? 79  ARG A C   1 
ATOM   422  O O   . ARG A 1 87  ? -5.744  -5.970  9.595   1.00 8.61  ? 79  ARG A O   1 
ATOM   423  C CB  . ARG A 1 87  ? -4.424  -7.790  11.927  1.00 9.50  ? 79  ARG A CB  1 
ATOM   424  C CG  . ARG A 1 87  ? -3.803  -9.070  12.452  1.00 10.78 ? 79  ARG A CG  1 
ATOM   425  C CD  . ARG A 1 87  ? -3.003  -8.789  13.702  1.00 10.89 ? 79  ARG A CD  1 
ATOM   426  N NE  . ARG A 1 87  ? -2.311  -9.983  14.177  1.00 14.44 ? 79  ARG A NE  1 
ATOM   427  C CZ  . ARG A 1 87  ? -2.627  -10.633 15.291  1.00 16.60 ? 79  ARG A CZ  1 
ATOM   428  N NH1 . ARG A 1 87  ? -3.632  -10.214 16.050  1.00 15.11 ? 79  ARG A NH1 1 
ATOM   429  N NH2 . ARG A 1 87  ? -1.938  -11.702 15.641  1.00 15.78 ? 79  ARG A NH2 1 
ATOM   430  N N   . GLU A 1 88  ? -7.194  -6.440  11.241  1.00 11.14 ? 80  GLU A N   1 
ATOM   431  C CA  . GLU A 1 88  ? -7.878  -5.156  11.102  1.00 9.62  ? 80  GLU A CA  1 
ATOM   432  C C   . GLU A 1 88  ? -6.940  -4.014  11.458  1.00 10.87 ? 80  GLU A C   1 
ATOM   433  O O   . GLU A 1 88  ? -6.243  -4.057  12.480  1.00 10.54 ? 80  GLU A O   1 
ATOM   434  C CB  . GLU A 1 88  ? -9.135  -5.113  11.978  1.00 8.51  ? 80  GLU A CB  1 
ATOM   435  C CG  . GLU A 1 88  ? -10.132 -6.163  11.579  1.00 10.13 ? 80  GLU A CG  1 
ATOM   436  C CD  . GLU A 1 88  ? -11.395 -6.133  12.406  1.00 16.52 ? 80  GLU A CD  1 
ATOM   437  O OE1 . GLU A 1 88  ? -11.467 -5.368  13.400  1.00 13.56 ? 80  GLU A OE1 1 
ATOM   438  O OE2 . GLU A 1 88  ? -12.312 -6.881  12.043  1.00 16.25 ? 80  GLU A OE2 1 
ATOM   439  N N   . ALA A 1 89  ? -6.918  -2.996  10.605  1.00 10.24 ? 81  ALA A N   1 
ATOM   440  C CA  . ALA A 1 89  ? -6.123  -1.805  10.851  1.00 10.40 ? 81  ALA A CA  1 
ATOM   441  C C   . ALA A 1 89  ? -6.647  -1.102  12.097  1.00 13.65 ? 81  ALA A C   1 
ATOM   442  O O   . ALA A 1 89  ? -7.825  -1.256  12.448  1.00 14.42 ? 81  ALA A O   1 
ATOM   443  C CB  . ALA A 1 89  ? -6.213  -0.868  9.640   1.00 11.50 ? 81  ALA A CB  1 
ATOM   444  N N   . PRO A 1 90  ? -5.792  -0.298  12.758  1.00 10.12 ? 82  PRO A N   1 
ATOM   445  C CA  . PRO A 1 90  ? -6.282  0.432   13.917  1.00 11.67 ? 82  PRO A CA  1 
ATOM   446  C C   . PRO A 1 90  ? -7.374  1.411   13.502  1.00 13.84 ? 82  PRO A C   1 
ATOM   447  O O   . PRO A 1 90  ? -7.271  2.046   12.448  1.00 14.75 ? 82  PRO A O   1 
ATOM   448  C CB  . PRO A 1 90  ? -5.048  1.213   14.412  1.00 8.44  ? 82  PRO A CB  1 
ATOM   449  C CG  . PRO A 1 90  ? -4.091  1.229   13.229  1.00 11.01 ? 82  PRO A CG  1 
ATOM   450  C CD  . PRO A 1 90  ? -4.366  -0.048  12.486  1.00 11.18 ? 82  PRO A CD  1 
ATOM   451  N N   . VAL A 1 91  ? -8.419  1.529   14.312  1.00 13.59 ? 83  VAL A N   1 
ATOM   452  C CA  . VAL A 1 91  ? -9.409  2.584   14.081  1.00 15.17 ? 83  VAL A CA  1 
ATOM   453  C C   . VAL A 1 91  ? -8.887  3.908   14.646  1.00 16.05 ? 83  VAL A C   1 
ATOM   454  O O   . VAL A 1 91  ? -7.869  3.931   15.339  1.00 12.85 ? 83  VAL A O   1 
ATOM   455  C CB  . VAL A 1 91  ? -10.785 2.197   14.652  1.00 15.94 ? 83  VAL A CB  1 
ATOM   456  C CG1 . VAL A 1 91  ? -11.248 0.909   14.006  1.00 18.39 ? 83  VAL A CG1 1 
ATOM   457  C CG2 . VAL A 1 91  ? -10.704 2.018   16.150  1.00 12.46 ? 83  VAL A CG2 1 
ATOM   458  N N   . PRO A 1 92  ? -9.564  5.026   14.333  1.00 17.68 ? 84  PRO A N   1 
ATOM   459  C CA  . PRO A 1 92  ? -9.045  6.320   14.757  1.00 17.34 ? 84  PRO A CA  1 
ATOM   460  C C   . PRO A 1 92  ? -8.606  6.405   16.224  1.00 16.22 ? 84  PRO A C   1 
ATOM   461  O O   . PRO A 1 92  ? -7.560  6.983   16.506  1.00 16.60 ? 84  PRO A O   1 
ATOM   462  C CB  . PRO A 1 92  ? -10.207 7.270   14.459  1.00 19.08 ? 84  PRO A CB  1 
ATOM   463  C CG  . PRO A 1 92  ? -10.809 6.676   13.203  1.00 21.63 ? 84  PRO A CG  1 
ATOM   464  C CD  . PRO A 1 92  ? -10.711 5.167   13.416  1.00 19.60 ? 84  PRO A CD  1 
ATOM   465  N N   . ASN A 1 93  ? -9.375  5.840   17.148  1.00 16.16 ? 85  ASN A N   1 
ATOM   466  C CA  . ASN A 1 93  ? -9.014  5.928   18.567  1.00 16.13 ? 85  ASN A CA  1 
ATOM   467  C C   . ASN A 1 93  ? -7.852  5.009   18.962  1.00 15.46 ? 85  ASN A C   1 
ATOM   468  O O   . ASN A 1 93  ? -7.379  5.060   20.093  1.00 13.58 ? 85  ASN A O   1 
ATOM   469  C CB  . ASN A 1 93  ? -10.225 5.667   19.467  1.00 19.60 ? 85  ASN A CB  1 
ATOM   470  C CG  . ASN A 1 93  ? -10.887 4.337   19.175  1.00 28.61 ? 85  ASN A CG  1 
ATOM   471  O OD1 . ASN A 1 93  ? -11.729 4.236   18.275  1.00 46.18 ? 85  ASN A OD1 1 
ATOM   472  N ND2 . ASN A 1 93  ? -10.509 3.303   19.926  1.00 39.30 ? 85  ASN A ND2 1 
ATOM   473  N N   . GLU A 1 94  ? -7.387  4.183   18.026  1.00 13.55 ? 86  GLU A N   1 
ATOM   474  C CA  . GLU A 1 94  ? -6.264  3.272   18.285  1.00 11.45 ? 86  GLU A CA  1 
ATOM   475  C C   . GLU A 1 94  ? -4.967  3.796   17.679  1.00 11.00 ? 86  GLU A C   1 
ATOM   476  O O   . GLU A 1 94  ? -3.890  3.241   17.920  1.00 9.47  ? 86  GLU A O   1 
ATOM   477  C CB  . GLU A 1 94  ? -6.574  1.871   17.738  1.00 12.10 ? 86  GLU A CB  1 
ATOM   478  C CG  . GLU A 1 94  ? -7.817  1.226   18.376  1.00 15.28 ? 86  GLU A CG  1 
ATOM   479  C CD  . GLU A 1 94  ? -8.238  -0.085  17.712  1.00 18.64 ? 86  GLU A CD  1 
ATOM   480  O OE1 . GLU A 1 94  ? -7.991  -0.269  16.499  1.00 13.22 ? 86  GLU A OE1 1 
ATOM   481  O OE2 . GLU A 1 94  ? -8.819  -0.937  18.415  1.00 19.66 ? 86  GLU A OE2 1 
ATOM   482  N N   . ILE A 1 95  ? -5.058  4.867   16.894  1.00 9.51  ? 87  ILE A N   1 
ATOM   483  C CA  . ILE A 1 95  ? -3.861  5.429   16.270  1.00 9.10  ? 87  ILE A CA  1 
ATOM   484  C C   . ILE A 1 95  ? -2.796  5.796   17.313  1.00 11.38 ? 87  ILE A C   1 
ATOM   485  O O   . ILE A 1 95  ? -1.593  5.646   17.073  1.00 12.59 ? 87  ILE A O   1 
ATOM   486  C CB  . ILE A 1 95  ? -4.187  6.669   15.411  1.00 9.39  ? 87  ILE A CB  1 
ATOM   487  C CG1 . ILE A 1 95  ? -5.081  6.275   14.231  1.00 14.31 ? 87  ILE A CG1 1 
ATOM   488  C CG2 . ILE A 1 95  ? -2.892  7.323   14.906  1.00 13.26 ? 87  ILE A CG2 1 
ATOM   489  C CD1 . ILE A 1 95  ? -4.437  5.303   13.279  1.00 19.25 ? 87  ILE A CD1 1 
ATOM   490  N N   . SER A 1 96  ? -3.245  6.278   18.467  1.00 11.96 ? 88  SER A N   1 
ATOM   491  C CA  . SER A 1 96  ? -2.338  6.661   19.557  1.00 9.92  ? 88  SER A CA  1 
ATOM   492  C C   . SER A 1 96  ? -1.525  5.495   20.153  1.00 11.29 ? 88  SER A C   1 
ATOM   493  O O   . SER A 1 96  ? -0.524  5.730   20.829  1.00 10.81 ? 88  SER A O   1 
ATOM   494  C CB  . SER A 1 96  ? -3.135  7.340   20.668  1.00 12.20 ? 88  SER A CB  1 
ATOM   495  O OG  . SER A 1 96  ? -4.097  6.434   21.166  1.00 12.00 ? 88  SER A OG  1 
ATOM   496  N N   . GLU A 1 97  ? -1.947  4.250   19.916  1.00 9.65  ? 89  GLU A N   1 
ATOM   497  C CA  . GLU A 1 97  ? -1.201  3.079   20.403  1.00 7.87  ? 89  GLU A CA  1 
ATOM   498  C C   . GLU A 1 97  ? 0.189   2.942   19.751  1.00 9.75  ? 89  GLU A C   1 
ATOM   499  O O   . GLU A 1 97  ? 1.144   2.528   20.398  1.00 10.57 ? 89  GLU A O   1 
ATOM   500  C CB  . GLU A 1 97  ? -1.972  1.781   20.144  1.00 7.57  ? 89  GLU A CB  1 
ATOM   501  C CG  . GLU A 1 97  ? -3.300  1.652   20.861  1.00 12.88 ? 89  GLU A CG  1 
ATOM   502  C CD  . GLU A 1 97  ? -4.075  0.428   20.411  1.00 16.80 ? 89  GLU A CD  1 
ATOM   503  O OE1 . GLU A 1 97  ? -3.560  -0.378  19.598  1.00 14.71 ? 89  GLU A OE1 1 
ATOM   504  O OE2 . GLU A 1 97  ? -5.212  0.276   20.871  1.00 19.56 ? 89  GLU A OE2 1 
ATOM   505  N N   . TYR A 1 98  ? 0.294   3.283   18.474  1.00 9.07  ? 90  TYR A N   1 
ATOM   506  C CA  . TYR A 1 98  ? 1.475   2.906   17.701  1.00 9.96  ? 90  TYR A CA  1 
ATOM   507  C C   . TYR A 1 98  ? 1.654   3.732   16.432  1.00 11.36 ? 90  TYR A C   1 
ATOM   508  O O   . TYR A 1 98  ? 2.698   4.366   16.236  1.00 10.68 ? 90  TYR A O   1 
ATOM   509  C CB  . TYR A 1 98  ? 1.413   1.407   17.364  1.00 9.23  ? 90  TYR A CB  1 
ATOM   510  C CG  . TYR A 1 98  ? 2.744   0.821   16.979  1.00 10.29 ? 90  TYR A CG  1 
ATOM   511  C CD1 . TYR A 1 98  ? 3.577   0.245   17.940  1.00 11.27 ? 90  TYR A CD1 1 
ATOM   512  C CD2 . TYR A 1 98  ? 3.182   0.850   15.659  1.00 9.77  ? 90  TYR A CD2 1 
ATOM   513  C CE1 . TYR A 1 98  ? 4.804   -0.294  17.593  1.00 11.61 ? 90  TYR A CE1 1 
ATOM   514  C CE2 . TYR A 1 98  ? 4.415   0.315   15.306  1.00 5.75  ? 90  TYR A CE2 1 
ATOM   515  C CZ  . TYR A 1 98  ? 5.219   -0.254  16.270  1.00 8.45  ? 90  TYR A CZ  1 
ATOM   516  O OH  . TYR A 1 98  ? 6.445   -0.783  15.906  1.00 10.78 ? 90  TYR A OH  1 
ATOM   517  N N   . MET A 1 99  ? 0.646   3.719   15.562  1.00 12.97 ? 91  MET A N   1 
ATOM   518  C CA  . MET A 1 99  ? 0.715   4.466   14.303  1.00 9.76  ? 91  MET A CA  1 
ATOM   519  C C   . MET A 1 99  ? 1.074   5.935   14.493  1.00 11.13 ? 91  MET A C   1 
ATOM   520  O O   . MET A 1 99  ? 1.736   6.523   13.635  1.00 10.74 ? 91  MET A O   1 
ATOM   521  C CB  . MET A 1 99  ? -0.604  4.367   13.522  1.00 13.82 ? 91  MET A CB  1 
ATOM   522  C CG  . MET A 1 99  ? -0.827  3.030   12.828  1.00 10.20 ? 91  MET A CG  1 
ATOM   523  S SD  . MET A 1 99  ? 0.613   2.474   11.896  1.00 15.90 ? 91  MET A SD  1 
ATOM   524  C CE  . MET A 1 99  ? 0.766   3.725   10.632  1.00 12.33 ? 91  MET A CE  1 
ATOM   525  N N   . THR A 1 100 ? 0.643   6.530   15.608  1.00 10.56 ? 92  THR A N   1 
ATOM   526  C CA  . THR A 1 100 ? 0.906   7.952   15.863  1.00 10.78 ? 92  THR A CA  1 
ATOM   527  C C   . THR A 1 100 ? 2.361   8.349   15.595  1.00 11.27 ? 92  THR A C   1 
ATOM   528  O O   . THR A 1 100 ? 2.630   9.431   15.069  1.00 9.63  ? 92  THR A O   1 
ATOM   529  C CB  . THR A 1 100 ? 0.496   8.391   17.289  1.00 12.94 ? 92  THR A CB  1 
ATOM   530  O OG1 . THR A 1 100 ? 0.681   9.809   17.413  1.00 11.77 ? 92  THR A OG1 1 
ATOM   531  C CG2 . THR A 1 100 ? 1.328   7.676   18.344  1.00 9.58  ? 92  THR A CG2 1 
ATOM   532  N N   . GLY A 1 101 ? 3.294   7.458   15.922  1.00 9.70  ? 93  GLY A N   1 
ATOM   533  C CA  . GLY A 1 101 ? 4.710   7.745   15.736  1.00 9.05  ? 93  GLY A CA  1 
ATOM   534  C C   . GLY A 1 101 ? 5.440   6.780   14.829  1.00 10.01 ? 93  GLY A C   1 
ATOM   535  O O   . GLY A 1 101 ? 6.660   6.681   14.884  1.00 7.21  ? 93  GLY A O   1 
ATOM   536  N N   . PHE A 1 102 ? 4.699   6.084   13.964  1.00 9.29  ? 94  PHE A N   1 
ATOM   537  C CA  . PHE A 1 102 ? 5.295   5.015   13.166  1.00 9.72  ? 94  PHE A CA  1 
ATOM   538  C C   . PHE A 1 102 ? 6.404   5.444   12.211  1.00 8.98  ? 94  PHE A C   1 
ATOM   539  O O   . PHE A 1 102 ? 7.353   4.693   11.987  1.00 6.64  ? 94  PHE A O   1 
ATOM   540  C CB  . PHE A 1 102 ? 4.237   4.255   12.364  1.00 9.70  ? 94  PHE A CB  1 
ATOM   541  C CG  . PHE A 1 102 ? 4.819   3.152   11.512  1.00 10.60 ? 94  PHE A CG  1 
ATOM   542  C CD1 . PHE A 1 102 ? 5.300   1.988   12.097  1.00 7.10  ? 94  PHE A CD1 1 
ATOM   543  C CD2 . PHE A 1 102 ? 4.893   3.284   10.130  1.00 10.66 ? 94  PHE A CD2 1 
ATOM   544  C CE1 . PHE A 1 102 ? 5.838   0.968   11.314  1.00 9.63  ? 94  PHE A CE1 1 
ATOM   545  C CE2 . PHE A 1 102 ? 5.431   2.262   9.341   1.00 12.55 ? 94  PHE A CE2 1 
ATOM   546  C CZ  . PHE A 1 102 ? 5.907   1.111   9.937   1.00 8.75  ? 94  PHE A CZ  1 
ATOM   547  N N   . PHE A 1 103 ? 6.274   6.626   11.614  1.00 8.33  ? 95  PHE A N   1 
ATOM   548  C CA  . PHE A 1 103 ? 7.204   7.035   10.555  1.00 10.11 ? 95  PHE A CA  1 
ATOM   549  C C   . PHE A 1 103 ? 8.386   7.900   11.022  1.00 8.38  ? 95  PHE A C   1 
ATOM   550  O O   . PHE A 1 103 ? 9.074   8.499   10.196  1.00 11.40 ? 95  PHE A O   1 
ATOM   551  C CB  . PHE A 1 103 ? 6.458   7.776   9.434   1.00 8.09  ? 95  PHE A CB  1 
ATOM   552  C CG  . PHE A 1 103 ? 5.420   6.937   8.720   1.00 14.89 ? 95  PHE A CG  1 
ATOM   553  C CD1 . PHE A 1 103 ? 5.794   6.013   7.751   1.00 11.91 ? 95  PHE A CD1 1 
ATOM   554  C CD2 . PHE A 1 103 ? 4.071   7.090   9.013   1.00 12.38 ? 95  PHE A CD2 1 
ATOM   555  C CE1 . PHE A 1 103 ? 4.839   5.241   7.087   1.00 13.32 ? 95  PHE A CE1 1 
ATOM   556  C CE2 . PHE A 1 103 ? 3.105   6.326   8.357   1.00 13.83 ? 95  PHE A CE2 1 
ATOM   557  C CZ  . PHE A 1 103 ? 3.489   5.397   7.392   1.00 11.90 ? 95  PHE A CZ  1 
ATOM   558  N N   . HIS A 1 104 ? 8.633   7.963   12.325  1.00 7.87  ? 96  HIS A N   1 
ATOM   559  C CA  . HIS A 1 104 ? 9.611   8.911   12.851  1.00 9.41  ? 96  HIS A CA  1 
ATOM   560  C C   . HIS A 1 104 ? 11.033  8.778   12.280  1.00 12.36 ? 96  HIS A C   1 
ATOM   561  O O   . HIS A 1 104 ? 11.807  9.726   12.342  1.00 14.52 ? 96  HIS A O   1 
ATOM   562  C CB  . HIS A 1 104 ? 9.629   8.905   14.387  1.00 10.49 ? 96  HIS A CB  1 
ATOM   563  C CG  . HIS A 1 104 ? 10.277  7.695   14.990  1.00 13.56 ? 96  HIS A CG  1 
ATOM   564  N ND1 . HIS A 1 104 ? 9.634   6.477   15.096  1.00 17.29 ? 96  HIS A ND1 1 
ATOM   565  C CD2 . HIS A 1 104 ? 11.503  7.522   15.538  1.00 15.28 ? 96  HIS A CD2 1 
ATOM   566  C CE1 . HIS A 1 104 ? 10.438  5.606   15.682  1.00 15.11 ? 96  HIS A CE1 1 
ATOM   567  N NE2 . HIS A 1 104 ? 11.579  6.213   15.957  1.00 18.54 ? 96  HIS A NE2 1 
ATOM   568  N N   . ARG A 1 105 ? 11.371  7.625   11.711  1.00 9.47  ? 97  ARG A N   1 
ATOM   569  C CA  . ARG A 1 105 ? 12.696  7.459   11.102  1.00 12.22 ? 97  ARG A CA  1 
ATOM   570  C C   . ARG A 1 105 ? 12.708  7.796   9.617   1.00 10.39 ? 97  ARG A C   1 
ATOM   571  O O   . ARG A 1 105 ? 13.730  7.667   8.963   1.00 12.96 ? 97  ARG A O   1 
ATOM   572  C CB  . ARG A 1 105 ? 13.199  6.022   11.294  1.00 11.85 ? 97  ARG A CB  1 
ATOM   573  C CG  . ARG A 1 105 ? 13.342  5.629   12.752  1.00 9.88  ? 97  ARG A CG  1 
ATOM   574  C CD  . ARG A 1 105 ? 14.059  4.285   12.889  1.00 14.49 ? 97  ARG A CD  1 
ATOM   575  N NE  . ARG A 1 105 ? 13.971  3.779   14.252  1.00 10.82 ? 97  ARG A NE  1 
ATOM   576  C CZ  . ARG A 1 105 ? 12.937  3.106   14.739  1.00 12.36 ? 97  ARG A CZ  1 
ATOM   577  N NH1 . ARG A 1 105 ? 11.886  2.822   13.962  1.00 9.33  ? 97  ARG A NH1 1 
ATOM   578  N NH2 . ARG A 1 105 ? 12.951  2.708   16.002  1.00 13.94 ? 97  ARG A NH2 1 
ATOM   579  N N   . HIS A 1 106 ? 11.575  8.227   9.075   1.00 10.73 ? 98  HIS A N   1 
ATOM   580  C CA  . HIS A 1 106 ? 11.467  8.368   7.632   1.00 10.88 ? 98  HIS A CA  1 
ATOM   581  C C   . HIS A 1 106 ? 10.980  9.730   7.175   1.00 10.97 ? 98  HIS A C   1 
ATOM   582  O O   . HIS A 1 106 ? 10.622  9.897   6.012   1.00 7.45  ? 98  HIS A O   1 
ATOM   583  C CB  . HIS A 1 106 ? 10.540  7.281   7.076   1.00 9.83  ? 98  HIS A CB  1 
ATOM   584  C CG  . HIS A 1 106 ? 11.148  5.916   7.099   1.00 8.64  ? 98  HIS A CG  1 
ATOM   585  N ND1 . HIS A 1 106 ? 10.767  4.948   8.001   1.00 10.16 ? 98  HIS A ND1 1 
ATOM   586  C CD2 . HIS A 1 106 ? 12.127  5.364   6.342   1.00 6.33  ? 98  HIS A CD2 1 
ATOM   587  C CE1 . HIS A 1 106 ? 11.477  3.853   7.794   1.00 8.59  ? 98  HIS A CE1 1 
ATOM   588  N NE2 . HIS A 1 106 ? 12.319  4.083   6.801   1.00 14.36 ? 98  HIS A NE2 1 
ATOM   589  N N   . LEU A 1 107 ? 10.969  10.695  8.085   1.00 9.26  ? 99  LEU A N   1 
ATOM   590  C CA  . LEU A 1 107 ? 10.309  11.973  7.822   1.00 14.33 ? 99  LEU A CA  1 
ATOM   591  C C   . LEU A 1 107 ? 10.990  12.777  6.701   1.00 15.66 ? 99  LEU A C   1 
ATOM   592  O O   . LEU A 1 107 ? 10.313  13.468  5.932   1.00 13.68 ? 99  LEU A O   1 
ATOM   593  C CB  . LEU A 1 107 ? 10.172  12.786  9.123   1.00 11.52 ? 99  LEU A CB  1 
ATOM   594  C CG  . LEU A 1 107 ? 9.332   12.075  10.199  1.00 13.66 ? 99  LEU A CG  1 
ATOM   595  C CD1 . LEU A 1 107 ? 9.336   12.854  11.505  1.00 12.14 ? 99  LEU A CD1 1 
ATOM   596  C CD2 . LEU A 1 107 ? 7.897   11.832  9.722   1.00 12.94 ? 99  LEU A CD2 1 
ATOM   597  N N   . GLU A 1 108 ? 12.314  12.666  6.597   1.00 15.48 ? 100 GLU A N   1 
ATOM   598  C CA  . GLU A 1 108 ? 13.066  13.331  5.520   1.00 19.77 ? 100 GLU A CA  1 
ATOM   599  C C   . GLU A 1 108 ? 12.635  12.828  4.147   1.00 19.04 ? 100 GLU A C   1 
ATOM   600  O O   . GLU A 1 108 ? 12.330  13.617  3.245   1.00 18.68 ? 100 GLU A O   1 
ATOM   601  C CB  . GLU A 1 108 ? 14.577  13.107  5.678   1.00 20.63 ? 100 GLU A CB  1 
ATOM   602  C CG  . GLU A 1 108 ? 15.187  13.734  6.924   1.00 31.01 ? 100 GLU A CG  1 
ATOM   603  C CD  . GLU A 1 108 ? 15.688  15.147  6.685   1.00 41.99 ? 100 GLU A CD  1 
ATOM   604  O OE1 . GLU A 1 108 ? 15.938  15.503  5.512   1.00 46.97 ? 100 GLU A OE1 1 
ATOM   605  O OE2 . GLU A 1 108 ? 15.840  15.899  7.670   1.00 46.05 ? 100 GLU A OE2 1 
ATOM   606  N N   . GLN A 1 109 ? 12.623  11.509  3.994   1.00 17.56 ? 101 GLN A N   1 
ATOM   607  C CA  . GLN A 1 109 ? 12.284  10.879  2.720   1.00 18.25 ? 101 GLN A CA  1 
ATOM   608  C C   . GLN A 1 109 ? 10.823  11.144  2.369   1.00 17.68 ? 101 GLN A C   1 
ATOM   609  O O   . GLN A 1 109 ? 10.480  11.394  1.208   1.00 15.00 ? 101 GLN A O   1 
ATOM   610  C CB  . GLN A 1 109 ? 12.564  9.375   2.792   1.00 20.75 ? 101 GLN A CB  1 
ATOM   611  C CG  . GLN A 1 109 ? 12.515  8.662   1.446   1.00 30.88 ? 101 GLN A CG  1 
ATOM   612  C CD  . GLN A 1 109 ? 12.641  7.145   1.573   1.00 41.63 ? 101 GLN A CD  1 
ATOM   613  O OE1 . GLN A 1 109 ? 12.634  6.582   2.681   1.00 43.18 ? 101 GLN A OE1 1 
ATOM   614  N NE2 . GLN A 1 109 ? 12.756  6.472   0.428   1.00 42.19 ? 101 GLN A NE2 1 
ATOM   615  N N   . ILE A 1 110 ? 9.961   11.113  3.378   1.00 14.95 ? 102 ILE A N   1 
ATOM   616  C CA  . ILE A 1 110 ? 8.542   11.383  3.151   1.00 15.18 ? 102 ILE A CA  1 
ATOM   617  C C   . ILE A 1 110 ? 8.305   12.784  2.574   1.00 17.92 ? 102 ILE A C   1 
ATOM   618  O O   . ILE A 1 110 ? 7.444   12.965  1.712   1.00 19.24 ? 102 ILE A O   1 
ATOM   619  C CB  . ILE A 1 110 ? 7.699   11.179  4.431   1.00 14.37 ? 102 ILE A CB  1 
ATOM   620  C CG1 . ILE A 1 110 ? 7.560   9.682   4.729   1.00 11.60 ? 102 ILE A CG1 1 
ATOM   621  C CG2 . ILE A 1 110 ? 6.330   11.810  4.268   1.00 12.35 ? 102 ILE A CG2 1 
ATOM   622  C CD1 . ILE A 1 110 ? 7.139   9.383   6.159   1.00 11.37 ? 102 ILE A CD1 1 
ATOM   623  N N   . ASP A 1 111 ? 9.073   13.766  3.032   1.00 17.98 ? 103 ASP A N   1 
ATOM   624  C CA  . ASP A 1 111 ? 8.865   15.146  2.585   1.00 20.31 ? 103 ASP A CA  1 
ATOM   625  C C   . ASP A 1 111 ? 9.648   15.497  1.322   1.00 20.46 ? 103 ASP A C   1 
ATOM   626  O O   . ASP A 1 111 ? 9.544   16.614  0.821   1.00 22.27 ? 103 ASP A O   1 
ATOM   627  C CB  . ASP A 1 111 ? 9.212   16.127  3.709   1.00 22.09 ? 103 ASP A CB  1 
ATOM   628  C CG  . ASP A 1 111 ? 8.651   17.526  3.465   1.00 29.49 ? 103 ASP A CG  1 
ATOM   629  O OD1 . ASP A 1 111 ? 7.438   17.661  3.172   1.00 28.07 ? 103 ASP A OD1 1 
ATOM   630  O OD2 . ASP A 1 111 ? 9.433   18.490  3.577   1.00 24.11 ? 103 ASP A OD2 1 
ATOM   631  N N   . SER A 1 112 ? 10.420  14.544  0.809   1.00 19.07 ? 104 SER A N   1 
ATOM   632  C CA  . SER A 1 112 ? 11.266  14.762  -0.363  1.00 20.33 ? 104 SER A CA  1 
ATOM   633  C C   . SER A 1 112 ? 10.468  14.821  -1.669  1.00 19.54 ? 104 SER A C   1 
ATOM   634  O O   . SER A 1 112 ? 9.276   14.505  -1.703  1.00 16.87 ? 104 SER A O   1 
ATOM   635  C CB  . SER A 1 112 ? 12.288  13.639  -0.476  1.00 20.50 ? 104 SER A CB  1 
ATOM   636  O OG  . SER A 1 112 ? 11.631  12.442  -0.855  1.00 22.11 ? 104 SER A OG  1 
ATOM   637  N N   . GLU A 1 113 ? 11.143  15.208  -2.747  1.00 19.09 ? 105 GLU A N   1 
ATOM   638  C CA  . GLU A 1 113 ? 10.495  15.344  -4.043  1.00 20.91 ? 105 GLU A CA  1 
ATOM   639  C C   . GLU A 1 113 ? 9.945   14.006  -4.529  1.00 19.38 ? 105 GLU A C   1 
ATOM   640  O O   . GLU A 1 113 ? 8.797   13.927  -4.969  1.00 18.84 ? 105 GLU A O   1 
ATOM   641  C CB  . GLU A 1 113 ? 11.464  15.922  -5.081  1.00 23.76 ? 105 GLU A CB  1 
ATOM   642  C CG  . GLU A 1 113 ? 10.756  16.608  -6.240  1.00 26.47 ? 105 GLU A CG  1 
ATOM   643  C CD  . GLU A 1 113 ? 11.709  17.058  -7.340  1.00 36.55 ? 105 GLU A CD  1 
ATOM   644  O OE1 . GLU A 1 113 ? 12.774  16.428  -7.517  1.00 37.04 ? 105 GLU A OE1 1 
ATOM   645  O OE2 . GLU A 1 113 ? 11.380  18.039  -8.037  1.00 41.88 ? 105 GLU A OE2 1 
ATOM   646  N N   . GLY A 1 114 ? 10.773  12.967  -4.445  1.00 16.82 ? 106 GLY A N   1 
ATOM   647  C CA  . GLY A 1 114 ? 10.390  11.622  -4.854  1.00 15.53 ? 106 GLY A CA  1 
ATOM   648  C C   . GLY A 1 114 ? 10.296  11.447  -6.354  1.00 14.70 ? 106 GLY A C   1 
ATOM   649  O O   . GLY A 1 114 ? 11.019  12.089  -7.116  1.00 13.36 ? 106 GLY A O   1 
ATOM   650  N N   . ILE A 1 115 ? 9.392   10.577  -6.785  1.00 13.67 ? 107 ILE A N   1 
ATOM   651  C CA  . ILE A 1 115 ? 9.205   10.323  -8.201  1.00 12.30 ? 107 ILE A CA  1 
ATOM   652  C C   . ILE A 1 115 ? 8.074   11.210  -8.717  1.00 12.80 ? 107 ILE A C   1 
ATOM   653  O O   . ILE A 1 115 ? 6.919   11.054  -8.310  1.00 12.29 ? 107 ILE A O   1 
ATOM   654  C CB  . ILE A 1 115 ? 8.883   8.846   -8.467  1.00 8.64  ? 107 ILE A CB  1 
ATOM   655  C CG1 . ILE A 1 115 ? 9.966   7.948   -7.859  1.00 12.29 ? 107 ILE A CG1 1 
ATOM   656  C CG2 . ILE A 1 115 ? 8.756   8.597   -9.963  1.00 10.80 ? 107 ILE A CG2 1 
ATOM   657  C CD1 . ILE A 1 115 ? 9.588   6.483   -7.819  1.00 11.38 ? 107 ILE A CD1 1 
ATOM   658  N N   . VAL A 1 116 ? 8.412   12.140  -9.605  1.00 11.70 ? 108 VAL A N   1 
ATOM   659  C CA  . VAL A 1 116 ? 7.457   13.147  -10.082 1.00 11.98 ? 108 VAL A CA  1 
ATOM   660  C C   . VAL A 1 116 ? 6.908   12.774  -11.466 1.00 12.23 ? 108 VAL A C   1 
ATOM   661  O O   . VAL A 1 116 ? 7.660   12.366  -12.349 1.00 13.31 ? 108 VAL A O   1 
ATOM   662  C CB  . VAL A 1 116 ? 8.119   14.547  -10.126 1.00 12.59 ? 108 VAL A CB  1 
ATOM   663  C CG1 . VAL A 1 116 ? 7.125   15.610  -10.583 1.00 13.44 ? 108 VAL A CG1 1 
ATOM   664  C CG2 . VAL A 1 116 ? 8.665   14.908  -8.748  1.00 17.08 ? 108 VAL A CG2 1 
ATOM   665  N N   . SER A 1 117 ? 5.595   12.902  -11.655 1.00 11.46 ? 109 SER A N   1 
ATOM   666  C CA  . SER A 1 117 ? 4.974   12.517  -12.921 1.00 8.32  ? 109 SER A CA  1 
ATOM   667  C C   . SER A 1 117 ? 5.421   13.441  -14.052 1.00 11.89 ? 109 SER A C   1 
ATOM   668  O O   . SER A 1 117 ? 5.811   14.585  -13.813 1.00 10.78 ? 109 SER A O   1 
ATOM   669  C CB  . SER A 1 117 ? 3.446   12.555  -12.810 1.00 7.39  ? 109 SER A CB  1 
ATOM   670  O OG  . SER A 1 117 ? 2.986   13.886  -12.564 1.00 11.91 ? 109 SER A OG  1 
ATOM   671  N N   . HIS A 1 118 ? 5.340   12.948  -15.281 1.00 11.84 ? 110 HIS A N   1 
ATOM   672  C CA  . HIS A 1 118 ? 5.602   13.776  -16.452 1.00 13.73 ? 110 HIS A CA  1 
ATOM   673  C C   . HIS A 1 118 ? 4.301   14.345  -17.021 1.00 15.75 ? 110 HIS A C   1 
ATOM   674  O O   . HIS A 1 118 ? 3.248   13.724  -16.904 1.00 14.50 ? 110 HIS A O   1 
ATOM   675  C CB  . HIS A 1 118 ? 6.306   12.967  -17.537 1.00 11.85 ? 110 HIS A CB  1 
ATOM   676  C CG  . HIS A 1 118 ? 7.554   12.285  -17.074 1.00 11.86 ? 110 HIS A CG  1 
ATOM   677  N ND1 . HIS A 1 118 ? 8.001   11.104  -17.622 1.00 14.11 ? 110 HIS A ND1 1 
ATOM   678  C CD2 . HIS A 1 118 ? 8.454   12.621  -16.120 1.00 17.80 ? 110 HIS A CD2 1 
ATOM   679  C CE1 . HIS A 1 118 ? 9.127   10.745  -17.032 1.00 13.39 ? 110 HIS A CE1 1 
ATOM   680  N NE2 . HIS A 1 118 ? 9.417   11.644  -16.109 1.00 13.76 ? 110 HIS A NE2 1 
ATOM   681  N N   . PRO A 1 119 ? 4.371   15.533  -17.649 1.00 18.93 ? 111 PRO A N   1 
ATOM   682  C CA  . PRO A 1 119 ? 3.186   16.097  -18.290 1.00 20.38 ? 111 PRO A CA  1 
ATOM   683  C C   . PRO A 1 119 ? 2.615   15.111  -19.302 1.00 21.63 ? 111 PRO A C   1 
ATOM   684  O O   . PRO A 1 119 ? 3.363   14.531  -20.090 1.00 22.25 ? 111 PRO A O   1 
ATOM   685  C CB  . PRO A 1 119 ? 3.734   17.326  -19.023 1.00 23.09 ? 111 PRO A CB  1 
ATOM   686  C CG  . PRO A 1 119 ? 4.972   17.698  -18.275 1.00 25.22 ? 111 PRO A CG  1 
ATOM   687  C CD  . PRO A 1 119 ? 5.556   16.398  -17.801 1.00 21.51 ? 111 PRO A CD  1 
ATOM   688  N N   . ASN A 1 120 ? 1.303   14.908  -19.265 1.00 22.69 ? 112 ASN A N   1 
ATOM   689  C CA  . ASN A 1 120 ? 0.640   14.022  -20.218 1.00 24.42 ? 112 ASN A CA  1 
ATOM   690  C C   . ASN A 1 120 ? 0.977   12.546  -20.017 1.00 23.01 ? 112 ASN A C   1 
ATOM   691  O O   . ASN A 1 120 ? 0.744   11.728  -20.908 1.00 25.68 ? 112 ASN A O   1 
ATOM   692  C CB  . ASN A 1 120 ? 0.972   14.433  -21.657 1.00 27.10 ? 112 ASN A CB  1 
ATOM   693  C CG  . ASN A 1 120 ? 0.711   15.900  -21.917 1.00 34.53 ? 112 ASN A CG  1 
ATOM   694  O OD1 . ASN A 1 120 ? -0.294  16.454  -21.469 1.00 42.01 ? 112 ASN A OD1 1 
ATOM   695  N ND2 . ASN A 1 120 ? 1.626   16.545  -22.639 1.00 41.67 ? 112 ASN A ND2 1 
ATOM   696  N N   . GLU A 1 121 ? 1.529   12.207  -18.855 1.00 18.87 ? 113 GLU A N   1 
ATOM   697  C CA  . GLU A 1 121 ? 1.802   10.816  -18.534 1.00 14.34 ? 113 GLU A CA  1 
ATOM   698  C C   . GLU A 1 121 ? 0.486   10.170  -18.080 1.00 14.69 ? 113 GLU A C   1 
ATOM   699  O O   . GLU A 1 121 ? -0.217  10.736  -17.233 1.00 12.22 ? 113 GLU A O   1 
ATOM   700  C CB  . GLU A 1 121 ? 2.872   10.735  -17.436 1.00 13.93 ? 113 GLU A CB  1 
ATOM   701  C CG  . GLU A 1 121 ? 3.515   9.362   -17.278 1.00 14.52 ? 113 GLU A CG  1 
ATOM   702  C CD  . GLU A 1 121 ? 4.697   9.365   -16.305 1.00 14.10 ? 113 GLU A CD  1 
ATOM   703  O OE1 . GLU A 1 121 ? 4.853   10.333  -15.528 1.00 14.37 ? 113 GLU A OE1 1 
ATOM   704  O OE2 . GLU A 1 121 ? 5.468   8.386   -16.315 1.00 15.59 ? 113 GLU A OE2 1 
ATOM   705  N N   . THR A 1 122 ? 0.145   9.007   -18.641 1.00 10.13 ? 114 THR A N   1 
ATOM   706  C CA  . THR A 1 122 ? -1.047  8.266   -18.203 1.00 9.88  ? 114 THR A CA  1 
ATOM   707  C C   . THR A 1 122 ? -0.852  7.651   -16.816 1.00 10.45 ? 114 THR A C   1 
ATOM   708  O O   . THR A 1 122 ? 0.278   7.440   -16.368 1.00 9.64  ? 114 THR A O   1 
ATOM   709  C CB  . THR A 1 122 ? -1.469  7.139   -19.189 1.00 10.57 ? 114 THR A CB  1 
ATOM   710  O OG1 . THR A 1 122 ? -0.412  6.176   -19.332 1.00 11.66 ? 114 THR A OG1 1 
ATOM   711  C CG2 . THR A 1 122 ? -1.835  7.701   -20.562 1.00 8.63  ? 114 THR A CG2 1 
ATOM   712  N N   . TYR A 1 123 ? -1.954  7.348   -16.136 1.00 8.87  ? 115 TYR A N   1 
ATOM   713  C CA  . TYR A 1 123 ? -1.873  6.619   -14.871 1.00 8.06  ? 115 TYR A CA  1 
ATOM   714  C C   . TYR A 1 123 ? -1.103  5.312   -15.028 1.00 9.53  ? 115 TYR A C   1 
ATOM   715  O O   . TYR A 1 123 ? -0.255  4.957   -14.190 1.00 6.73  ? 115 TYR A O   1 
ATOM   716  C CB  . TYR A 1 123 ? -3.274  6.346   -14.311 1.00 7.34  ? 115 TYR A CB  1 
ATOM   717  C CG  . TYR A 1 123 ? -3.721  7.416   -13.334 1.00 11.02 ? 115 TYR A CG  1 
ATOM   718  C CD1 . TYR A 1 123 ? -4.148  8.667   -13.783 1.00 11.09 ? 115 TYR A CD1 1 
ATOM   719  C CD2 . TYR A 1 123 ? -3.695  7.186   -11.973 1.00 11.60 ? 115 TYR A CD2 1 
ATOM   720  C CE1 . TYR A 1 123 ? -4.546  9.651   -12.895 1.00 10.28 ? 115 TYR A CE1 1 
ATOM   721  C CE2 . TYR A 1 123 ? -4.095  8.165   -11.072 1.00 15.88 ? 115 TYR A CE2 1 
ATOM   722  C CZ  . TYR A 1 123 ? -4.511  9.395   -11.539 1.00 15.27 ? 115 TYR A CZ  1 
ATOM   723  O OH  . TYR A 1 123 ? -4.900  10.364  -10.642 1.00 21.93 ? 115 TYR A OH  1 
ATOM   724  N N   . SER A 1 124 ? -1.397  4.585   -16.097 1.00 6.50  ? 116 SER A N   1 
ATOM   725  C CA  . SER A 1 124 ? -0.710  3.321   -16.328 1.00 8.65  ? 116 SER A CA  1 
ATOM   726  C C   . SER A 1 124 ? 0.805   3.501   -16.489 1.00 9.38  ? 116 SER A C   1 
ATOM   727  O O   . SER A 1 124 ? 1.586   2.709   -15.975 1.00 8.38  ? 116 SER A O   1 
ATOM   728  C CB  . SER A 1 124 ? -1.291  2.619   -17.557 1.00 9.20  ? 116 SER A CB  1 
ATOM   729  O OG  . SER A 1 124 ? -0.580  1.421   -17.795 1.00 11.81 ? 116 SER A OG  1 
ATOM   730  N N   . LYS A 1 125 ? 1.224   4.542   -17.208 1.00 9.54  ? 117 LYS A N   1 
ATOM   731  C CA  . LYS A 1 125 ? 2.647   4.749   -17.472 1.00 11.39 ? 117 LYS A CA  1 
ATOM   732  C C   . LYS A 1 125 ? 3.404   5.211   -16.227 1.00 9.62  ? 117 LYS A C   1 
ATOM   733  O O   . LYS A 1 125 ? 4.525   4.781   -15.974 1.00 10.22 ? 117 LYS A O   1 
ATOM   734  C CB  . LYS A 1 125 ? 2.851   5.745   -18.625 1.00 12.61 ? 117 LYS A CB  1 
ATOM   735  C CG  . LYS A 1 125 ? 2.900   5.100   -19.992 1.00 17.60 ? 117 LYS A CG  1 
ATOM   736  C CD  . LYS A 1 125 ? 4.177   4.283   -20.125 1.00 26.51 ? 117 LYS A CD  1 
ATOM   737  C CE  . LYS A 1 125 ? 4.312   3.666   -21.502 1.00 33.25 ? 117 LYS A CE  1 
ATOM   738  N NZ  . LYS A 1 125 ? 5.505   2.767   -21.548 1.00 30.18 ? 117 LYS A NZ  1 
ATOM   739  N N   . PHE A 1 126 ? 2.773   6.085   -15.450 1.00 9.36  ? 118 PHE A N   1 
ATOM   740  C CA  . PHE A 1 126 ? 3.338   6.575   -14.189 1.00 7.44  ? 118 PHE A CA  1 
ATOM   741  C C   . PHE A 1 126 ? 3.480   5.399   -13.217 1.00 10.77 ? 118 PHE A C   1 
ATOM   742  O O   . PHE A 1 126 ? 4.532   5.201   -12.594 1.00 9.41  ? 118 PHE A O   1 
ATOM   743  C CB  . PHE A 1 126 ? 2.434   7.679   -13.619 1.00 5.28  ? 118 PHE A CB  1 
ATOM   744  C CG  . PHE A 1 126 ? 3.010   8.421   -12.432 1.00 9.32  ? 118 PHE A CG  1 
ATOM   745  C CD1 . PHE A 1 126 ? 4.360   8.725   -12.362 1.00 11.13 ? 118 PHE A CD1 1 
ATOM   746  C CD2 . PHE A 1 126 ? 2.181   8.832   -11.391 1.00 8.95  ? 118 PHE A CD2 1 
ATOM   747  C CE1 . PHE A 1 126 ? 4.874   9.412   -11.274 1.00 14.38 ? 118 PHE A CE1 1 
ATOM   748  C CE2 . PHE A 1 126 ? 2.684   9.530   -10.305 1.00 2.81  ? 118 PHE A CE2 1 
ATOM   749  C CZ  . PHE A 1 126 ? 4.032   9.814   -10.240 1.00 11.49 ? 118 PHE A CZ  1 
ATOM   750  N N   . ARG A 1 127 ? 2.415   4.614   -13.092 1.00 9.95  ? 119 ARG A N   1 
ATOM   751  C CA  . ARG A 1 127 ? 2.445   3.388   -12.294 1.00 9.66  ? 119 ARG A CA  1 
ATOM   752  C C   . ARG A 1 127 ? 3.615   2.485   -12.741 1.00 10.61 ? 119 ARG A C   1 
ATOM   753  O O   . ARG A 1 127 ? 4.353   1.938   -11.914 1.00 9.68  ? 119 ARG A O   1 
ATOM   754  C CB  . ARG A 1 127 ? 1.110   2.645   -12.468 1.00 8.62  ? 119 ARG A CB  1 
ATOM   755  C CG  . ARG A 1 127 ? 1.081   1.207   -11.895 1.00 10.34 ? 119 ARG A CG  1 
ATOM   756  C CD  . ARG A 1 127 ? -0.274  0.526   -12.165 1.00 7.41  ? 119 ARG A CD  1 
ATOM   757  N NE  . ARG A 1 127 ? -0.359  -0.787  -11.523 1.00 12.36 ? 119 ARG A NE  1 
ATOM   758  C CZ  . ARG A 1 127 ? 0.273   -1.876  -11.956 1.00 13.88 ? 119 ARG A CZ  1 
ATOM   759  N NH1 . ARG A 1 127 ? 1.044   -1.812  -13.038 1.00 13.14 ? 119 ARG A NH1 1 
ATOM   760  N NH2 . ARG A 1 127 ? 0.141   -3.029  -11.306 1.00 13.34 ? 119 ARG A NH2 1 
ATOM   761  N N   . GLU A 1 128 ? 3.776   2.326   -14.054 1.00 10.54 ? 120 GLU A N   1 
ATOM   762  C CA  . GLU A 1 128 ? 4.799   1.432   -14.591 1.00 12.78 ? 120 GLU A CA  1 
ATOM   763  C C   . GLU A 1 128 ? 6.198   1.955   -14.247 1.00 12.99 ? 120 GLU A C   1 
ATOM   764  O O   . GLU A 1 128 ? 7.107   1.192   -13.922 1.00 11.37 ? 120 GLU A O   1 
ATOM   765  C CB  . GLU A 1 128 ? 4.603   1.285   -16.106 1.00 13.42 ? 120 GLU A CB  1 
ATOM   766  C CG  . GLU A 1 128 ? 5.735   0.621   -16.854 1.00 22.29 ? 120 GLU A CG  1 
ATOM   767  C CD  . GLU A 1 128 ? 5.530   0.704   -18.357 1.00 32.26 ? 120 GLU A CD  1 
ATOM   768  O OE1 . GLU A 1 128 ? 4.509   0.171   -18.845 1.00 26.66 ? 120 GLU A OE1 1 
ATOM   769  O OE2 . GLU A 1 128 ? 6.373   1.322   -19.047 1.00 34.60 ? 120 GLU A OE2 1 
ATOM   770  N N   . ARG A 1 129 ? 6.364   3.270   -14.284 1.00 11.07 ? 121 ARG A N   1 
ATOM   771  C CA  . ARG A 1 129 ? 7.658   3.862   -13.977 1.00 13.29 ? 121 ARG A CA  1 
ATOM   772  C C   . ARG A 1 129 ? 7.979   3.739   -12.485 1.00 11.82 ? 121 ARG A C   1 
ATOM   773  O O   . ARG A 1 129 ? 9.113   3.487   -12.114 1.00 12.60 ? 121 ARG A O   1 
ATOM   774  C CB  . ARG A 1 129 ? 7.697   5.329   -14.420 1.00 11.32 ? 121 ARG A CB  1 
ATOM   775  C CG  . ARG A 1 129 ? 9.076   5.955   -14.408 1.00 18.15 ? 121 ARG A CG  1 
ATOM   776  C CD  . ARG A 1 129 ? 9.142   7.083   -15.440 1.00 21.22 ? 121 ARG A CD  1 
ATOM   777  N NE  . ARG A 1 129 ? 8.101   8.077   -15.212 1.00 16.11 ? 121 ARG A NE  1 
ATOM   778  C CZ  . ARG A 1 129 ? 8.210   9.082   -14.348 1.00 16.74 ? 121 ARG A CZ  1 
ATOM   779  N NH1 . ARG A 1 129 ? 9.315   9.222   -13.624 1.00 15.74 ? 121 ARG A NH1 1 
ATOM   780  N NH2 . ARG A 1 129 ? 7.216   9.946   -14.205 1.00 14.33 ? 121 ARG A NH2 1 
ATOM   781  N N   . ILE A 1 130 ? 6.980   3.939   -11.634 1.00 10.54 ? 122 ILE A N   1 
ATOM   782  C CA  . ILE A 1 130 ? 7.161   3.769   -10.194 1.00 10.10 ? 122 ILE A CA  1 
ATOM   783  C C   . ILE A 1 130 ? 7.510   2.308   -9.885  1.00 11.59 ? 122 ILE A C   1 
ATOM   784  O O   . ILE A 1 130 ? 8.412   2.032   -9.096  1.00 13.15 ? 122 ILE A O   1 
ATOM   785  C CB  . ILE A 1 130 ? 5.898   4.188   -9.446  1.00 11.30 ? 122 ILE A CB  1 
ATOM   786  C CG1 . ILE A 1 130 ? 5.688   5.698   -9.613  1.00 7.42  ? 122 ILE A CG1 1 
ATOM   787  C CG2 . ILE A 1 130 ? 5.975   3.768   -7.979  1.00 6.17  ? 122 ILE A CG2 1 
ATOM   788  C CD1 . ILE A 1 130 ? 4.251   6.159   -9.349  1.00 6.64  ? 122 ILE A CD1 1 
ATOM   789  N N   . ALA A 1 131 ? 6.814   1.379   -10.536 1.00 11.13 ? 123 ALA A N   1 
ATOM   790  C CA  . ALA A 1 131 ? 7.072   -0.051  -10.356 1.00 11.28 ? 123 ALA A CA  1 
ATOM   791  C C   . ALA A 1 131 ? 8.516   -0.400  -10.755 1.00 12.38 ? 123 ALA A C   1 
ATOM   792  O O   . ALA A 1 131 ? 9.177   -1.215  -10.102 1.00 12.56 ? 123 ALA A O   1 
ATOM   793  C CB  . ALA A 1 131 ? 6.053   -0.898  -11.170 1.00 9.58  ? 123 ALA A CB  1 
ATOM   794  N N   . GLU A 1 132 ? 9.014   0.224   -11.819 1.00 12.51 ? 124 GLU A N   1 
ATOM   795  C CA  . GLU A 1 132 ? 10.381  -0.041  -12.257 1.00 15.79 ? 124 GLU A CA  1 
ATOM   796  C C   . GLU A 1 132 ? 11.379  0.385   -11.185 1.00 13.61 ? 124 GLU A C   1 
ATOM   797  O O   . GLU A 1 132 ? 12.335  -0.343  -10.894 1.00 15.19 ? 124 GLU A O   1 
ATOM   798  C CB  . GLU A 1 132 ? 10.674  0.647   -13.594 1.00 20.04 ? 124 GLU A CB  1 
ATOM   799  C CG  . GLU A 1 132 ? 10.091  -0.093  -14.780 1.00 27.09 ? 124 GLU A CG  1 
ATOM   800  C CD  . GLU A 1 132 ? 10.549  -1.544  -14.821 1.00 48.20 ? 124 GLU A CD  1 
ATOM   801  O OE1 . GLU A 1 132 ? 11.712  -1.810  -14.434 1.00 53.70 ? 124 GLU A OE1 1 
ATOM   802  O OE2 . GLU A 1 132 ? 9.751   -2.417  -15.233 1.00 49.45 ? 124 GLU A OE2 1 
ATOM   803  N N   . ASN A 1 133 ? 11.137  1.546   -10.580 1.00 11.59 ? 125 ASN A N   1 
ATOM   804  C CA  . ASN A 1 133 ? 11.957  2.014   -9.464  1.00 13.78 ? 125 ASN A CA  1 
ATOM   805  C C   . ASN A 1 133 ? 11.954  1.029   -8.292  1.00 13.81 ? 125 ASN A C   1 
ATOM   806  O O   . ASN A 1 133 ? 13.010  0.699   -7.746  1.00 13.59 ? 125 ASN A O   1 
ATOM   807  C CB  . ASN A 1 133 ? 11.493  3.398   -8.979  1.00 15.03 ? 125 ASN A CB  1 
ATOM   808  C CG  . ASN A 1 133 ? 12.290  3.894   -7.780  1.00 19.89 ? 125 ASN A CG  1 
ATOM   809  O OD1 . ASN A 1 133 ? 11.922  3.661   -6.623  1.00 24.42 ? 125 ASN A OD1 1 
ATOM   810  N ND2 . ASN A 1 133 ? 13.402  4.563   -8.055  1.00 25.49 ? 125 ASN A ND2 1 
ATOM   811  N N   . ILE A 1 134 ? 10.772  0.570   -7.893  1.00 11.79 ? 126 ILE A N   1 
ATOM   812  C CA  . ILE A 1 134 ? 10.667  -0.364  -6.775  1.00 11.64 ? 126 ILE A CA  1 
ATOM   813  C C   . ILE A 1 134 ? 11.317  -1.712  -7.090  1.00 12.93 ? 126 ILE A C   1 
ATOM   814  O O   . ILE A 1 134 ? 11.976  -2.304  -6.233  1.00 14.48 ? 126 ILE A O   1 
ATOM   815  C CB  . ILE A 1 134 ? 9.197   -0.580  -6.360  1.00 11.59 ? 126 ILE A CB  1 
ATOM   816  C CG1 . ILE A 1 134 ? 8.572   0.764   -5.982  1.00 13.43 ? 126 ILE A CG1 1 
ATOM   817  C CG2 . ILE A 1 134 ? 9.105   -1.576  -5.209  1.00 10.64 ? 126 ILE A CG2 1 
ATOM   818  C CD1 . ILE A 1 134 ? 7.086   0.718   -5.779  1.00 13.55 ? 126 ILE A CD1 1 
ATOM   819  N N   . LEU A 1 135 ? 11.112  -2.205  -8.310  1.00 12.11 ? 127 LEU A N   1 
ATOM   820  C CA  . LEU A 1 135 ? 11.704  -3.471  -8.741  1.00 13.99 ? 127 LEU A CA  1 
ATOM   821  C C   . LEU A 1 135 ? 13.229  -3.399  -8.712  1.00 15.42 ? 127 LEU A C   1 
ATOM   822  O O   . LEU A 1 135 ? 13.899  -4.375  -8.388  1.00 16.91 ? 127 LEU A O   1 
ATOM   823  C CB  . LEU A 1 135 ? 11.251  -3.830  -10.157 1.00 15.45 ? 127 LEU A CB  1 
ATOM   824  C CG  . LEU A 1 135 ? 9.860   -4.434  -10.349 1.00 17.46 ? 127 LEU A CG  1 
ATOM   825  C CD1 . LEU A 1 135 ? 9.476   -4.429  -11.836 1.00 21.47 ? 127 LEU A CD1 1 
ATOM   826  C CD2 . LEU A 1 135 ? 9.804   -5.845  -9.775  1.00 22.34 ? 127 LEU A CD2 1 
ATOM   827  N N   . GLN A 1 136 ? 13.763  -2.244  -9.073  1.00 15.04 ? 128 GLN A N   1 
ATOM   828  C CA  . GLN A 1 136 ? 15.198  -2.023  -9.098  1.00 19.73 ? 128 GLN A CA  1 
ATOM   829  C C   . GLN A 1 136 ? 15.801  -2.009  -7.688  1.00 18.78 ? 128 GLN A C   1 
ATOM   830  O O   . GLN A 1 136 ? 16.947  -2.413  -7.490  1.00 16.93 ? 128 GLN A O   1 
ATOM   831  C CB  . GLN A 1 136 ? 15.487  -0.702  -9.813  1.00 22.44 ? 128 GLN A CB  1 
ATOM   832  C CG  . GLN A 1 136 ? 16.936  -0.253  -9.777  1.00 33.78 ? 128 GLN A CG  1 
ATOM   833  C CD  . GLN A 1 136 ? 17.776  -0.945  -10.833 1.00 44.96 ? 128 GLN A CD  1 
ATOM   834  O OE1 . GLN A 1 136 ? 17.251  -1.681  -11.672 1.00 49.25 ? 128 GLN A OE1 1 
ATOM   835  N NE2 . GLN A 1 136 ? 19.084  -0.708  -10.804 1.00 47.41 ? 128 GLN A NE2 1 
ATOM   836  N N   . ASN A 1 137 ? 15.019  -1.560  -6.709  1.00 17.68 ? 129 ASN A N   1 
ATOM   837  C CA  . ASN A 1 137 ? 15.543  -1.296  -5.373  1.00 18.39 ? 129 ASN A CA  1 
ATOM   838  C C   . ASN A 1 137 ? 15.013  -2.193  -4.261  1.00 17.41 ? 129 ASN A C   1 
ATOM   839  O O   . ASN A 1 137 ? 15.208  -1.904  -3.086  1.00 19.37 ? 129 ASN A O   1 
ATOM   840  C CB  . ASN A 1 137 ? 15.328  0.173   -5.022  1.00 17.75 ? 129 ASN A CB  1 
ATOM   841  C CG  . ASN A 1 137 ? 16.020  1.097   -5.999  1.00 24.79 ? 129 ASN A CG  1 
ATOM   842  O OD1 . ASN A 1 137 ? 15.377  1.872   -6.706  1.00 24.26 ? 129 ASN A OD1 1 
ATOM   843  N ND2 . ASN A 1 137 ? 17.339  0.991   -6.069  1.00 23.24 ? 129 ASN A ND2 1 
ATOM   844  N N   . THR A 1 138 ? 14.347  -3.279  -4.635  1.00 15.37 ? 130 THR A N   1 
ATOM   845  C CA  . THR A 1 138 ? 13.860  -4.245  -3.661  1.00 15.43 ? 130 THR A CA  1 
ATOM   846  C C   . THR A 1 138 ? 13.992  -5.642  -4.226  1.00 15.35 ? 130 THR A C   1 
ATOM   847  O O   . THR A 1 138 ? 14.049  -5.828  -5.440  1.00 15.47 ? 130 THR A O   1 
ATOM   848  C CB  . THR A 1 138 ? 12.371  -4.030  -3.329  1.00 16.60 ? 130 THR A CB  1 
ATOM   849  O OG1 . THR A 1 138 ? 11.584  -4.272  -4.502  1.00 13.59 ? 130 THR A OG1 1 
ATOM   850  C CG2 . THR A 1 138 ? 12.116  -2.616  -2.825  1.00 17.21 ? 130 THR A CG2 1 
ATOM   851  N N   . SER A 1 139 ? 14.024  -6.629  -3.345  1.00 16.53 ? 131 SER A N   1 
ATOM   852  C CA  . SER A 1 139 ? 14.092  -8.013  -3.773  1.00 19.01 ? 131 SER A CA  1 
ATOM   853  C C   . SER A 1 139 ? 12.707  -8.631  -3.768  1.00 17.04 ? 131 SER A C   1 
ATOM   854  O O   . SER A 1 139 ? 11.762  -8.094  -3.172  1.00 16.86 ? 131 SER A O   1 
ATOM   855  C CB  . SER A 1 139 ? 15.010  -8.814  -2.851  1.00 19.94 ? 131 SER A CB  1 
ATOM   856  O OG  . SER A 1 139 ? 14.655  -8.583  -1.496  1.00 22.37 ? 131 SER A OG  1 
ATOM   857  N N   . LYS A 1 140 ? 12.593  -9.766  -4.440  1.00 15.91 ? 132 LYS A N   1 
ATOM   858  C CA  . LYS A 1 140 ? 11.354  -10.512 -4.482  1.00 16.72 ? 132 LYS A CA  1 
ATOM   859  C C   . LYS A 1 140 ? 10.846  -10.752 -3.063  1.00 17.69 ? 132 LYS A C   1 
ATOM   860  O O   . LYS A 1 140 ? 11.621  -11.097 -2.173  1.00 14.65 ? 132 LYS A O   1 
ATOM   861  C CB  . LYS A 1 140 ? 11.571  -11.849 -5.196  1.00 16.87 ? 132 LYS A CB  1 
ATOM   862  C CG  . LYS A 1 140 ? 10.339  -12.713 -5.205  1.00 22.34 ? 132 LYS A CG  1 
ATOM   863  C CD  . LYS A 1 140 ? 10.583  -14.059 -5.849  1.00 31.41 ? 132 LYS A CD  1 
ATOM   864  C CE  . LYS A 1 140 ? 9.300   -14.874 -5.826  1.00 29.63 ? 132 LYS A CE  1 
ATOM   865  N NZ  . LYS A 1 140 ? 9.424   -16.105 -6.654  1.00 43.50 ? 132 LYS A NZ  1 
ATOM   866  N N   . GLY A 1 141 ? 9.541   -10.569 -2.858  1.00 15.38 ? 133 GLY A N   1 
ATOM   867  C CA  . GLY A 1 141 ? 8.930   -10.739 -1.541  1.00 12.70 ? 133 GLY A CA  1 
ATOM   868  C C   . GLY A 1 141 ? 8.863   -9.482  -0.678  1.00 12.17 ? 133 GLY A C   1 
ATOM   869  O O   . GLY A 1 141 ? 8.171   -9.466  0.354   1.00 9.40  ? 133 GLY A O   1 
ATOM   870  N N   . SER A 1 142 ? 9.564   -8.429  -1.099  1.00 8.30  ? 134 SER A N   1 
ATOM   871  C CA  . SER A 1 142 ? 9.627   -7.178  -0.343  1.00 10.72 ? 134 SER A CA  1 
ATOM   872  C C   . SER A 1 142 ? 8.341   -6.375  -0.467  1.00 10.14 ? 134 SER A C   1 
ATOM   873  O O   . SER A 1 142 ? 7.581   -6.533  -1.427  1.00 8.56  ? 134 SER A O   1 
ATOM   874  C CB  . SER A 1 142 ? 10.758  -6.270  -0.846  1.00 10.97 ? 134 SER A CB  1 
ATOM   875  O OG  . SER A 1 142 ? 12.026  -6.856  -0.701  1.00 13.68 ? 134 SER A OG  1 
ATOM   876  N N   . VAL A 1 143 ? 8.119   -5.503  0.510   1.00 6.82  ? 135 VAL A N   1 
ATOM   877  C CA  . VAL A 1 143 ? 7.029   -4.532  0.441   1.00 8.36  ? 135 VAL A CA  1 
ATOM   878  C C   . VAL A 1 143 ? 7.588   -3.143  0.722   1.00 8.22  ? 135 VAL A C   1 
ATOM   879  O O   . VAL A 1 143 ? 8.627   -3.003  1.360   1.00 9.82  ? 135 VAL A O   1 
ATOM   880  C CB  . VAL A 1 143 ? 5.903   -4.832  1.451   1.00 9.37  ? 135 VAL A CB  1 
ATOM   881  C CG1 . VAL A 1 143 ? 5.235   -6.184  1.136   1.00 8.28  ? 135 VAL A CG1 1 
ATOM   882  C CG2 . VAL A 1 143 ? 6.433   -4.801  2.900   1.00 9.52  ? 135 VAL A CG2 1 
ATOM   883  N N   . VAL A 1 144 ? 6.903   -2.119  0.230   1.00 7.75  ? 136 VAL A N   1 
ATOM   884  C CA  . VAL A 1 144 ? 7.259   -0.742  0.537   1.00 6.92  ? 136 VAL A CA  1 
ATOM   885  C C   . VAL A 1 144 ? 6.002   0.035   0.930   1.00 8.56  ? 136 VAL A C   1 
ATOM   886  O O   . VAL A 1 144 ? 4.899   -0.307  0.513   1.00 8.21  ? 136 VAL A O   1 
ATOM   887  C CB  . VAL A 1 144 ? 7.934   -0.053  -0.674  1.00 6.84  ? 136 VAL A CB  1 
ATOM   888  C CG1 . VAL A 1 144 ? 9.364   -0.602  -0.881  1.00 7.84  ? 136 VAL A CG1 1 
ATOM   889  C CG2 . VAL A 1 144 ? 7.095   -0.257  -1.944  1.00 10.30 ? 136 VAL A CG2 1 
ATOM   890  N N   . MET A 1 145 ? 6.169   1.075   1.744   1.00 7.80  ? 137 MET A N   1 
ATOM   891  C CA  . MET A 1 145 ? 5.078   2.007   2.002   1.00 9.67  ? 137 MET A CA  1 
ATOM   892  C C   . MET A 1 145 ? 5.239   3.130   0.986   1.00 11.33 ? 137 MET A C   1 
ATOM   893  O O   . MET A 1 145 ? 6.335   3.663   0.804   1.00 11.07 ? 137 MET A O   1 
ATOM   894  C CB  . MET A 1 145 ? 5.153   2.560   3.436   1.00 8.94  ? 137 MET A CB  1 
ATOM   895  C CG  . MET A 1 145 ? 4.768   1.559   4.539   1.00 14.71 ? 137 MET A CG  1 
ATOM   896  S SD  . MET A 1 145 ? 2.988   1.236   4.648   1.00 16.73 ? 137 MET A SD  1 
ATOM   897  C CE  . MET A 1 145 ? 2.413   2.700   5.516   1.00 7.40  ? 137 MET A CE  1 
ATOM   898  N N   . ILE A 1 146 ? 4.162   3.472   0.297   1.00 9.45  ? 138 ILE A N   1 
ATOM   899  C CA  . ILE A 1 146 ? 4.240   4.475   -0.751  1.00 8.49  ? 138 ILE A CA  1 
ATOM   900  C C   . ILE A 1 146 ? 3.486   5.732   -0.331  1.00 9.92  ? 138 ILE A C   1 
ATOM   901  O O   . ILE A 1 146 ? 2.248   5.727   -0.238  1.00 9.58  ? 138 ILE A O   1 
ATOM   902  C CB  . ILE A 1 146 ? 3.679   3.932   -2.090  1.00 7.65  ? 138 ILE A CB  1 
ATOM   903  C CG1 . ILE A 1 146 ? 4.522   2.732   -2.541  1.00 9.16  ? 138 ILE A CG1 1 
ATOM   904  C CG2 . ILE A 1 146 ? 3.706   5.017   -3.155  1.00 7.30  ? 138 ILE A CG2 1 
ATOM   905  C CD1 . ILE A 1 146 ? 3.903   1.899   -3.675  1.00 6.62  ? 138 ILE A CD1 1 
ATOM   906  N N   . SER A 1 147 ? 4.246   6.793   -0.062  1.00 9.25  ? 139 SER A N   1 
ATOM   907  C CA  . SER A 1 147 ? 3.700   8.108   0.267   1.00 9.00  ? 139 SER A CA  1 
ATOM   908  C C   . SER A 1 147 ? 3.246   8.796   -1.010  1.00 10.78 ? 139 SER A C   1 
ATOM   909  O O   . SER A 1 147 ? 3.999   8.859   -1.982  1.00 9.85  ? 139 SER A O   1 
ATOM   910  C CB  . SER A 1 147 ? 4.786   8.964   0.946   1.00 8.03  ? 139 SER A CB  1 
ATOM   911  O OG  . SER A 1 147 ? 4.543   10.351  0.748   1.00 9.43  ? 139 SER A OG  1 
ATOM   912  N N   . ILE A 1 148 ? 2.011   9.293   -1.027  1.00 12.10 ? 140 ILE A N   1 
ATOM   913  C CA  . ILE A 1 148 ? 1.531   10.063  -2.171  1.00 12.55 ? 140 ILE A CA  1 
ATOM   914  C C   . ILE A 1 148 ? 1.573   11.537  -1.814  1.00 12.45 ? 140 ILE A C   1 
ATOM   915  O O   . ILE A 1 148 ? 0.991   11.949  -0.813  1.00 11.24 ? 140 ILE A O   1 
ATOM   916  C CB  . ILE A 1 148 ? 0.094   9.680   -2.591  1.00 12.24 ? 140 ILE A CB  1 
ATOM   917  C CG1 . ILE A 1 148 ? 0.038   8.218   -3.042  1.00 14.86 ? 140 ILE A CG1 1 
ATOM   918  C CG2 . ILE A 1 148 ? -0.390  10.582  -3.744  1.00 17.66 ? 140 ILE A CG2 1 
ATOM   919  C CD1 . ILE A 1 148 ? -1.350  7.590   -2.881  1.00 14.66 ? 140 ILE A CD1 1 
ATOM   920  N N   . GLU A 1 149 ? 2.274   12.321  -2.631  1.00 13.43 ? 141 GLU A N   1 
ATOM   921  C CA  . GLU A 1 149 ? 2.399   13.755  -2.414  1.00 14.98 ? 141 GLU A CA  1 
ATOM   922  C C   . GLU A 1 149 ? 2.765   14.067  -0.963  1.00 14.62 ? 141 GLU A C   1 
ATOM   923  O O   . GLU A 1 149 ? 2.034   14.774  -0.261  1.00 14.38 ? 141 GLU A O   1 
ATOM   924  C CB  . GLU A 1 149 ? 1.098   14.466  -2.817  1.00 17.51 ? 141 GLU A CB  1 
ATOM   925  C CG  . GLU A 1 149 ? 1.230   15.973  -3.014  1.00 28.13 ? 141 GLU A CG  1 
ATOM   926  C CD  . GLU A 1 149 ? -0.122  16.681  -3.081  1.00 42.97 ? 141 GLU A CD  1 
ATOM   927  O OE1 . GLU A 1 149 ? -0.987  16.412  -2.214  1.00 45.83 ? 141 GLU A OE1 1 
ATOM   928  O OE2 . GLU A 1 149 ? -0.319  17.510  -3.994  1.00 42.89 ? 141 GLU A OE2 1 
ATOM   929  N N   . GLN A 1 150 ? 3.899   13.539  -0.518  1.00 11.62 ? 142 GLN A N   1 
ATOM   930  C CA  . GLN A 1 150 ? 4.410   13.804  0.828   1.00 15.82 ? 142 GLN A CA  1 
ATOM   931  C C   . GLN A 1 150 ? 3.393   13.467  1.918   1.00 18.35 ? 142 GLN A C   1 
ATOM   932  O O   . GLN A 1 150 ? 3.028   14.328  2.729   1.00 19.13 ? 142 GLN A O   1 
ATOM   933  C CB  . GLN A 1 150 ? 4.863   15.261  0.964   1.00 14.54 ? 142 GLN A CB  1 
ATOM   934  C CG  . GLN A 1 150 ? 6.054   15.650  0.079   1.00 12.94 ? 142 GLN A CG  1 
ATOM   935  C CD  . GLN A 1 150 ? 5.646   15.938  -1.356  1.00 14.48 ? 142 GLN A CD  1 
ATOM   936  O OE1 . GLN A 1 150 ? 4.542   16.402  -1.606  1.00 11.84 ? 142 GLN A OE1 1 
ATOM   937  N NE2 . GLN A 1 150 ? 6.546   15.660  -2.310  1.00 15.62 ? 142 GLN A NE2 1 
ATOM   938  N N   . ALA A 1 151 ? 2.934   12.212  1.929   1.00 17.51 ? 143 ALA A N   1 
ATOM   939  C CA  . ALA A 1 151 ? 2.025   11.716  2.970   1.00 17.72 ? 143 ALA A CA  1 
ATOM   940  C C   . ALA A 1 151 ? 0.620   12.335  2.951   1.00 18.24 ? 143 ALA A C   1 
ATOM   941  O O   . ALA A 1 151 ? -0.048  12.416  3.988   1.00 18.66 ? 143 ALA A O   1 
ATOM   942  C CB  . ALA A 1 151 ? 2.661   11.859  4.362   1.00 16.97 ? 143 ALA A CB  1 
ATOM   943  N N   . THR A 1 152 ? 0.175   12.774  1.781   1.00 16.20 ? 144 THR A N   1 
ATOM   944  C CA  . THR A 1 152 ? -1.208  13.174  1.623   1.00 16.27 ? 144 THR A CA  1 
ATOM   945  C C   . THR A 1 152 ? -2.077  11.924  1.746   1.00 17.57 ? 144 THR A C   1 
ATOM   946  O O   . THR A 1 152 ? -3.211  11.994  2.199   1.00 15.22 ? 144 THR A O   1 
ATOM   947  C CB  . THR A 1 152 ? -1.454  13.854  0.257   1.00 15.24 ? 144 THR A CB  1 
ATOM   948  O OG1 . THR A 1 152 ? -0.690  15.064  0.184   1.00 16.22 ? 144 THR A OG1 1 
ATOM   949  C CG2 . THR A 1 152 ? -2.917  14.197  0.076   1.00 19.60 ? 144 THR A CG2 1 
ATOM   950  N N   . HIS A 1 153 ? -1.526  10.779  1.341   1.00 14.61 ? 145 HIS A N   1 
ATOM   951  C CA  . HIS A 1 153 ? -2.237  9.495   1.376   1.00 13.77 ? 145 HIS A CA  1 
ATOM   952  C C   . HIS A 1 153 ? -1.176  8.410   1.250   1.00 12.18 ? 145 HIS A C   1 
ATOM   953  O O   . HIS A 1 153 ? -0.054  8.679   0.822   1.00 12.57 ? 145 HIS A O   1 
ATOM   954  C CB  . HIS A 1 153 ? -3.269  9.408   0.241   1.00 14.59 ? 145 HIS A CB  1 
ATOM   955  C CG  . HIS A 1 153 ? -4.084  8.137   0.229   1.00 20.10 ? 145 HIS A CG  1 
ATOM   956  N ND1 . HIS A 1 153 ? -4.908  7.759   1.271   1.00 19.30 ? 145 HIS A ND1 1 
ATOM   957  C CD2 . HIS A 1 153 ? -4.234  7.185   -0.728  1.00 20.29 ? 145 HIS A CD2 1 
ATOM   958  C CE1 . HIS A 1 153 ? -5.504  6.616   0.969   1.00 27.15 ? 145 HIS A CE1 1 
ATOM   959  N NE2 . HIS A 1 153 ? -5.119  6.250   -0.243  1.00 20.83 ? 145 HIS A NE2 1 
ATOM   960  N N   . TRP A 1 154 ? -1.514  7.202   1.669   1.00 10.76 ? 146 TRP A N   1 
ATOM   961  C CA  . TRP A 1 154 ? -0.573  6.099   1.649   1.00 11.77 ? 146 TRP A CA  1 
ATOM   962  C C   . TRP A 1 154 ? -1.156  4.925   0.885   1.00 11.89 ? 146 TRP A C   1 
ATOM   963  O O   . TRP A 1 154 ? -2.343  4.608   1.039   1.00 10.85 ? 146 TRP A O   1 
ATOM   964  C CB  . TRP A 1 154 ? -0.285  5.641   3.075   1.00 10.18 ? 146 TRP A CB  1 
ATOM   965  C CG  . TRP A 1 154 ? 0.503   6.622   3.874   1.00 10.26 ? 146 TRP A CG  1 
ATOM   966  C CD1 . TRP A 1 154 ? 0.018   7.563   4.739   1.00 12.67 ? 146 TRP A CD1 1 
ATOM   967  C CD2 . TRP A 1 154 ? 1.925   6.752   3.894   1.00 11.58 ? 146 TRP A CD2 1 
ATOM   968  N NE1 . TRP A 1 154 ? 1.056   8.274   5.296   1.00 10.46 ? 146 TRP A NE1 1 
ATOM   969  C CE2 . TRP A 1 154 ? 2.237   7.801   4.786   1.00 9.67  ? 146 TRP A CE2 1 
ATOM   970  C CE3 . TRP A 1 154 ? 2.964   6.089   3.239   1.00 7.16  ? 146 TRP A CE3 1 
ATOM   971  C CZ2 . TRP A 1 154 ? 3.546   8.197   5.044   1.00 12.28 ? 146 TRP A CZ2 1 
ATOM   972  C CZ3 . TRP A 1 154 ? 4.267   6.488   3.487   1.00 9.13  ? 146 TRP A CZ3 1 
ATOM   973  C CH2 . TRP A 1 154 ? 4.548   7.530   4.388   1.00 9.92  ? 146 TRP A CH2 1 
ATOM   974  N N   . ILE A 1 155 ? -0.319  4.280   0.074   1.00 10.83 ? 147 ILE A N   1 
ATOM   975  C CA  . ILE A 1 155 ? -0.653  2.968   -0.460  1.00 10.23 ? 147 ILE A CA  1 
ATOM   976  C C   . ILE A 1 155 ? 0.516   2.010   -0.238  1.00 12.05 ? 147 ILE A C   1 
ATOM   977  O O   . ILE A 1 155 ? 1.602   2.419   0.194   1.00 9.06  ? 147 ILE A O   1 
ATOM   978  C CB  . ILE A 1 155 ? -1.084  3.033   -1.941  1.00 9.80  ? 147 ILE A CB  1 
ATOM   979  C CG1 . ILE A 1 155 ? 0.088   3.452   -2.828  1.00 8.78  ? 147 ILE A CG1 1 
ATOM   980  C CG2 . ILE A 1 155 ? -2.239  4.035   -2.111  1.00 9.03  ? 147 ILE A CG2 1 
ATOM   981  C CD1 . ILE A 1 155 ? -0.233  3.393   -4.285  1.00 8.56  ? 147 ILE A CD1 1 
ATOM   982  N N   . ALA A 1 156 ? 0.291   0.732   -0.509  1.00 10.47 ? 148 ALA A N   1 
ATOM   983  C CA  . ALA A 1 156 ? 1.324   -0.257  -0.279  1.00 11.39 ? 148 ALA A CA  1 
ATOM   984  C C   . ALA A 1 156 ? 1.804   -0.813  -1.614  1.00 10.57 ? 148 ALA A C   1 
ATOM   985  O O   . ALA A 1 156 ? 1.065   -0.814  -2.602  1.00 8.73  ? 148 ALA A O   1 
ATOM   986  C CB  . ALA A 1 156 ? 0.800   -1.374  0.623   1.00 9.33  ? 148 ALA A CB  1 
ATOM   987  N N   . GLY A 1 157 ? 3.053   -1.253  -1.642  1.00 8.31  ? 149 GLY A N   1 
ATOM   988  C CA  . GLY A 1 157 ? 3.627   -1.867  -2.835  1.00 8.16  ? 149 GLY A CA  1 
ATOM   989  C C   . GLY A 1 157 ? 4.235   -3.201  -2.448  1.00 10.75 ? 149 GLY A C   1 
ATOM   990  O O   . GLY A 1 157 ? 4.943   -3.292  -1.435  1.00 7.64  ? 149 GLY A O   1 
ATOM   991  N N   . PHE A 1 158 ? 3.973   -4.222  -3.263  1.00 9.18  ? 150 PHE A N   1 
ATOM   992  C CA  . PHE A 1 158 ? 4.490   -5.570  -3.036  1.00 10.71 ? 150 PHE A CA  1 
ATOM   993  C C   . PHE A 1 158 ? 5.246   -6.066  -4.267  1.00 10.13 ? 150 PHE A C   1 
ATOM   994  O O   . PHE A 1 158 ? 4.726   -6.051  -5.379  1.00 9.49  ? 150 PHE A O   1 
ATOM   995  C CB  . PHE A 1 158 ? 3.328   -6.515  -2.663  1.00 10.24 ? 150 PHE A CB  1 
ATOM   996  C CG  . PHE A 1 158 ? 3.667   -7.984  -2.742  1.00 10.18 ? 150 PHE A CG  1 
ATOM   997  C CD1 . PHE A 1 158 ? 4.584   -8.552  -1.871  1.00 8.86  ? 150 PHE A CD1 1 
ATOM   998  C CD2 . PHE A 1 158 ? 3.036   -8.799  -3.661  1.00 14.26 ? 150 PHE A CD2 1 
ATOM   999  C CE1 . PHE A 1 158 ? 4.888   -9.902  -1.940  1.00 10.52 ? 150 PHE A CE1 1 
ATOM   1000 C CE2 . PHE A 1 158 ? 3.329   -10.151 -3.729  1.00 15.46 ? 150 PHE A CE2 1 
ATOM   1001 C CZ  . PHE A 1 158 ? 4.256   -10.699 -2.865  1.00 14.77 ? 150 PHE A CZ  1 
ATOM   1002 N N   . ASN A 1 159 ? 6.494   -6.475  -4.063  1.00 11.72 ? 151 ASN A N   1 
ATOM   1003 C CA  . ASN A 1 159 ? 7.328   -7.015  -5.128  1.00 11.96 ? 151 ASN A CA  1 
ATOM   1004 C C   . ASN A 1 159 ? 7.148   -8.537  -5.178  1.00 12.07 ? 151 ASN A C   1 
ATOM   1005 O O   . ASN A 1 159 ? 7.584   -9.244  -4.273  1.00 11.18 ? 151 ASN A O   1 
ATOM   1006 C CB  . ASN A 1 159 ? 8.796   -6.634  -4.869  1.00 10.56 ? 151 ASN A CB  1 
ATOM   1007 C CG  . ASN A 1 159 ? 9.735   -7.126  -5.951  1.00 15.67 ? 151 ASN A CG  1 
ATOM   1008 O OD1 . ASN A 1 159 ? 9.367   -7.961  -6.775  1.00 16.46 ? 151 ASN A OD1 1 
ATOM   1009 N ND2 . ASN A 1 159 ? 10.963  -6.609  -5.952  1.00 13.49 ? 151 ASN A ND2 1 
ATOM   1010 N N   . ASP A 1 160 ? 6.482   -9.040  -6.215  1.00 10.87 ? 152 ASP A N   1 
ATOM   1011 C CA  . ASP A 1 160 ? 6.266   -10.475 -6.313  1.00 14.51 ? 152 ASP A CA  1 
ATOM   1012 C C   . ASP A 1 160 ? 7.384   -11.210 -7.058  1.00 15.11 ? 152 ASP A C   1 
ATOM   1013 O O   . ASP A 1 160 ? 7.286   -12.400 -7.304  1.00 17.48 ? 152 ASP A O   1 
ATOM   1014 C CB  . ASP A 1 160 ? 4.870   -10.806 -6.886  1.00 17.64 ? 152 ASP A CB  1 
ATOM   1015 C CG  . ASP A 1 160 ? 4.822   -10.796 -8.414  1.00 23.91 ? 152 ASP A CG  1 
ATOM   1016 O OD1 . ASP A 1 160 ? 5.864   -10.546 -9.067  1.00 25.58 ? 152 ASP A OD1 1 
ATOM   1017 O OD2 . ASP A 1 160 ? 3.721   -11.047 -8.959  1.00 25.39 ? 152 ASP A OD2 1 
ATOM   1018 N N   . GLY A 1 161 ? 8.453   -10.500 -7.401  1.00 15.63 ? 153 GLY A N   1 
ATOM   1019 C CA  . GLY A 1 161 ? 9.575   -11.116 -8.117  1.00 19.28 ? 153 GLY A CA  1 
ATOM   1020 C C   . GLY A 1 161 ? 9.650   -10.692 -9.570  1.00 21.67 ? 153 GLY A C   1 
ATOM   1021 O O   . GLY A 1 161 ? 10.740  -10.556 -10.132 1.00 23.14 ? 153 GLY A O   1 
ATOM   1022 N N   . GLU A 1 162 ? 8.492   -10.487 -10.188 1.00 21.23 ? 154 GLU A N   1 
ATOM   1023 C CA  . GLU A 1 162 ? 8.449   -9.982  -11.552 1.00 21.86 ? 154 GLU A CA  1 
ATOM   1024 C C   . GLU A 1 162 ? 7.696   -8.659  -11.711 1.00 19.29 ? 154 GLU A C   1 
ATOM   1025 O O   . GLU A 1 162 ? 8.015   -7.856  -12.589 1.00 20.33 ? 154 GLU A O   1 
ATOM   1026 C CB  . GLU A 1 162 ? 7.894   -11.042 -12.504 1.00 24.79 ? 154 GLU A CB  1 
ATOM   1027 C CG  . GLU A 1 162 ? 9.003   -11.859 -13.167 1.00 36.31 ? 154 GLU A CG  1 
ATOM   1028 C CD  . GLU A 1 162 ? 8.473   -13.058 -13.927 1.00 47.99 ? 154 GLU A CD  1 
ATOM   1029 O OE1 . GLU A 1 162 ? 8.631   -13.096 -15.169 1.00 51.37 ? 154 GLU A OE1 1 
ATOM   1030 O OE2 . GLU A 1 162 ? 7.889   -13.955 -13.279 1.00 50.90 ? 154 GLU A OE2 1 
ATOM   1031 N N   . LYS A 1 163 ? 6.708   -8.415  -10.862 1.00 16.00 ? 155 LYS A N   1 
ATOM   1032 C CA  . LYS A 1 163 ? 5.972   -7.162  -10.958 1.00 14.19 ? 155 LYS A CA  1 
ATOM   1033 C C   . LYS A 1 163 ? 5.703   -6.570  -9.586  1.00 14.87 ? 155 LYS A C   1 
ATOM   1034 O O   . LYS A 1 163 ? 5.844   -7.249  -8.566  1.00 11.91 ? 155 LYS A O   1 
ATOM   1035 C CB  . LYS A 1 163 ? 4.633   -7.397  -11.653 1.00 14.88 ? 155 LYS A CB  1 
ATOM   1036 C CG  . LYS A 1 163 ? 3.677   -8.225  -10.805 1.00 17.43 ? 155 LYS A CG  1 
ATOM   1037 C CD  . LYS A 1 163 ? 2.296   -8.374  -11.440 1.00 18.09 ? 155 LYS A CD  1 
ATOM   1038 C CE  . LYS A 1 163 ? 1.481   -9.432  -10.702 1.00 21.97 ? 155 LYS A CE  1 
ATOM   1039 N NZ  . LYS A 1 163 ? 0.048   -9.419  -11.124 1.00 29.60 ? 155 LYS A NZ  1 
ATOM   1040 N N   . ILE A 1 164 ? 5.276   -5.312  -9.573  1.00 11.04 ? 156 ILE A N   1 
ATOM   1041 C CA  . ILE A 1 164 ? 4.838   -4.680  -8.327  1.00 11.77 ? 156 ILE A CA  1 
ATOM   1042 C C   . ILE A 1 164 ? 3.317   -4.618  -8.280  1.00 11.50 ? 156 ILE A C   1 
ATOM   1043 O O   . ILE A 1 164 ? 2.663   -4.159  -9.229  1.00 12.62 ? 156 ILE A O   1 
ATOM   1044 C CB  . ILE A 1 164 ? 5.413   -3.255  -8.160  1.00 10.42 ? 156 ILE A CB  1 
ATOM   1045 C CG1 . ILE A 1 164 ? 6.956   -3.264  -8.204  1.00 11.17 ? 156 ILE A CG1 1 
ATOM   1046 C CG2 . ILE A 1 164 ? 4.891   -2.610  -6.875  1.00 11.91 ? 156 ILE A CG2 1 
ATOM   1047 C CD1 . ILE A 1 164 ? 7.621   -4.177  -7.160  1.00 8.77  ? 156 ILE A CD1 1 
ATOM   1048 N N   . MET A 1 165 ? 2.747   -5.092  -7.182  1.00 8.42  ? 157 MET A N   1 
ATOM   1049 C CA  . MET A 1 165 ? 1.320   -4.934  -6.961  1.00 10.15 ? 157 MET A CA  1 
ATOM   1050 C C   . MET A 1 165 ? 1.146   -3.714  -6.067  1.00 10.12 ? 157 MET A C   1 
ATOM   1051 O O   . MET A 1 165 ? 1.814   -3.604  -5.034  1.00 10.51 ? 157 MET A O   1 
ATOM   1052 C CB  . MET A 1 165 ? 0.736   -6.174  -6.266  1.00 8.48  ? 157 MET A CB  1 
ATOM   1053 C CG  . MET A 1 165 ? 0.937   -7.486  -7.019  1.00 13.91 ? 157 MET A CG  1 
ATOM   1054 S SD  . MET A 1 165 ? 0.047   -8.860  -6.238  1.00 14.15 ? 157 MET A SD  1 
ATOM   1055 C CE  . MET A 1 165 ? -1.590  -8.681  -6.948  1.00 10.54 ? 157 MET A CE  1 
ATOM   1056 N N   . PHE A 1 166 ? 0.285   -2.786  -6.479  1.00 9.07  ? 158 PHE A N   1 
ATOM   1057 C CA  . PHE A 1 166 ? -0.022  -1.605  -5.678  1.00 6.45  ? 158 PHE A CA  1 
ATOM   1058 C C   . PHE A 1 166 ? -1.380  -1.813  -4.995  1.00 8.96  ? 158 PHE A C   1 
ATOM   1059 O O   . PHE A 1 166 ? -2.374  -2.118  -5.653  1.00 8.06  ? 158 PHE A O   1 
ATOM   1060 C CB  . PHE A 1 166 ? -0.060  -0.352  -6.553  1.00 7.30  ? 158 PHE A CB  1 
ATOM   1061 C CG  . PHE A 1 166 ? 1.261   -0.036  -7.250  1.00 9.18  ? 158 PHE A CG  1 
ATOM   1062 C CD1 . PHE A 1 166 ? 2.191   0.812   -6.659  1.00 10.78 ? 158 PHE A CD1 1 
ATOM   1063 C CD2 . PHE A 1 166 ? 1.554   -0.575  -8.489  1.00 10.66 ? 158 PHE A CD2 1 
ATOM   1064 C CE1 . PHE A 1 166 ? 3.399   1.123   -7.300  1.00 7.68  ? 158 PHE A CE1 1 
ATOM   1065 C CE2 . PHE A 1 166 ? 2.751   -0.272  -9.138  1.00 10.40 ? 158 PHE A CE2 1 
ATOM   1066 C CZ  . PHE A 1 166 ? 3.673   0.579   -8.535  1.00 12.58 ? 158 PHE A CZ  1 
ATOM   1067 N N   . LEU A 1 167 ? -1.424  -1.646  -3.679  1.00 7.75  ? 159 LEU A N   1 
ATOM   1068 C CA  . LEU A 1 167 ? -2.645  -1.948  -2.931  1.00 8.61  ? 159 LEU A CA  1 
ATOM   1069 C C   . LEU A 1 167 ? -3.103  -0.784  -2.072  1.00 9.82  ? 159 LEU A C   1 
ATOM   1070 O O   . LEU A 1 167 ? -2.358  -0.293  -1.222  1.00 9.32  ? 159 LEU A O   1 
ATOM   1071 C CB  . LEU A 1 167 ? -2.449  -3.192  -2.062  1.00 10.39 ? 159 LEU A CB  1 
ATOM   1072 C CG  . LEU A 1 167 ? -1.911  -4.420  -2.795  1.00 9.85  ? 159 LEU A CG  1 
ATOM   1073 C CD1 . LEU A 1 167 ? -1.486  -5.510  -1.804  1.00 14.29 ? 159 LEU A CD1 1 
ATOM   1074 C CD2 . LEU A 1 167 ? -2.950  -4.970  -3.799  1.00 13.15 ? 159 LEU A CD2 1 
ATOM   1075 N N   . ASP A 1 168 ? -4.331  -0.339  -2.312  1.00 8.52  ? 160 ASP A N   1 
ATOM   1076 C CA  . ASP A 1 168 ? -4.977  0.652   -1.461  1.00 9.01  ? 160 ASP A CA  1 
ATOM   1077 C C   . ASP A 1 168 ? -6.098  -0.053  -0.724  1.00 9.27  ? 160 ASP A C   1 
ATOM   1078 O O   . ASP A 1 168 ? -7.245  -0.027  -1.165  1.00 10.74 ? 160 ASP A O   1 
ATOM   1079 C CB  . ASP A 1 168 ? -5.556  1.793   -2.307  1.00 7.95  ? 160 ASP A CB  1 
ATOM   1080 C CG  . ASP A 1 168 ? -5.976  2.994   -1.457  1.00 15.82 ? 160 ASP A CG  1 
ATOM   1081 O OD1 . ASP A 1 168 ? -6.120  2.842   -0.220  1.00 17.13 ? 160 ASP A OD1 1 
ATOM   1082 O OD2 . ASP A 1 168 ? -6.140  4.093   -2.021  1.00 16.18 ? 160 ASP A OD2 1 
ATOM   1083 N N   . VAL A 1 169 ? -5.766  -0.717  0.375   1.00 8.65  ? 161 VAL A N   1 
ATOM   1084 C CA  . VAL A 1 169 ? -6.743  -1.497  1.104   1.00 10.31 ? 161 VAL A CA  1 
ATOM   1085 C C   . VAL A 1 169 ? -7.696  -0.638  1.950   1.00 12.30 ? 161 VAL A C   1 
ATOM   1086 O O   . VAL A 1 169 ? -8.674  -1.155  2.473   1.00 14.97 ? 161 VAL A O   1 
ATOM   1087 C CB  . VAL A 1 169 ? -6.087  -2.587  1.981   1.00 9.35  ? 161 VAL A CB  1 
ATOM   1088 C CG1 . VAL A 1 169 ? -5.119  -3.434  1.141   1.00 9.62  ? 161 VAL A CG1 1 
ATOM   1089 C CG2 . VAL A 1 169 ? -5.380  -1.965  3.175   1.00 8.51  ? 161 VAL A CG2 1 
ATOM   1090 N N   . GLN A 1 170 ? -7.428  0.661   2.087   1.00 12.26 ? 162 GLN A N   1 
ATOM   1091 C CA  . GLN A 1 170 ? -8.434  1.531   2.714   1.00 14.23 ? 162 GLN A CA  1 
ATOM   1092 C C   . GLN A 1 170 ? -9.695  1.621   1.845   1.00 14.46 ? 162 GLN A C   1 
ATOM   1093 O O   . GLN A 1 170 ? -10.812 1.439   2.336   1.00 16.09 ? 162 GLN A O   1 
ATOM   1094 C CB  . GLN A 1 170 ? -7.896  2.931   3.012   1.00 13.45 ? 162 GLN A CB  1 
ATOM   1095 C CG  . GLN A 1 170 ? -8.949  3.842   3.656   1.00 20.54 ? 162 GLN A CG  1 
ATOM   1096 C CD  . GLN A 1 170 ? -8.410  5.207   4.028   1.00 22.22 ? 162 GLN A CD  1 
ATOM   1097 O OE1 . GLN A 1 170 ? -7.758  5.870   3.229   1.00 26.72 ? 162 GLN A OE1 1 
ATOM   1098 N NE2 . GLN A 1 170 ? -8.683  5.635   5.253   1.00 27.93 ? 162 GLN A NE2 1 
ATOM   1099 N N   . THR A 1 171 ? -9.493  1.882   0.554   1.00 15.43 ? 163 THR A N   1 
ATOM   1100 C CA  . THR A 1 171 ? -10.585 2.105   -0.393  1.00 15.66 ? 163 THR A CA  1 
ATOM   1101 C C   . THR A 1 171 ? -10.897 0.868   -1.225  1.00 13.84 ? 163 THR A C   1 
ATOM   1102 O O   . THR A 1 171 ? -11.902 0.837   -1.935  1.00 13.03 ? 163 THR A O   1 
ATOM   1103 C CB  . THR A 1 171 ? -10.250 3.257   -1.365  1.00 16.87 ? 163 THR A CB  1 
ATOM   1104 O OG1 . THR A 1 171 ? -9.121  2.892   -2.168  1.00 16.71 ? 163 THR A OG1 1 
ATOM   1105 C CG2 . THR A 1 171 ? -9.914  4.517   -0.606  1.00 21.35 ? 163 THR A CG2 1 
ATOM   1106 N N   . GLY A 1 172 ? -10.034 -0.144  -1.149  1.00 10.36 ? 164 GLY A N   1 
ATOM   1107 C CA  . GLY A 1 172 ? -10.182 -1.335  -1.966  1.00 12.50 ? 164 GLY A CA  1 
ATOM   1108 C C   . GLY A 1 172 ? -9.858  -1.076  -3.427  1.00 14.24 ? 164 GLY A C   1 
ATOM   1109 O O   . GLY A 1 172 ? -10.531 -1.590  -4.328  1.00 16.49 ? 164 GLY A O   1 
ATOM   1110 N N   . LYS A 1 173 ? -8.822  -0.281  -3.667  1.00 11.92 ? 165 LYS A N   1 
ATOM   1111 C CA  . LYS A 1 173 ? -8.393  0.019   -5.032  1.00 11.34 ? 165 LYS A CA  1 
ATOM   1112 C C   . LYS A 1 173 ? -6.947  -0.395  -5.238  1.00 10.17 ? 165 LYS A C   1 
ATOM   1113 O O   . LYS A 1 173 ? -6.215  -0.614  -4.275  1.00 8.79  ? 165 LYS A O   1 
ATOM   1114 C CB  . LYS A 1 173 ? -8.510  1.519   -5.314  1.00 13.54 ? 165 LYS A CB  1 
ATOM   1115 C CG  . LYS A 1 173 ? -9.923  2.098   -5.255  1.00 17.20 ? 165 LYS A CG  1 
ATOM   1116 C CD  . LYS A 1 173 ? -9.867  3.635   -5.439  1.00 27.20 ? 165 LYS A CD  1 
ATOM   1117 C CE  . LYS A 1 173 ? -11.254 4.281   -5.396  1.00 39.22 ? 165 LYS A CE  1 
ATOM   1118 N NZ  . LYS A 1 173 ? -11.341 5.567   -6.176  1.00 41.65 ? 165 LYS A NZ  1 
ATOM   1119 N N   . GLY A 1 174 ? -6.534  -0.501  -6.494  1.00 10.46 ? 166 GLY A N   1 
ATOM   1120 C CA  . GLY A 1 174 ? -5.119  -0.679  -6.812  1.00 10.96 ? 166 GLY A CA  1 
ATOM   1121 C C   . GLY A 1 174 ? -4.434  0.674   -6.833  1.00 10.40 ? 166 GLY A C   1 
ATOM   1122 O O   . GLY A 1 174 ? -4.827  1.582   -6.107  1.00 10.01 ? 166 GLY A O   1 
ATOM   1123 N N   . PHE A 1 175 ? -3.417  0.815   -7.674  1.00 8.95  ? 167 PHE A N   1 
ATOM   1124 C CA  . PHE A 1 175 ? -2.700  2.077   -7.823  1.00 9.75  ? 167 PHE A CA  1 
ATOM   1125 C C   . PHE A 1 175 ? -3.647  3.247   -8.032  1.00 10.92 ? 167 PHE A C   1 
ATOM   1126 O O   . PHE A 1 175 ? -4.545  3.194   -8.866  1.00 10.56 ? 167 PHE A O   1 
ATOM   1127 C CB  . PHE A 1 175 ? -1.732  2.008   -9.009  1.00 9.49  ? 167 PHE A CB  1 
ATOM   1128 C CG  . PHE A 1 175 ? -0.962  3.291   -9.250  1.00 12.66 ? 167 PHE A CG  1 
ATOM   1129 C CD1 . PHE A 1 175 ? 0.226   3.543   -8.572  1.00 10.76 ? 167 PHE A CD1 1 
ATOM   1130 C CD2 . PHE A 1 175 ? -1.419  4.232   -10.160 1.00 14.16 ? 167 PHE A CD2 1 
ATOM   1131 C CE1 . PHE A 1 175 ? 0.930   4.708   -8.785  1.00 11.30 ? 167 PHE A CE1 1 
ATOM   1132 C CE2 . PHE A 1 175 ? -0.713  5.403   -10.389 1.00 15.17 ? 167 PHE A CE2 1 
ATOM   1133 C CZ  . PHE A 1 175 ? 0.461   5.647   -9.698  1.00 16.47 ? 167 PHE A CZ  1 
ATOM   1134 N N   . ASN A 1 176 ? -3.434  4.308   -7.271  1.00 8.84  ? 168 ASN A N   1 
ATOM   1135 C CA  . ASN A 1 176 ? -4.167  5.553   -7.465  1.00 11.09 ? 168 ASN A CA  1 
ATOM   1136 C C   . ASN A 1 176 ? -3.399  6.649   -6.762  1.00 11.90 ? 168 ASN A C   1 
ATOM   1137 O O   . ASN A 1 176 ? -2.411  6.372   -6.061  1.00 12.74 ? 168 ASN A O   1 
ATOM   1138 C CB  . ASN A 1 176 ? -5.605  5.452   -6.936  1.00 9.32  ? 168 ASN A CB  1 
ATOM   1139 C CG  . ASN A 1 176 ? -5.666  5.361   -5.418  1.00 17.19 ? 168 ASN A CG  1 
ATOM   1140 O OD1 . ASN A 1 176 ? -5.689  4.266   -4.838  1.00 13.40 ? 168 ASN A OD1 1 
ATOM   1141 N ND2 . ASN A 1 176 ? -5.682  6.515   -4.764  1.00 8.24  ? 168 ASN A ND2 1 
ATOM   1142 N N   . LEU A 1 177 ? -3.816  7.892   -6.972  1.00 8.14  ? 169 LEU A N   1 
ATOM   1143 C CA  . LEU A 1 177 ? -3.106  9.018   -6.393  1.00 11.03 ? 169 LEU A CA  1 
ATOM   1144 C C   . LEU A 1 177 ? -4.047  9.830   -5.515  1.00 12.23 ? 169 LEU A C   1 
ATOM   1145 O O   . LEU A 1 177 ? -3.845  11.018  -5.292  1.00 11.15 ? 169 LEU A O   1 
ATOM   1146 C CB  . LEU A 1 177 ? -2.494  9.878   -7.502  1.00 12.59 ? 169 LEU A CB  1 
ATOM   1147 C CG  . LEU A 1 177 ? -1.450  9.138   -8.348  1.00 8.88  ? 169 LEU A CG  1 
ATOM   1148 C CD1 . LEU A 1 177 ? -1.046  9.969   -9.578  1.00 12.60 ? 169 LEU A CD1 1 
ATOM   1149 C CD2 . LEU A 1 177 ? -0.232  8.794   -7.501  1.00 13.12 ? 169 LEU A CD2 1 
ATOM   1150 N N   . TYR A 1 178 ? -5.083  9.164   -5.020  1.00 9.46  ? 170 TYR A N   1 
ATOM   1151 C CA  . TYR A 1 178 ? -5.971  9.776   -4.060  1.00 12.82 ? 170 TYR A CA  1 
ATOM   1152 C C   . TYR A 1 178 ? -6.782  10.935  -4.646  1.00 13.21 ? 170 TYR A C   1 
ATOM   1153 O O   . TYR A 1 178 ? -7.194  11.828  -3.918  1.00 13.06 ? 170 TYR A O   1 
ATOM   1154 C CB  . TYR A 1 178 ? -5.177  10.224  -2.822  1.00 15.21 ? 170 TYR A CB  1 
ATOM   1155 C CG  . TYR A 1 178 ? -6.035  10.427  -1.597  1.00 21.98 ? 170 TYR A CG  1 
ATOM   1156 C CD1 . TYR A 1 178 ? -6.900  9.430   -1.156  1.00 28.21 ? 170 TYR A CD1 1 
ATOM   1157 C CD2 . TYR A 1 178 ? -5.973  11.617  -0.875  1.00 32.71 ? 170 TYR A CD2 1 
ATOM   1158 C CE1 . TYR A 1 178 ? -7.699  9.623   -0.033  1.00 35.76 ? 170 TYR A CE1 1 
ATOM   1159 C CE2 . TYR A 1 178 ? -6.757  11.819  0.247   1.00 36.02 ? 170 TYR A CE2 1 
ATOM   1160 C CZ  . TYR A 1 178 ? -7.620  10.824  0.664   1.00 40.53 ? 170 TYR A CZ  1 
ATOM   1161 O OH  . TYR A 1 178 ? -8.397  11.034  1.782   1.00 41.82 ? 170 TYR A OH  1 
ATOM   1162 N N   . ASP A 1 179 ? -7.014  10.928  -5.957  1.00 12.25 ? 171 ASP A N   1 
ATOM   1163 C CA  . ASP A 1 179 ? -7.922  11.909  -6.548  1.00 13.42 ? 171 ASP A CA  1 
ATOM   1164 C C   . ASP A 1 179 ? -9.323  11.529  -6.055  1.00 14.01 ? 171 ASP A C   1 
ATOM   1165 O O   . ASP A 1 179 ? -9.586  10.360  -5.812  1.00 11.75 ? 171 ASP A O   1 
ATOM   1166 C CB  . ASP A 1 179 ? -7.822  11.882  -8.078  1.00 16.24 ? 171 ASP A CB  1 
ATOM   1167 C CG  . ASP A 1 179 ? -8.554  13.055  -8.745  1.00 22.75 ? 171 ASP A CG  1 
ATOM   1168 O OD1 . ASP A 1 179 ? -9.798  12.997  -8.861  1.00 22.48 ? 171 ASP A OD1 1 
ATOM   1169 O OD2 . ASP A 1 179 ? -7.886  14.030  -9.161  1.00 23.95 ? 171 ASP A OD2 1 
ATOM   1170 N N   . PRO A 1 180 ? -10.209 12.515  -5.857  1.00 15.60 ? 172 PRO A N   1 
ATOM   1171 C CA  . PRO A 1 180 ? -11.554 12.213  -5.360  1.00 16.79 ? 172 PRO A CA  1 
ATOM   1172 C C   . PRO A 1 180 ? -12.426 11.445  -6.360  1.00 15.56 ? 172 PRO A C   1 
ATOM   1173 O O   . PRO A 1 180 ? -13.500 10.980  -5.994  1.00 18.00 ? 172 PRO A O   1 
ATOM   1174 C CB  . PRO A 1 180 ? -12.157 13.598  -5.102  1.00 16.01 ? 172 PRO A CB  1 
ATOM   1175 C CG  . PRO A 1 180 ? -11.381 14.522  -6.008  1.00 20.61 ? 172 PRO A CG  1 
ATOM   1176 C CD  . PRO A 1 180 ? -9.984  13.965  -6.011  1.00 19.03 ? 172 PRO A CD  1 
ATOM   1177 N N   . VAL A 1 181 ? -11.988 11.335  -7.609  1.00 12.76 ? 173 VAL A N   1 
ATOM   1178 C CA  . VAL A 1 181 ? -12.706 10.500  -8.585  1.00 14.16 ? 173 VAL A CA  1 
ATOM   1179 C C   . VAL A 1 181 ? -11.810 9.367   -9.087  1.00 12.79 ? 173 VAL A C   1 
ATOM   1180 O O   . VAL A 1 181 ? -10.586 9.502   -9.099  1.00 12.09 ? 173 VAL A O   1 
ATOM   1181 C CB  . VAL A 1 181 ? -13.235 11.316  -9.790  1.00 13.85 ? 173 VAL A CB  1 
ATOM   1182 C CG1 . VAL A 1 181 ? -14.126 12.465  -9.308  1.00 14.38 ? 173 VAL A CG1 1 
ATOM   1183 C CG2 . VAL A 1 181 ? -12.082 11.865  -10.620 1.00 18.36 ? 173 VAL A CG2 1 
ATOM   1184 N N   . GLU A 1 182 ? -12.432 8.258   -9.483  1.00 11.12 ? 174 GLU A N   1 
ATOM   1185 C CA  . GLU A 1 182 ? -11.721 7.111   -10.029 1.00 13.61 ? 174 GLU A CA  1 
ATOM   1186 C C   . GLU A 1 182 ? -11.021 7.532   -11.310 1.00 13.42 ? 174 GLU A C   1 
ATOM   1187 O O   . GLU A 1 182 ? -11.459 8.454   -11.991 1.00 13.78 ? 174 GLU A O   1 
ATOM   1188 C CB  . GLU A 1 182 ? -12.699 5.975   -10.338 1.00 14.27 ? 174 GLU A CB  1 
ATOM   1189 C CG  . GLU A 1 182 ? -13.690 6.322   -11.461 1.00 15.49 ? 174 GLU A CG  1 
ATOM   1190 C CD  . GLU A 1 182 ? -14.639 5.178   -11.790 1.00 21.10 ? 174 GLU A CD  1 
ATOM   1191 O OE1 . GLU A 1 182 ? -14.404 4.046   -11.319 1.00 25.92 ? 174 GLU A OE1 1 
ATOM   1192 O OE2 . GLU A 1 182 ? -15.626 5.407   -12.517 1.00 19.00 ? 174 GLU A OE2 1 
ATOM   1193 N N   . LYS A 1 183 ? -9.931  6.851   -11.634 1.00 14.90 ? 175 LYS A N   1 
ATOM   1194 C CA  . LYS A 1 183 ? -9.169  7.164   -12.840 1.00 15.99 ? 175 LYS A CA  1 
ATOM   1195 C C   . LYS A 1 183 ? -8.863  5.882   -13.606 1.00 15.36 ? 175 LYS A C   1 
ATOM   1196 O O   . LYS A 1 183 ? -8.293  4.953   -13.051 1.00 15.96 ? 175 LYS A O   1 
ATOM   1197 C CB  . LYS A 1 183 ? -7.855  7.846   -12.457 1.00 13.98 ? 175 LYS A CB  1 
ATOM   1198 C CG  . LYS A 1 183 ? -8.016  9.179   -11.742 1.00 17.82 ? 175 LYS A CG  1 
ATOM   1199 C CD  . LYS A 1 183 ? -8.320  10.273  -12.747 1.00 20.06 ? 175 LYS A CD  1 
ATOM   1200 C CE  . LYS A 1 183 ? -8.608  11.599  -12.061 1.00 19.66 ? 175 LYS A CE  1 
ATOM   1201 N NZ  . LYS A 1 183 ? -8.946  12.609  -13.095 1.00 24.07 ? 175 LYS A NZ  1 
ATOM   1202 N N   . SER A 1 184 ? -9.217  5.827   -14.881 1.00 16.90 ? 176 SER A N   1 
ATOM   1203 C CA  . SER A 1 184 ? -8.865  4.650   -15.661 1.00 17.81 ? 176 SER A CA  1 
ATOM   1204 C C   . SER A 1 184 ? -7.372  4.705   -15.988 1.00 16.85 ? 176 SER A C   1 
ATOM   1205 O O   . SER A 1 184 ? -6.727  5.731   -15.776 1.00 13.47 ? 176 SER A O   1 
ATOM   1206 C CB  . SER A 1 184 ? -9.721  4.534   -16.925 1.00 19.31 ? 176 SER A CB  1 
ATOM   1207 O OG  . SER A 1 184 ? -9.478  5.621   -17.795 1.00 25.07 ? 176 SER A OG  1 
ATOM   1208 N N   . PRO A 1 185 ? -6.814  3.588   -16.471 1.00 12.93 ? 177 PRO A N   1 
ATOM   1209 C CA  . PRO A 1 185 ? -5.399  3.472   -16.808 1.00 12.21 ? 177 PRO A CA  1 
ATOM   1210 C C   . PRO A 1 185 ? -4.943  4.527   -17.819 1.00 12.76 ? 177 PRO A C   1 
ATOM   1211 O O   . PRO A 1 185 ? -3.775  4.919   -17.806 1.00 10.63 ? 177 PRO A O   1 
ATOM   1212 C CB  . PRO A 1 185 ? -5.305  2.084   -17.445 1.00 11.52 ? 177 PRO A CB  1 
ATOM   1213 C CG  . PRO A 1 185 ? -6.429  1.322   -16.827 1.00 12.63 ? 177 PRO A CG  1 
ATOM   1214 C CD  . PRO A 1 185 ? -7.530  2.310   -16.617 1.00 14.02 ? 177 PRO A CD  1 
ATOM   1215 N N   . ASP A 1 186 ? -5.846  4.975   -18.695 1.00 11.19 ? 178 ASP A N   1 
ATOM   1216 C CA  . ASP A 1 186 ? -5.452  5.925   -19.753 1.00 10.74 ? 178 ASP A CA  1 
ATOM   1217 C C   . ASP A 1 186 ? -5.659  7.405   -19.399 1.00 11.05 ? 178 ASP A C   1 
ATOM   1218 O O   . ASP A 1 186 ? -5.415  8.287   -20.223 1.00 10.17 ? 178 ASP A O   1 
ATOM   1219 C CB  . ASP A 1 186 ? -6.126  5.587   -21.097 1.00 12.04 ? 178 ASP A CB  1 
ATOM   1220 C CG  . ASP A 1 186 ? -7.635  5.820   -21.086 1.00 16.24 ? 178 ASP A CG  1 
ATOM   1221 O OD1 . ASP A 1 186 ? -8.221  5.923   -19.993 1.00 13.65 ? 178 ASP A OD1 1 
ATOM   1222 O OD2 . ASP A 1 186 ? -8.239  5.897   -22.183 1.00 19.18 ? 178 ASP A OD2 1 
ATOM   1223 N N   . ALA A 1 187 ? -6.108  7.666   -18.179 1.00 10.00 ? 179 ALA A N   1 
ATOM   1224 C CA  . ALA A 1 187 ? -6.285  9.030   -17.706 1.00 11.53 ? 179 ALA A CA  1 
ATOM   1225 C C   . ALA A 1 187 ? -4.934  9.678   -17.517 1.00 12.18 ? 179 ALA A C   1 
ATOM   1226 O O   . ALA A 1 187 ? -3.965  9.007   -17.205 1.00 10.70 ? 179 ALA A O   1 
ATOM   1227 C CB  . ALA A 1 187 ? -7.034  9.040   -16.395 1.00 11.85 ? 179 ALA A CB  1 
ATOM   1228 N N   . PHE A 1 188 ? -4.877  10.991  -17.686 1.00 12.22 ? 180 PHE A N   1 
ATOM   1229 C CA  . PHE A 1 188 ? -3.626  11.709  -17.531 1.00 14.02 ? 180 PHE A CA  1 
ATOM   1230 C C   . PHE A 1 188 ? -3.407  12.068  -16.073 1.00 12.92 ? 180 PHE A C   1 
ATOM   1231 O O   . PHE A 1 188 ? -4.339  12.447  -15.375 1.00 14.66 ? 180 PHE A O   1 
ATOM   1232 C CB  . PHE A 1 188 ? -3.622  12.978  -18.391 1.00 16.11 ? 180 PHE A CB  1 
ATOM   1233 C CG  . PHE A 1 188 ? -3.489  12.720  -19.872 1.00 20.25 ? 180 PHE A CG  1 
ATOM   1234 C CD1 . PHE A 1 188 ? -2.768  11.642  -20.344 1.00 25.56 ? 180 PHE A CD1 1 
ATOM   1235 C CD2 . PHE A 1 188 ? -4.056  13.590  -20.792 1.00 34.96 ? 180 PHE A CD2 1 
ATOM   1236 C CE1 . PHE A 1 188 ? -2.636  11.411  -21.710 1.00 31.96 ? 180 PHE A CE1 1 
ATOM   1237 C CE2 . PHE A 1 188 ? -3.925  13.369  -22.159 1.00 37.06 ? 180 PHE A CE2 1 
ATOM   1238 C CZ  . PHE A 1 188 ? -3.212  12.279  -22.614 1.00 36.56 ? 180 PHE A CZ  1 
ATOM   1239 N N   . VAL A 1 189 ? -2.167  11.956  -15.615 1.00 12.44 ? 181 VAL A N   1 
ATOM   1240 C CA  . VAL A 1 189 ? -1.825  12.322  -14.248 1.00 11.74 ? 181 VAL A CA  1 
ATOM   1241 C C   . VAL A 1 189 ? -1.639  13.835  -14.182 1.00 12.84 ? 181 VAL A C   1 
ATOM   1242 O O   . VAL A 1 189 ? -1.012  14.412  -15.064 1.00 12.52 ? 181 VAL A O   1 
ATOM   1243 C CB  . VAL A 1 189 ? -0.540  11.594  -13.801 1.00 12.08 ? 181 VAL A CB  1 
ATOM   1244 C CG1 . VAL A 1 189 ? -0.090  12.079  -12.433 1.00 7.53  ? 181 VAL A CG1 1 
ATOM   1245 C CG2 . VAL A 1 189 ? -0.768  10.071  -13.789 1.00 9.18  ? 181 VAL A CG2 1 
ATOM   1246 N N   . ASP A 1 190 ? -2.203  14.476  -13.155 1.00 17.68 ? 182 ASP A N   1 
ATOM   1247 C CA  . ASP A 1 190 ? -2.053  15.923  -12.964 1.00 19.00 ? 182 ASP A CA  1 
ATOM   1248 C C   . ASP A 1 190 ? -0.590  16.294  -12.879 1.00 18.98 ? 182 ASP A C   1 
ATOM   1249 O O   . ASP A 1 190 ? 0.188   15.612  -12.213 1.00 15.36 ? 182 ASP A O   1 
ATOM   1250 C CB  . ASP A 1 190 ? -2.729  16.381  -11.674 1.00 20.51 ? 182 ASP A CB  1 
ATOM   1251 C CG  . ASP A 1 190 ? -4.233  16.432  -11.789 1.00 27.28 ? 182 ASP A CG  1 
ATOM   1252 O OD1 . ASP A 1 190 ? -4.755  16.215  -12.904 1.00 30.17 ? 182 ASP A OD1 1 
ATOM   1253 O OD2 . ASP A 1 190 ? -4.890  16.689  -10.761 1.00 29.56 ? 182 ASP A OD2 1 
ATOM   1254 N N   . GLU A 1 191 ? -0.220  17.387  -13.536 1.00 17.95 ? 183 GLU A N   1 
ATOM   1255 C CA  . GLU A 1 191 ? 1.161   17.854  -13.504 1.00 19.25 ? 183 GLU A CA  1 
ATOM   1256 C C   . GLU A 1 191 ? 1.706   17.936  -12.079 1.00 18.32 ? 183 GLU A C   1 
ATOM   1257 O O   . GLU A 1 191 ? 0.987   18.293  -11.147 1.00 19.31 ? 183 GLU A O   1 
ATOM   1258 C CB  . GLU A 1 191 ? 1.283   19.214  -14.189 1.00 19.53 ? 183 GLU A CB  1 
ATOM   1259 C CG  . GLU A 1 191 ? 1.256   19.134  -15.707 1.00 30.65 ? 183 GLU A CG  1 
ATOM   1260 C CD  . GLU A 1 191 ? 1.330   20.506  -16.361 1.00 40.56 ? 183 GLU A CD  1 
ATOM   1261 O OE1 . GLU A 1 191 ? 1.252   21.520  -15.629 1.00 44.53 ? 183 GLU A OE1 1 
ATOM   1262 O OE2 . GLU A 1 191 ? 1.458   20.567  -17.603 1.00 42.55 ? 183 GLU A OE2 1 
ATOM   1263 N N   . ASN A 1 192 ? 2.978   17.590  -11.917 1.00 17.67 ? 184 ASN A N   1 
ATOM   1264 C CA  . ASN A 1 192 ? 3.643   17.696  -10.619 1.00 16.93 ? 184 ASN A CA  1 
ATOM   1265 C C   . ASN A 1 192 ? 3.091   16.761  -9.540  1.00 16.55 ? 184 ASN A C   1 
ATOM   1266 O O   . ASN A 1 192 ? 3.286   17.015  -8.349  1.00 16.00 ? 184 ASN A O   1 
ATOM   1267 C CB  . ASN A 1 192 ? 3.614   19.145  -10.119 1.00 19.16 ? 184 ASN A CB  1 
ATOM   1268 C CG  . ASN A 1 192 ? 4.343   20.100  -11.052 1.00 23.44 ? 184 ASN A CG  1 
ATOM   1269 O OD1 . ASN A 1 192 ? 3.888   21.215  -11.288 1.00 33.93 ? 184 ASN A OD1 1 
ATOM   1270 N ND2 . ASN A 1 192 ? 5.475   19.660  -11.592 1.00 19.42 ? 184 ASN A ND2 1 
ATOM   1271 N N   . SER A 1 193 ? 2.396   15.694  -9.939  1.00 14.10 ? 185 SER A N   1 
ATOM   1272 C CA  . SER A 1 193 ? 2.013   14.653  -8.976  1.00 13.53 ? 185 SER A CA  1 
ATOM   1273 C C   . SER A 1 193 ? 3.283   13.917  -8.572  1.00 12.90 ? 185 SER A C   1 
ATOM   1274 O O   . SER A 1 193 ? 4.248   13.860  -9.351  1.00 14.10 ? 185 SER A O   1 
ATOM   1275 C CB  . SER A 1 193 ? 1.006   13.664  -9.582  1.00 12.97 ? 185 SER A CB  1 
ATOM   1276 O OG  . SER A 1 193 ? -0.226  14.296  -9.882  1.00 14.34 ? 185 SER A OG  1 
ATOM   1277 N N   . SER A 1 194 ? 3.305   13.342  -7.374  1.00 10.03 ? 186 SER A N   1 
ATOM   1278 C CA  . SER A 1 194 ? 4.522   12.644  -6.929  1.00 11.71 ? 186 SER A CA  1 
ATOM   1279 C C   . SER A 1 194 ? 4.231   11.508  -5.956  1.00 8.85  ? 186 SER A C   1 
ATOM   1280 O O   . SER A 1 194 ? 3.193   11.493  -5.304  1.00 8.08  ? 186 SER A O   1 
ATOM   1281 C CB  . SER A 1 194 ? 5.494   13.632  -6.276  1.00 11.69 ? 186 SER A CB  1 
ATOM   1282 O OG  . SER A 1 194 ? 5.049   13.981  -4.971  1.00 14.40 ? 186 SER A OG  1 
ATOM   1283 N N   . VAL A 1 195 ? 5.144   10.545  -5.886  1.00 9.63  ? 187 VAL A N   1 
ATOM   1284 C CA  . VAL A 1 195 ? 5.129   9.567   -4.807  1.00 8.51  ? 187 VAL A CA  1 
ATOM   1285 C C   . VAL A 1 195 ? 6.526   9.460   -4.205  1.00 11.21 ? 187 VAL A C   1 
ATOM   1286 O O   . VAL A 1 195 ? 7.534   9.703   -4.887  1.00 10.61 ? 187 VAL A O   1 
ATOM   1287 C CB  . VAL A 1 195 ? 4.668   8.159   -5.263  1.00 10.32 ? 187 VAL A CB  1 
ATOM   1288 C CG1 . VAL A 1 195 ? 3.249   8.208   -5.834  1.00 10.64 ? 187 VAL A CG1 1 
ATOM   1289 C CG2 . VAL A 1 195 ? 5.669   7.538   -6.250  1.00 7.37  ? 187 VAL A CG2 1 
ATOM   1290 N N   . GLN A 1 196 ? 6.584   9.097   -2.927  1.00 8.42  ? 188 GLN A N   1 
ATOM   1291 C CA  . GLN A 1 196 ? 7.858   8.834   -2.268  1.00 9.58  ? 188 GLN A CA  1 
ATOM   1292 C C   . GLN A 1 196 ? 7.839   7.393   -1.758  1.00 9.47  ? 188 GLN A C   1 
ATOM   1293 O O   . GLN A 1 196 ? 6.949   6.997   -0.989  1.00 8.80  ? 188 GLN A O   1 
ATOM   1294 C CB  . GLN A 1 196 ? 8.100   9.819   -1.121  1.00 10.20 ? 188 GLN A CB  1 
ATOM   1295 C CG  . GLN A 1 196 ? 8.139   11.300  -1.550  1.00 10.83 ? 188 GLN A CG  1 
ATOM   1296 C CD  . GLN A 1 196 ? 6.776   11.838  -1.965  1.00 11.64 ? 188 GLN A CD  1 
ATOM   1297 O OE1 . GLN A 1 196 ? 5.761   11.552  -1.329  1.00 13.86 ? 188 GLN A OE1 1 
ATOM   1298 N NE2 . GLN A 1 196 ? 6.748   12.623  -3.038  1.00 10.03 ? 188 GLN A NE2 1 
ATOM   1299 N N   . VAL A 1 197 ? 8.798   6.604   -2.219  1.00 10.05 ? 189 VAL A N   1 
ATOM   1300 C CA  . VAL A 1 197 ? 8.830   5.191   -1.879  1.00 10.78 ? 189 VAL A CA  1 
ATOM   1301 C C   . VAL A 1 197 ? 9.600   5.015   -0.581  1.00 10.91 ? 189 VAL A C   1 
ATOM   1302 O O   . VAL A 1 197 ? 10.807  5.221   -0.531  1.00 10.60 ? 189 VAL A O   1 
ATOM   1303 C CB  . VAL A 1 197 ? 9.480   4.371   -3.004  1.00 13.79 ? 189 VAL A CB  1 
ATOM   1304 C CG1 . VAL A 1 197 ? 9.639   2.910   -2.577  1.00 9.39  ? 189 VAL A CG1 1 
ATOM   1305 C CG2 . VAL A 1 197 ? 8.655   4.496   -4.298  1.00 12.13 ? 189 VAL A CG2 1 
ATOM   1306 N N   . ILE A 1 198 ? 8.893   4.644   0.474   1.00 8.47  ? 190 ILE A N   1 
ATOM   1307 C CA  . ILE A 1 198 ? 9.498   4.589   1.788   1.00 11.20 ? 190 ILE A CA  1 
ATOM   1308 C C   . ILE A 1 198 ? 9.908   3.165   2.112   1.00 10.75 ? 190 ILE A C   1 
ATOM   1309 O O   . ILE A 1 198 ? 9.068   2.275   2.199   1.00 8.93  ? 190 ILE A O   1 
ATOM   1310 C CB  . ILE A 1 198 ? 8.534   5.122   2.854   1.00 11.85 ? 190 ILE A CB  1 
ATOM   1311 C CG1 . ILE A 1 198 ? 7.981   6.489   2.423   1.00 11.63 ? 190 ILE A CG1 1 
ATOM   1312 C CG2 . ILE A 1 198 ? 9.218   5.174   4.222   1.00 12.91 ? 190 ILE A CG2 1 
ATOM   1313 C CD1 . ILE A 1 198 ? 9.047   7.510   2.051   1.00 14.36 ? 190 ILE A CD1 1 
ATOM   1314 N N   . HIS A 1 199 ? 11.210  2.942   2.266   1.00 9.74  ? 191 HIS A N   1 
ATOM   1315 C CA  . HIS A 1 199 ? 11.697  1.599   2.540   1.00 9.04  ? 191 HIS A CA  1 
ATOM   1316 C C   . HIS A 1 199 ? 11.714  1.310   4.036   1.00 11.21 ? 191 HIS A C   1 
ATOM   1317 O O   . HIS A 1 199 ? 12.761  1.346   4.690   1.00 10.67 ? 191 HIS A O   1 
ATOM   1318 C CB  . HIS A 1 199 ? 13.067  1.377   1.899   1.00 12.43 ? 191 HIS A CB  1 
ATOM   1319 C CG  . HIS A 1 199 ? 13.042  1.470   0.405   1.00 13.20 ? 191 HIS A CG  1 
ATOM   1320 N ND1 . HIS A 1 199 ? 13.057  0.359   -0.413  1.00 17.51 ? 191 HIS A ND1 1 
ATOM   1321 C CD2 . HIS A 1 199 ? 12.964  2.542   -0.419  1.00 14.88 ? 191 HIS A CD2 1 
ATOM   1322 C CE1 . HIS A 1 199 ? 13.007  0.745   -1.676  1.00 17.43 ? 191 HIS A CE1 1 
ATOM   1323 N NE2 . HIS A 1 199 ? 12.941  2.064   -1.707  1.00 14.03 ? 191 HIS A NE2 1 
ATOM   1324 N N   . VAL A 1 200 ? 10.526  1.048   4.573   1.00 9.42  ? 192 VAL A N   1 
ATOM   1325 C CA  . VAL A 1 200 ? 10.377  0.587   5.941   1.00 9.94  ? 192 VAL A CA  1 
ATOM   1326 C C   . VAL A 1 200 ? 11.235  -0.676  6.096   1.00 11.57 ? 192 VAL A C   1 
ATOM   1327 O O   . VAL A 1 200 ? 11.203  -1.565  5.252   1.00 8.40  ? 192 VAL A O   1 
ATOM   1328 C CB  . VAL A 1 200 ? 8.890   0.294   6.265   1.00 11.92 ? 192 VAL A CB  1 
ATOM   1329 C CG1 . VAL A 1 200 ? 8.728   -0.346  7.664   1.00 10.73 ? 192 VAL A CG1 1 
ATOM   1330 C CG2 . VAL A 1 200 ? 8.055   1.569   6.139   1.00 13.34 ? 192 VAL A CG2 1 
ATOM   1331 N N   . SER A 1 201 ? 12.030  -0.738  7.158   1.00 10.64 ? 193 SER A N   1 
ATOM   1332 C CA  . SER A 1 201 ? 12.955  -1.853  7.324   1.00 9.75  ? 193 SER A CA  1 
ATOM   1333 C C   . SER A 1 201 ? 12.252  -3.087  7.878   1.00 8.00  ? 193 SER A C   1 
ATOM   1334 O O   . SER A 1 201 ? 11.162  -2.998  8.469   1.00 7.19  ? 193 SER A O   1 
ATOM   1335 C CB  . SER A 1 201 ? 14.089  -1.459  8.274   1.00 11.41 ? 193 SER A CB  1 
ATOM   1336 O OG  . SER A 1 201 ? 13.564  -1.304  9.586   1.00 10.53 ? 193 SER A OG  1 
ATOM   1337 N N   . ASP A 1 202 ? 12.889  -4.242  7.706   1.00 9.54  ? 194 ASP A N   1 
ATOM   1338 C CA  . ASP A 1 202 ? 12.383  -5.474  8.296   1.00 9.12  ? 194 ASP A CA  1 
ATOM   1339 C C   . ASP A 1 202 ? 12.270  -5.294  9.803   1.00 8.90  ? 194 ASP A C   1 
ATOM   1340 O O   . ASP A 1 202 ? 11.331  -5.783  10.441  1.00 7.95  ? 194 ASP A O   1 
ATOM   1341 C CB  . ASP A 1 202 ? 13.326  -6.643  7.994   1.00 8.02  ? 194 ASP A CB  1 
ATOM   1342 C CG  . ASP A 1 202 ? 13.333  -7.039  6.530   1.00 13.31 ? 194 ASP A CG  1 
ATOM   1343 O OD1 . ASP A 1 202 ? 12.554  -6.453  5.740   1.00 16.34 ? 194 ASP A OD1 1 
ATOM   1344 O OD2 . ASP A 1 202 ? 14.122  -7.948  6.172   1.00 13.75 ? 194 ASP A OD2 1 
ATOM   1345 N N   . GLN A 1 203 ? 13.257  -4.616  10.380  1.00 8.66  ? 195 GLN A N   1 
ATOM   1346 C CA  . GLN A 1 203 ? 13.252  -4.350  11.810  1.00 8.05  ? 195 GLN A CA  1 
ATOM   1347 C C   . GLN A 1 203 ? 11.967  -3.636  12.221  1.00 9.53  ? 195 GLN A C   1 
ATOM   1348 O O   . GLN A 1 203 ? 11.346  -3.968  13.234  1.00 8.29  ? 195 GLN A O   1 
ATOM   1349 C CB  . GLN A 1 203 ? 14.467  -3.490  12.175  1.00 8.49  ? 195 GLN A CB  1 
ATOM   1350 C CG  . GLN A 1 203 ? 15.781  -4.264  12.196  1.00 11.25 ? 195 GLN A CG  1 
ATOM   1351 C CD  . GLN A 1 203 ? 16.992  -3.355  12.196  1.00 11.86 ? 195 GLN A CD  1 
ATOM   1352 O OE1 . GLN A 1 203 ? 17.604  -3.107  13.241  1.00 16.84 ? 195 GLN A OE1 1 
ATOM   1353 N NE2 . GLN A 1 203 ? 17.345  -2.852  11.025  1.00 9.06  ? 195 GLN A NE2 1 
ATOM   1354 N N   . GLU A 1 204 ? 11.585  -2.626  11.449  1.00 8.77  ? 196 GLU A N   1 
ATOM   1355 C CA  . GLU A 1 204 ? 10.378  -1.857  11.772  1.00 6.31  ? 196 GLU A CA  1 
ATOM   1356 C C   . GLU A 1 204 ? 9.107   -2.688  11.653  1.00 6.28  ? 196 GLU A C   1 
ATOM   1357 O O   . GLU A 1 204 ? 8.211   -2.579  12.493  1.00 6.76  ? 196 GLU A O   1 
ATOM   1358 C CB  . GLU A 1 204 ? 10.304  -0.567  10.931  1.00 5.74  ? 196 GLU A CB  1 
ATOM   1359 C CG  . GLU A 1 204 ? 11.280  0.513   11.437  1.00 7.20  ? 196 GLU A CG  1 
ATOM   1360 C CD  . GLU A 1 204 ? 11.477  1.681   10.479  1.00 13.70 ? 196 GLU A CD  1 
ATOM   1361 O OE1 . GLU A 1 204 ? 11.375  1.495   9.249   1.00 14.01 ? 196 GLU A OE1 1 
ATOM   1362 O OE2 . GLU A 1 204 ? 11.755  2.801   10.963  1.00 13.67 ? 196 GLU A OE2 1 
ATOM   1363 N N   . PHE A 1 205 ? 9.014   -3.526  10.623  1.00 6.62  ? 197 PHE A N   1 
ATOM   1364 C CA  . PHE A 1 205 ? 7.845   -4.399  10.512  1.00 8.95  ? 197 PHE A CA  1 
ATOM   1365 C C   . PHE A 1 205 ? 7.778   -5.430  11.631  1.00 9.91  ? 197 PHE A C   1 
ATOM   1366 O O   . PHE A 1 205 ? 6.693   -5.757  12.129  1.00 9.53  ? 197 PHE A O   1 
ATOM   1367 C CB  . PHE A 1 205 ? 7.817   -5.119  9.162   1.00 10.00 ? 197 PHE A CB  1 
ATOM   1368 C CG  . PHE A 1 205 ? 7.475   -4.225  8.008   1.00 8.99  ? 197 PHE A CG  1 
ATOM   1369 C CD1 . PHE A 1 205 ? 6.260   -3.546  7.975   1.00 6.31  ? 197 PHE A CD1 1 
ATOM   1370 C CD2 . PHE A 1 205 ? 8.354   -4.082  6.947   1.00 9.16  ? 197 PHE A CD2 1 
ATOM   1371 C CE1 . PHE A 1 205 ? 5.934   -2.719  6.895   1.00 9.34  ? 197 PHE A CE1 1 
ATOM   1372 C CE2 . PHE A 1 205 ? 8.036   -3.268  5.859   1.00 10.98 ? 197 PHE A CE2 1 
ATOM   1373 C CZ  . PHE A 1 205 ? 6.827   -2.584  5.836   1.00 8.60  ? 197 PHE A CZ  1 
ATOM   1374 N N   . ASP A 1 206 ? 8.939   -5.956  12.015  1.00 11.96 ? 198 ASP A N   1 
ATOM   1375 C CA  . ASP A 1 206 ? 8.991   -6.990  13.046  1.00 12.58 ? 198 ASP A CA  1 
ATOM   1376 C C   . ASP A 1 206 ? 8.750   -6.385  14.428  1.00 11.33 ? 198 ASP A C   1 
ATOM   1377 O O   . ASP A 1 206 ? 8.165   -7.029  15.308  1.00 10.50 ? 198 ASP A O   1 
ATOM   1378 C CB  . ASP A 1 206 ? 10.323  -7.754  13.003  1.00 13.16 ? 198 ASP A CB  1 
ATOM   1379 C CG  . ASP A 1 206 ? 10.273  -9.047  13.806  1.00 20.80 ? 198 ASP A CG  1 
ATOM   1380 O OD1 . ASP A 1 206 ? 9.511   -9.965  13.418  1.00 26.96 ? 198 ASP A OD1 1 
ATOM   1381 O OD2 . ASP A 1 206 ? 10.987  -9.141  14.827  1.00 28.74 ? 198 ASP A OD2 1 
ATOM   1382 N N   . HIS A 1 207 ? 9.188   -5.144  14.624  1.00 9.85  ? 199 HIS A N   1 
ATOM   1383 C CA  . HIS A 1 207 ? 8.838   -4.441  15.859  1.00 11.33 ? 199 HIS A CA  1 
ATOM   1384 C C   . HIS A 1 207 ? 7.318   -4.286  15.986  1.00 9.54  ? 199 HIS A C   1 
ATOM   1385 O O   . HIS A 1 207 ? 6.760   -4.462  17.059  1.00 9.44  ? 199 HIS A O   1 
ATOM   1386 C CB  . HIS A 1 207 ? 9.519   -3.071  15.950  1.00 12.06 ? 199 HIS A CB  1 
ATOM   1387 C CG  . HIS A 1 207 ? 9.305   -2.387  17.266  1.00 13.30 ? 199 HIS A CG  1 
ATOM   1388 N ND1 . HIS A 1 207 ? 8.195   -1.613  17.530  1.00 10.44 ? 199 HIS A ND1 1 
ATOM   1389 C CD2 . HIS A 1 207 ? 10.043  -2.387  18.403  1.00 15.53 ? 199 HIS A CD2 1 
ATOM   1390 C CE1 . HIS A 1 207 ? 8.271   -1.143  18.763  1.00 14.77 ? 199 HIS A CE1 1 
ATOM   1391 N NE2 . HIS A 1 207 ? 9.380   -1.603  19.318  1.00 12.26 ? 199 HIS A NE2 1 
ATOM   1392 N N   . TYR A 1 208 ? 6.645   -3.968  14.889  1.00 8.90  ? 200 TYR A N   1 
ATOM   1393 C CA  . TYR A 1 208 ? 5.193   -3.880  14.930  1.00 9.19  ? 200 TYR A CA  1 
ATOM   1394 C C   . TYR A 1 208 ? 4.586   -5.251  15.252  1.00 9.68  ? 200 TYR A C   1 
ATOM   1395 O O   . TYR A 1 208 ? 3.746   -5.377  16.151  1.00 8.18  ? 200 TYR A O   1 
ATOM   1396 C CB  . TYR A 1 208 ? 4.630   -3.299  13.621  1.00 6.93  ? 200 TYR A CB  1 
ATOM   1397 C CG  . TYR A 1 208 ? 3.139   -3.013  13.675  1.00 8.93  ? 200 TYR A CG  1 
ATOM   1398 C CD1 . TYR A 1 208 ? 2.557   -2.431  14.807  1.00 9.03  ? 200 TYR A CD1 1 
ATOM   1399 C CD2 . TYR A 1 208 ? 2.316   -3.303  12.591  1.00 6.28  ? 200 TYR A CD2 1 
ATOM   1400 C CE1 . TYR A 1 208 ? 1.181   -2.166  14.863  1.00 11.29 ? 200 TYR A CE1 1 
ATOM   1401 C CE2 . TYR A 1 208 ? 0.952   -3.036  12.635  1.00 8.82  ? 200 TYR A CE2 1 
ATOM   1402 C CZ  . TYR A 1 208 ? 0.389   -2.465  13.764  1.00 10.80 ? 200 TYR A CZ  1 
ATOM   1403 O OH  . TYR A 1 208 ? -0.965  -2.208  13.782  1.00 9.28  ? 200 TYR A OH  1 
ATOM   1404 N N   . ALA A 1 209 ? 5.041   -6.283  14.542  1.00 8.31  ? 201 ALA A N   1 
ATOM   1405 C CA  . ALA A 1 209 ? 4.547   -7.645  14.763  1.00 10.01 ? 201 ALA A CA  1 
ATOM   1406 C C   . ALA A 1 209 ? 4.699   -8.104  16.216  1.00 10.61 ? 201 ALA A C   1 
ATOM   1407 O O   . ALA A 1 209 ? 3.915   -8.926  16.701  1.00 10.17 ? 201 ALA A O   1 
ATOM   1408 C CB  . ALA A 1 209 ? 5.217   -8.618  13.813  1.00 9.96  ? 201 ALA A CB  1 
ATOM   1409 N N   . ASN A 1 210 ? 5.682   -7.555  16.924  1.00 8.58  ? 202 ASN A N   1 
ATOM   1410 C CA  . ASN A 1 210 ? 5.892   -7.939  18.313  1.00 9.07  ? 202 ASN A CA  1 
ATOM   1411 C C   . ASN A 1 210 ? 5.183   -7.038  19.319  1.00 11.41 ? 202 ASN A C   1 
ATOM   1412 O O   . ASN A 1 210 ? 5.286   -7.269  20.523  1.00 11.25 ? 202 ASN A O   1 
ATOM   1413 C CB  . ASN A 1 210 ? 7.386   -8.027  18.641  1.00 12.94 ? 202 ASN A CB  1 
ATOM   1414 C CG  . ASN A 1 210 ? 8.017   -9.285  18.094  1.00 17.09 ? 202 ASN A CG  1 
ATOM   1415 O OD1 . ASN A 1 210 ? 8.700   -9.261  17.068  1.00 22.08 ? 202 ASN A OD1 1 
ATOM   1416 N ND2 . ASN A 1 210 ? 7.769   -10.396 18.759  1.00 15.84 ? 202 ASN A ND2 1 
ATOM   1417 N N   . SER A 1 211 ? 4.458   -6.030  18.830  1.00 6.59  ? 203 SER A N   1 
ATOM   1418 C CA  . SER A 1 211 ? 3.848   -5.046  19.714  1.00 10.21 ? 203 SER A CA  1 
ATOM   1419 C C   . SER A 1 211 ? 2.484   -5.505  20.253  1.00 11.27 ? 203 SER A C   1 
ATOM   1420 O O   . SER A 1 211 ? 1.777   -6.276  19.605  1.00 8.36  ? 203 SER A O   1 
ATOM   1421 C CB  . SER A 1 211 ? 3.705   -3.701  18.994  1.00 8.85  ? 203 SER A CB  1 
ATOM   1422 O OG  . SER A 1 211 ? 2.659   -3.758  18.031  1.00 10.06 ? 203 SER A OG  1 
ATOM   1423 N N   . SER A 1 212 ? 2.130   -5.034  21.446  1.00 9.80  ? 204 SER A N   1 
ATOM   1424 C CA  . SER A 1 212 ? 0.799   -5.282  21.996  1.00 13.07 ? 204 SER A CA  1 
ATOM   1425 C C   . SER A 1 212 ? -0.284  -4.721  21.080  1.00 12.00 ? 204 SER A C   1 
ATOM   1426 O O   . SER A 1 212 ? -1.365  -5.294  20.965  1.00 11.29 ? 204 SER A O   1 
ATOM   1427 C CB  . SER A 1 212 ? 0.673   -4.645  23.376  1.00 12.98 ? 204 SER A CB  1 
ATOM   1428 O OG  . SER A 1 212 ? 1.643   -5.192  24.239  1.00 21.40 ? 204 SER A OG  1 
ATOM   1429 N N   . SER A 1 213 ? 0.002   -3.581  20.450  1.00 11.36 ? 205 SER A N   1 
ATOM   1430 C CA  . SER A 1 213 ? -0.931  -2.967  19.517  1.00 11.62 ? 205 SER A CA  1 
ATOM   1431 C C   . SER A 1 213 ? -1.311  -3.935  18.388  1.00 11.29 ? 205 SER A C   1 
ATOM   1432 O O   . SER A 1 213 ? -2.491  -4.246  18.182  1.00 12.40 ? 205 SER A O   1 
ATOM   1433 C CB  . SER A 1 213 ? -0.344  -1.666  18.939  1.00 8.89  ? 205 SER A CB  1 
ATOM   1434 O OG  . SER A 1 213 ? -1.294  -1.014  18.122  1.00 9.76  ? 205 SER A OG  1 
ATOM   1435 N N   . TRP A 1 214 ? -0.315  -4.407  17.654  1.00 10.34 ? 206 TRP A N   1 
ATOM   1436 C CA  . TRP A 1 214 ? -0.550  -5.380  16.592  1.00 9.86  ? 206 TRP A CA  1 
ATOM   1437 C C   . TRP A 1 214 ? -1.335  -6.569  17.122  1.00 12.13 ? 206 TRP A C   1 
ATOM   1438 O O   . TRP A 1 214 ? -2.360  -6.957  16.558  1.00 11.11 ? 206 TRP A O   1 
ATOM   1439 C CB  . TRP A 1 214 ? 0.788   -5.845  16.014  1.00 10.80 ? 206 TRP A CB  1 
ATOM   1440 C CG  . TRP A 1 214 ? 0.716   -7.046  15.092  1.00 8.63  ? 206 TRP A CG  1 
ATOM   1441 C CD1 . TRP A 1 214 ? 1.146   -8.315  15.360  1.00 14.20 ? 206 TRP A CD1 1 
ATOM   1442 C CD2 . TRP A 1 214 ? 0.219   -7.067  13.745  1.00 7.36  ? 206 TRP A CD2 1 
ATOM   1443 N NE1 . TRP A 1 214 ? 0.952   -9.128  14.256  1.00 9.86  ? 206 TRP A NE1 1 
ATOM   1444 C CE2 . TRP A 1 214 ? 0.378   -8.384  13.258  1.00 14.02 ? 206 TRP A CE2 1 
ATOM   1445 C CE3 . TRP A 1 214 ? -0.346  -6.096  12.900  1.00 9.17  ? 206 TRP A CE3 1 
ATOM   1446 C CZ2 . TRP A 1 214 ? -0.018  -8.760  11.966  1.00 14.48 ? 206 TRP A CZ2 1 
ATOM   1447 C CZ3 . TRP A 1 214 ? -0.731  -6.472  11.618  1.00 11.48 ? 206 TRP A CZ3 1 
ATOM   1448 C CH2 . TRP A 1 214 ? -0.565  -7.797  11.167  1.00 10.89 ? 206 TRP A CH2 1 
ATOM   1449 N N   . LYS A 1 215 ? -0.857  -7.129  18.231  1.00 12.68 ? 207 LYS A N   1 
ATOM   1450 C CA  . LYS A 1 215 ? -1.433  -8.347  18.795  1.00 14.80 ? 207 LYS A CA  1 
ATOM   1451 C C   . LYS A 1 215 ? -2.886  -8.189  19.217  1.00 15.58 ? 207 LYS A C   1 
ATOM   1452 O O   . LYS A 1 215 ? -3.635  -9.162  19.200  1.00 14.70 ? 207 LYS A O   1 
ATOM   1453 C CB  . LYS A 1 215 ? -0.582  -8.854  19.962  1.00 14.86 ? 207 LYS A CB  1 
ATOM   1454 C CG  . LYS A 1 215 ? 0.745   -9.465  19.514  1.00 19.86 ? 207 LYS A CG  1 
ATOM   1455 C CD  . LYS A 1 215 ? 1.696   -9.578  20.691  1.00 25.07 ? 207 LYS A CD  1 
ATOM   1456 C CE  . LYS A 1 215 ? 2.975   -10.295 20.306  1.00 26.08 ? 207 LYS A CE  1 
ATOM   1457 N NZ  . LYS A 1 215 ? 3.971   -10.157 21.399  1.00 23.04 ? 207 LYS A NZ  1 
ATOM   1458 N N   . SER A 1 216 ? -3.289  -6.970  19.581  1.00 15.90 ? 208 SER A N   1 
ATOM   1459 C CA  . SER A 1 216 ? -4.686  -6.713  19.928  1.00 15.77 ? 208 SER A CA  1 
ATOM   1460 C C   . SER A 1 216 ? -5.593  -6.411  18.723  1.00 15.84 ? 208 SER A C   1 
ATOM   1461 O O   . SER A 1 216 ? -6.801  -6.293  18.884  1.00 14.10 ? 208 SER A O   1 
ATOM   1462 C CB  . SER A 1 216 ? -4.808  -5.606  20.979  1.00 17.60 ? 208 SER A CB  1 
ATOM   1463 O OG  . SER A 1 216 ? -4.355  -4.374  20.456  1.00 14.68 ? 208 SER A OG  1 
ATOM   1464 N N   . LYS A 1 217 ? -5.024  -6.298  17.522  1.00 13.10 ? 209 LYS A N   1 
ATOM   1465 C CA  . LYS A 1 217 ? -5.840  -6.128  16.314  1.00 12.93 ? 209 LYS A CA  1 
ATOM   1466 C C   . LYS A 1 217 ? -6.494  -7.456  15.918  1.00 15.17 ? 209 LYS A C   1 
ATOM   1467 O O   . LYS A 1 217 ? -5.876  -8.524  16.015  1.00 12.69 ? 209 LYS A O   1 
ATOM   1468 C CB  . LYS A 1 217 ? -5.016  -5.567  15.148  1.00 13.26 ? 209 LYS A CB  1 
ATOM   1469 C CG  . LYS A 1 217 ? -4.389  -4.201  15.452  1.00 10.04 ? 209 LYS A CG  1 
ATOM   1470 C CD  . LYS A 1 217 ? -5.483  -3.134  15.724  1.00 11.25 ? 209 LYS A CD  1 
ATOM   1471 C CE  . LYS A 1 217 ? -4.969  -1.995  16.610  1.00 11.24 ? 209 LYS A CE  1 
ATOM   1472 N NZ  . LYS A 1 217 ? -4.798  -2.432  18.036  1.00 11.03 ? 209 LYS A NZ  1 
ATOM   1473 N N   . ARG A 1 218 ? -7.745  -7.389  15.472  1.00 13.78 ? 210 ARG A N   1 
ATOM   1474 C CA  . ARG A 1 218 ? -8.482  -8.604  15.141  1.00 16.85 ? 210 ARG A CA  1 
ATOM   1475 C C   . ARG A 1 218 ? -7.856  -9.364  13.980  1.00 17.33 ? 210 ARG A C   1 
ATOM   1476 O O   . ARG A 1 218 ? -7.643  -8.814  12.897  1.00 15.42 ? 210 ARG A O   1 
ATOM   1477 C CB  . ARG A 1 218 ? -9.943  -8.297  14.825  1.00 14.46 ? 210 ARG A CB  1 
ATOM   1478 C CG  . ARG A 1 218 ? -10.728 -9.542  14.395  1.00 19.84 ? 210 ARG A CG  1 
ATOM   1479 C CD  . ARG A 1 218 ? -12.227 -9.315  14.494  1.00 20.65 ? 210 ARG A CD  1 
ATOM   1480 N NE  . ARG A 1 218 ? -12.992 -10.531 14.240  1.00 25.85 ? 210 ARG A NE  1 
ATOM   1481 C CZ  . ARG A 1 218 ? -13.163 -11.073 13.035  1.00 35.41 ? 210 ARG A CZ  1 
ATOM   1482 N NH1 . ARG A 1 218 ? -12.614 -10.520 11.956  1.00 33.67 ? 210 ARG A NH1 1 
ATOM   1483 N NH2 . ARG A 1 218 ? -13.883 -12.178 12.910  1.00 32.16 ? 210 ARG A NH2 1 
ATOM   1484 N N   . LEU A 1 219 ? -7.573  -10.639 14.214  1.00 15.18 ? 211 LEU A N   1 
ATOM   1485 C CA  . LEU A 1 219 ? -6.982  -11.475 13.195  1.00 19.89 ? 211 LEU A CA  1 
ATOM   1486 C C   . LEU A 1 219 ? -8.060  -11.868 12.189  1.00 23.12 ? 211 LEU A C   1 
ATOM   1487 O O   . LEU A 1 219 ? -9.131  -12.361 12.559  1.00 23.46 ? 211 LEU A O   1 
ATOM   1488 C CB  . LEU A 1 219 ? -6.316  -12.697 13.836  1.00 19.80 ? 211 LEU A CB  1 
ATOM   1489 C CG  . LEU A 1 219 ? -5.372  -13.549 12.994  1.00 24.45 ? 211 LEU A CG  1 
ATOM   1490 C CD1 . LEU A 1 219 ? -4.346  -12.703 12.252  1.00 22.90 ? 211 LEU A CD1 1 
ATOM   1491 C CD2 . LEU A 1 219 ? -4.675  -14.567 13.892  1.00 29.94 ? 211 LEU A CD2 1 
ATOM   1492 N N   . CYS A 1 220 ? -7.763  -11.603 10.922  1.00 25.89 ? 212 CYS A N   1 
ATOM   1493 C CA  . CYS A 1 220 ? -8.688  -11.735 9.797   1.00 30.95 ? 212 CYS A CA  1 
ATOM   1494 C C   . CYS A 1 220 ? -9.661  -10.563 9.638   1.00 30.44 ? 212 CYS A C   1 
ATOM   1495 O O   . CYS A 1 220 ? -9.252  -9.460  9.265   1.00 26.44 ? 212 CYS A O   1 
ATOM   1496 C CB  . CYS A 1 220 ? -9.398  -13.082 9.814   1.00 33.27 ? 212 CYS A CB  1 
ATOM   1497 S SG  . CYS A 1 220 ? -8.325  -14.373 9.164   1.00 47.07 ? 212 CYS A SG  1 
HETATM 1498 O O   . HOH B 2 .   ? -7.997  -2.113  -12.355 1.00 8.23  ? 213 HOH A O   1 
HETATM 1499 O O   . HOH B 2 .   ? 15.403  -3.965  5.837   1.00 10.39 ? 214 HOH A O   1 
HETATM 1500 O O   . HOH B 2 .   ? -2.382  -1.173  -9.551  1.00 8.13  ? 215 HOH A O   1 
HETATM 1501 O O   . HOH B 2 .   ? -8.820  -14.463 -22.345 1.00 9.63  ? 216 HOH A O   1 
HETATM 1502 O O   . HOH B 2 .   ? -1.820  2.456   16.055  1.00 7.50  ? 217 HOH A O   1 
HETATM 1503 O O   . HOH B 2 .   ? 10.991  8.018   -3.885  1.00 10.82 ? 218 HOH A O   1 
HETATM 1504 O O   . HOH B 2 .   ? 16.723  -4.240  15.660  1.00 9.36  ? 219 HOH A O   1 
HETATM 1505 O O   . HOH B 2 .   ? -8.933  -2.185  14.755  1.00 10.40 ? 220 HOH A O   1 
HETATM 1506 O O   . HOH B 2 .   ? -8.753  5.307   -9.396  1.00 8.97  ? 221 HOH A O   1 
HETATM 1507 O O   . HOH B 2 .   ? 8.397   2.580   13.323  1.00 9.94  ? 222 HOH A O   1 
HETATM 1508 O O   . HOH B 2 .   ? 10.558  0.233   14.962  1.00 9.30  ? 223 HOH A O   1 
HETATM 1509 O O   . HOH B 2 .   ? -4.984  -1.189  -10.253 1.00 11.39 ? 224 HOH A O   1 
HETATM 1510 O O   . HOH B 2 .   ? 0.799   1.822   22.884  1.00 13.36 ? 225 HOH A O   1 
HETATM 1511 O O   . HOH B 2 .   ? 15.985  -4.452  9.015   1.00 11.59 ? 226 HOH A O   1 
HETATM 1512 O O   . HOH B 2 .   ? -6.530  5.194   -24.348 1.00 14.14 ? 227 HOH A O   1 
HETATM 1513 O O   . HOH B 2 .   ? 8.004   -0.275  13.845  1.00 10.43 ? 228 HOH A O   1 
HETATM 1514 O O   . HOH B 2 .   ? 14.199  9.578   5.681   1.00 14.88 ? 229 HOH A O   1 
HETATM 1515 O O   . HOH B 2 .   ? -3.090  -0.058  1.400   1.00 11.54 ? 230 HOH A O   1 
HETATM 1516 O O   . HOH B 2 .   ? -1.110  10.188  19.699  1.00 11.56 ? 231 HOH A O   1 
HETATM 1517 O O   . HOH B 2 .   ? -2.400  -7.253  8.173   1.00 7.14  ? 232 HOH A O   1 
HETATM 1518 O O   . HOH B 2 .   ? 10.058  4.974   11.339  1.00 14.09 ? 233 HOH A O   1 
HETATM 1519 O O   . HOH B 2 .   ? 10.334  -5.684  2.598   1.00 9.89  ? 234 HOH A O   1 
HETATM 1520 O O   . HOH B 2 .   ? -0.101  -12.626 5.782   1.00 11.69 ? 235 HOH A O   1 
HETATM 1521 O O   . HOH B 2 .   ? -8.019  -6.779  -17.180 1.00 12.17 ? 236 HOH A O   1 
HETATM 1522 O O   . HOH B 2 .   ? 7.493   -4.667  19.655  1.00 11.30 ? 237 HOH A O   1 
HETATM 1523 O O   . HOH B 2 .   ? -11.560 -2.700  14.133  1.00 16.14 ? 238 HOH A O   1 
HETATM 1524 O O   . HOH B 2 .   ? -6.084  8.895   -8.178  1.00 14.31 ? 239 HOH A O   1 
HETATM 1525 O O   . HOH B 2 .   ? -2.974  4.792   23.321  1.00 12.36 ? 240 HOH A O   1 
HETATM 1526 O O   . HOH B 2 .   ? 1.230   -5.506  -11.362 1.00 27.82 ? 241 HOH A O   1 
HETATM 1527 O O   . HOH B 2 .   ? 1.678   14.661  -14.771 1.00 11.25 ? 242 HOH A O   1 
HETATM 1528 O O   . HOH B 2 .   ? -10.016 7.801   -22.457 1.00 12.79 ? 243 HOH A O   1 
HETATM 1529 O O   . HOH B 2 .   ? -5.767  7.577   18.563  1.00 15.63 ? 244 HOH A O   1 
HETATM 1530 O O   . HOH B 2 .   ? 13.768  16.256  -2.447  1.00 20.23 ? 245 HOH A O   1 
HETATM 1531 O O   . HOH B 2 .   ? 6.443   -11.480 1.021   1.00 9.74  ? 246 HOH A O   1 
HETATM 1532 O O   . HOH B 2 .   ? 10.139  -1.327  2.753   1.00 14.63 ? 247 HOH A O   1 
HETATM 1533 O O   . HOH B 2 .   ? -4.066  12.857  -11.109 1.00 18.98 ? 248 HOH A O   1 
HETATM 1534 O O   . HOH B 2 .   ? -9.786  -1.154  10.435  1.00 19.22 ? 249 HOH A O   1 
HETATM 1535 O O   . HOH B 2 .   ? 10.212  -7.959  9.288   1.00 17.78 ? 250 HOH A O   1 
HETATM 1536 O O   . HOH B 2 .   ? -7.610  -3.229  18.515  1.00 18.70 ? 251 HOH A O   1 
HETATM 1537 O O   . HOH B 2 .   ? 4.549   16.920  -14.019 1.00 19.35 ? 252 HOH A O   1 
HETATM 1538 O O   . HOH B 2 .   ? -11.363 -3.276  -6.546  1.00 18.75 ? 253 HOH A O   1 
HETATM 1539 O O   . HOH B 2 .   ? 7.384   16.147  -5.201  1.00 17.55 ? 254 HOH A O   1 
HETATM 1540 O O   . HOH B 2 .   ? -2.256  19.063  -14.969 1.00 22.79 ? 255 HOH A O   1 
HETATM 1541 O O   . HOH B 2 .   ? -6.062  5.108   -10.314 1.00 15.36 ? 256 HOH A O   1 
HETATM 1542 O O   . HOH B 2 .   ? -0.612  4.413   -21.291 1.00 17.16 ? 257 HOH A O   1 
HETATM 1543 O O   . HOH B 2 .   ? 11.809  -7.729  3.332   1.00 11.06 ? 258 HOH A O   1 
HETATM 1544 O O   . HOH B 2 .   ? 19.641  -1.017  13.275  1.00 12.53 ? 259 HOH A O   1 
HETATM 1545 O O   . HOH B 2 .   ? -1.860  -0.274  15.595  1.00 10.00 ? 260 HOH A O   1 
HETATM 1546 O O   . HOH B 2 .   ? 14.280  2.921   9.630   1.00 14.05 ? 261 HOH A O   1 
HETATM 1547 O O   . HOH B 2 .   ? 5.928   15.050  -20.761 1.00 20.03 ? 262 HOH A O   1 
HETATM 1548 O O   . HOH B 2 .   ? 11.832  11.643  -15.271 1.00 20.64 ? 263 HOH A O   1 
HETATM 1549 O O   . HOH B 2 .   ? -8.790  0.062   -8.483  1.00 20.10 ? 264 HOH A O   1 
HETATM 1550 O O   . HOH B 2 .   ? 5.245   3.267   16.595  1.00 17.32 ? 265 HOH A O   1 
HETATM 1551 O O   . HOH B 2 .   ? 1.892   1.627   -19.069 1.00 12.59 ? 266 HOH A O   1 
HETATM 1552 O O   . HOH B 2 .   ? -2.085  -6.905  22.820  1.00 17.90 ? 267 HOH A O   1 
HETATM 1553 O O   . HOH B 2 .   ? -15.075 7.677   -14.364 1.00 15.50 ? 268 HOH A O   1 
HETATM 1554 O O   . HOH B 2 .   ? -8.513  8.011   -8.167  1.00 19.67 ? 269 HOH A O   1 
HETATM 1555 O O   . HOH B 2 .   ? 11.452  -4.270  4.621   1.00 12.21 ? 270 HOH A O   1 
HETATM 1556 O O   . HOH B 2 .   ? 13.007  11.076  10.512  1.00 14.53 ? 271 HOH A O   1 
HETATM 1557 O O   . HOH B 2 .   ? -5.535  9.751   3.176   1.00 27.49 ? 272 HOH A O   1 
HETATM 1558 O O   . HOH B 2 .   ? 1.214   0.017   -15.405 1.00 14.57 ? 273 HOH A O   1 
HETATM 1559 O O   . HOH B 2 .   ? 15.571  -7.550  0.205   1.00 15.79 ? 274 HOH A O   1 
HETATM 1560 O O   . HOH B 2 .   ? 1.938   8.386   -21.057 1.00 14.47 ? 275 HOH A O   1 
HETATM 1561 O O   . HOH B 2 .   ? 13.342  12.849  -3.639  1.00 28.06 ? 276 HOH A O   1 
HETATM 1562 O O   . HOH B 2 .   ? -12.545 -10.259 1.711   1.00 19.48 ? 277 HOH A O   1 
HETATM 1563 O O   . HOH B 2 .   ? -10.535 8.309   -15.930 1.00 17.59 ? 278 HOH A O   1 
HETATM 1564 O O   . HOH B 2 .   ? -4.355  2.132   1.811   1.00 15.77 ? 279 HOH A O   1 
HETATM 1565 O O   . HOH B 2 .   ? 14.228  10.997  8.198   1.00 16.96 ? 280 HOH A O   1 
HETATM 1566 O O   . HOH B 2 .   ? 3.608   16.272  -5.596  1.00 25.93 ? 281 HOH A O   1 
HETATM 1567 O O   . HOH B 2 .   ? -6.355  1.117   -9.713  1.00 17.70 ? 282 HOH A O   1 
HETATM 1568 O O   . HOH B 2 .   ? -0.850  -6.713  -10.405 1.00 18.45 ? 283 HOH A O   1 
HETATM 1569 O O   . HOH B 2 .   ? -1.302  -6.303  -17.651 1.00 21.28 ? 284 HOH A O   1 
HETATM 1570 O O   . HOH B 2 .   ? -8.841  -14.457 -7.545  1.00 29.24 ? 285 HOH A O   1 
HETATM 1571 O O   . HOH B 2 .   ? -5.707  4.416   -13.171 1.00 22.90 ? 286 HOH A O   1 
HETATM 1572 O O   . HOH B 2 .   ? -11.493 8.691   -5.145  1.00 23.32 ? 287 HOH A O   1 
HETATM 1573 O O   . HOH B 2 .   ? -1.779  -9.918  -15.479 1.00 18.65 ? 288 HOH A O   1 
HETATM 1574 O O   . HOH B 2 .   ? 7.021   -1.456  -14.566 1.00 26.02 ? 289 HOH A O   1 
HETATM 1575 O O   . HOH B 2 .   ? -12.377 -7.753  9.570   1.00 18.41 ? 290 HOH A O   1 
HETATM 1576 O O   . HOH B 2 .   ? 12.879  2.901   -4.288  1.00 20.85 ? 291 HOH A O   1 
HETATM 1577 O O   . HOH B 2 .   ? 15.125  -9.126  3.827   1.00 21.69 ? 292 HOH A O   1 
HETATM 1578 O O   . HOH B 2 .   ? 2.581   -12.424 0.172   1.00 14.98 ? 293 HOH A O   1 
HETATM 1579 O O   . HOH B 2 .   ? -7.135  12.856  -15.454 1.00 22.48 ? 294 HOH A O   1 
HETATM 1580 O O   . HOH B 2 .   ? 4.349   -3.896  23.038  1.00 19.93 ? 295 HOH A O   1 
HETATM 1581 O O   . HOH B 2 .   ? -4.631  -13.983 8.282   1.00 21.78 ? 296 HOH A O   1 
HETATM 1582 O O   . HOH B 2 .   ? -4.663  15.334  -15.422 1.00 22.49 ? 297 HOH A O   1 
HETATM 1583 O O   . HOH B 2 .   ? 14.858  -6.125  -7.462  1.00 16.94 ? 298 HOH A O   1 
HETATM 1584 O O   . HOH B 2 .   ? 5.256   -3.972  -12.293 1.00 19.51 ? 299 HOH A O   1 
HETATM 1585 O O   . HOH B 2 .   ? -5.087  8.562   -22.890 1.00 18.20 ? 300 HOH A O   1 
HETATM 1586 O O   . HOH B 2 .   ? -1.480  -14.942 5.164   1.00 15.61 ? 301 HOH A O   1 
HETATM 1587 O O   . HOH B 2 .   ? -6.477  6.686   21.294  1.00 25.25 ? 302 HOH A O   1 
HETATM 1588 O O   . HOH B 2 .   ? -9.044  -4.951  15.554  1.00 17.25 ? 303 HOH A O   1 
HETATM 1589 O O   . HOH B 2 .   ? -7.962  -8.865  -18.803 1.00 19.03 ? 304 HOH A O   1 
HETATM 1590 O O   . HOH B 2 .   ? -16.978 2.880   -10.762 1.00 21.91 ? 305 HOH A O   1 
HETATM 1591 O O   . HOH B 2 .   ? -13.537 9.659   -13.098 1.00 15.80 ? 306 HOH A O   1 
HETATM 1592 O O   . HOH B 2 .   ? -13.583 -5.915  15.136  1.00 22.17 ? 307 HOH A O   1 
HETATM 1593 O O   . HOH B 2 .   ? 10.799  11.400  -11.540 1.00 24.01 ? 308 HOH A O   1 
HETATM 1594 O O   . HOH B 2 .   ? -0.278  -1.045  22.954  1.00 24.01 ? 309 HOH A O   1 
HETATM 1595 O O   . HOH B 2 .   ? -13.655 9.087   -4.486  1.00 16.98 ? 310 HOH A O   1 
HETATM 1596 O O   . HOH B 2 .   ? 7.929   3.689   16.134  1.00 22.28 ? 311 HOH A O   1 
HETATM 1597 O O   . HOH B 2 .   ? -6.566  -9.911  18.272  1.00 22.24 ? 312 HOH A O   1 
HETATM 1598 O O   . HOH B 2 .   ? 12.069  11.617  14.449  1.00 16.83 ? 313 HOH A O   1 
HETATM 1599 O O   . HOH B 2 .   ? -7.762  10.184  -21.163 1.00 24.42 ? 314 HOH A O   1 
HETATM 1600 O O   . HOH B 2 .   ? -8.466  -11.727 -4.166  1.00 18.43 ? 315 HOH A O   1 
HETATM 1601 O O   . HOH B 2 .   ? 6.383   7.076   -18.334 1.00 18.90 ? 316 HOH A O   1 
HETATM 1602 O O   . HOH B 2 .   ? 7.904   8.129   17.688  1.00 22.21 ? 317 HOH A O   1 
HETATM 1603 O O   . HOH B 2 .   ? 11.537  -9.936  17.332  1.00 21.19 ? 318 HOH A O   1 
HETATM 1604 O O   . HOH B 2 .   ? 8.505   15.416  -13.997 1.00 22.45 ? 319 HOH A O   1 
HETATM 1605 O O   . HOH B 2 .   ? -8.371  -11.888 16.786  1.00 22.98 ? 320 HOH A O   1 
HETATM 1606 O O   . HOH B 2 .   ? -9.264  -0.155  21.003  1.00 29.03 ? 321 HOH A O   1 
HETATM 1607 O O   . HOH B 2 .   ? -0.892  -12.224 12.795  1.00 33.19 ? 322 HOH A O   1 
HETATM 1608 O O   . HOH B 2 .   ? -2.428  -2.166  22.783  1.00 35.74 ? 323 HOH A O   1 
HETATM 1609 O O   . HOH B 2 .   ? 6.323   10.515  -19.948 1.00 25.13 ? 324 HOH A O   1 
HETATM 1610 O O   . HOH B 2 .   ? 0.637   -10.551 -14.011 1.00 30.87 ? 325 HOH A O   1 
HETATM 1611 O O   . HOH B 2 .   ? 6.459   4.062   -17.923 1.00 23.14 ? 326 HOH A O   1 
HETATM 1612 O O   . HOH B 2 .   ? -1.770  12.931  -5.623  1.00 25.04 ? 327 HOH A O   1 
HETATM 1613 O O   . HOH B 2 .   ? 2.628   -4.250  -13.483 1.00 26.14 ? 328 HOH A O   1 
HETATM 1614 O O   . HOH B 2 .   ? 11.064  1.115   17.609  1.00 18.62 ? 329 HOH A O   1 
HETATM 1615 O O   . HOH B 2 .   ? 6.884   -6.003  -14.235 1.00 25.99 ? 330 HOH A O   1 
HETATM 1616 O O   . HOH B 2 .   ? -7.150  9.176   15.181  1.00 28.09 ? 331 HOH A O   1 
HETATM 1617 O O   . HOH B 2 .   ? -12.680 11.938  6.348   1.00 32.69 ? 332 HOH A O   1 
HETATM 1618 O O   . HOH B 2 .   ? 11.936  7.275   -13.374 1.00 17.06 ? 333 HOH A O   1 
HETATM 1619 O O   . HOH B 2 .   ? 9.821   -12.065 19.677  1.00 27.92 ? 334 HOH A O   1 
HETATM 1620 O O   . HOH B 2 .   ? 5.196   -14.260 10.041  1.00 31.92 ? 335 HOH A O   1 
HETATM 1621 O O   . HOH B 2 .   ? -10.403 9.699   2.063   1.00 31.99 ? 336 HOH A O   1 
HETATM 1622 O O   . HOH B 2 .   ? -7.258  -17.897 2.458   1.00 37.03 ? 337 HOH A O   1 
HETATM 1623 O O   . HOH B 2 .   ? 12.261  10.271  -2.433  1.00 29.91 ? 338 HOH A O   1 
HETATM 1624 O O   . HOH B 2 .   ? -12.362 5.299   16.526  1.00 19.66 ? 339 HOH A O   1 
# 
